data_1XLS
#
_entry.id   1XLS
#
_cell.length_a   68.271
_cell.length_b   88.381
_cell.length_c   105.494
_cell.angle_alpha   79.02
_cell.angle_beta   85.81
_cell.angle_gamma   67.22
#
_symmetry.space_group_name_H-M   'P 1'
#
loop_
_entity.id
_entity.type
_entity.pdbx_description
1 polymer 'Retinoic acid receptor RXR-alpha'
2 polymer 'Orphan nuclear receptor NR1I3'
3 polymer 'Nuclear receptor coactivator 2'
4 non-polymer '(9cis)-retinoic acid'
5 non-polymer 3,5-DICHLORO-2-{4-[(3,5-DICHLOROPYRIDIN-2-YL)OXY]PHENOXY}PYRIDINE
6 water water
#
loop_
_entity_poly.entity_id
_entity_poly.type
_entity_poly.pdbx_seq_one_letter_code
_entity_poly.pdbx_strand_id
1 'polypeptide(L)'
;NEDMPVERILEAELAVEPKTETYVEANMGLNPSSPNDPVTNICQAADKQLFTLVEWAKRIPHFSELPLDDQVILLRAGWN
ELLIASFSHRSIAVKDGILLATGLHVHRNSAHSAGVGAIFDRVLTELVSKMRDMQMDKTELGCLRAIVLFNPDSKGLSNP
AEVEALREKVYASLEAYCKHKYPEQPGRFAKLLLRLPALRSIGLKCLEHLFFFKLIGDTPIDTFLMEMLEAP
;
A,B,C,D
2 'polypeptide(L)'
;NQQQKELVQILLGAHTRHVGPLFDQFVQFRPPAYLFMHHRPFQPRGPVLPLLTHFADINTFMVQQIIKFTKDLPLFRSLT
MEDQISLLKGAAVEILHISLNTTFCLQTENFFCGPLCYKMEDAVHAGFQYEFLESILHFHKNLKGLHLQEPEYVLMAATA
LFSPDRPGVTQREEIDQLQEEMALILNNHIMEQQSRLQSRFLYAKLMGLLADLRSINNAYSYELQRLEELSAMTPLLGEI
CS
;
E,F,G,H
3 'polypeptide(L)' AKENALLRYLLDKDDTKD I,J,K,L,M,N,O,P
#
loop_
_chem_comp.id
_chem_comp.type
_chem_comp.name
_chem_comp.formula
9CR non-polymer '(9cis)-retinoic acid' 'C20 H28 O2'
TCD non-polymer 3,5-DICHLORO-2-{4-[(3,5-DICHLOROPYRIDIN-2-YL)OXY]PHENOXY}PYRIDINE 'C16 H8 Cl4 N2 O2'
#
# COMPACT_ATOMS: atom_id res chain seq x y z
N ASN A 1 -8.83 12.75 -8.49
CA ASN A 1 -7.68 11.81 -8.44
C ASN A 1 -7.44 11.33 -7.00
N GLU A 2 -6.45 11.90 -6.33
CA GLU A 2 -6.12 11.53 -4.96
C GLU A 2 -7.19 11.95 -3.95
N ASP A 3 -8.45 11.62 -4.25
CA ASP A 3 -9.58 11.97 -3.37
C ASP A 3 -9.82 13.47 -3.30
N MET A 4 -8.73 14.24 -3.19
CA MET A 4 -8.82 15.70 -3.13
C MET A 4 -8.07 16.33 -4.28
N PRO A 5 -8.47 15.99 -5.51
CA PRO A 5 -7.80 16.54 -6.69
C PRO A 5 -7.70 18.06 -6.68
N VAL A 6 -6.49 18.56 -6.46
CA VAL A 6 -6.23 19.99 -6.46
C VAL A 6 -6.82 20.59 -7.74
N GLU A 7 -7.05 19.71 -8.71
CA GLU A 7 -7.58 20.12 -9.98
C GLU A 7 -9.06 20.48 -9.88
N ARG A 8 -9.78 19.85 -8.97
CA ARG A 8 -11.18 20.16 -8.86
C ARG A 8 -11.40 21.39 -7.97
N ILE A 9 -10.53 21.61 -7.00
CA ILE A 9 -10.66 22.74 -6.11
C ILE A 9 -10.57 24.09 -6.83
N LEU A 10 -9.58 24.21 -7.72
CA LEU A 10 -9.38 25.45 -8.47
C LEU A 10 -10.53 25.72 -9.44
N GLU A 11 -11.26 24.66 -9.80
CA GLU A 11 -12.39 24.82 -10.69
C GLU A 11 -13.56 25.33 -9.89
N ALA A 12 -13.72 24.84 -8.66
CA ALA A 12 -14.80 25.26 -7.78
C ALA A 12 -14.64 26.73 -7.51
N GLU A 13 -13.39 27.16 -7.39
CA GLU A 13 -13.08 28.56 -7.16
C GLU A 13 -13.37 29.38 -8.42
N LEU A 14 -13.10 28.80 -9.58
CA LEU A 14 -13.32 29.48 -10.85
C LEU A 14 -14.76 29.43 -11.37
N ALA A 15 -15.63 28.71 -10.70
CA ALA A 15 -17.02 28.63 -11.15
C ALA A 15 -17.81 29.78 -10.56
N VAL A 16 -17.41 30.20 -9.38
CA VAL A 16 -18.07 31.28 -8.67
C VAL A 16 -17.10 32.39 -8.29
N GLU A 17 -16.30 32.84 -9.24
CA GLU A 17 -15.31 33.89 -8.97
C GLU A 17 -15.84 35.13 -8.24
N PRO A 18 -16.98 35.70 -8.68
CA PRO A 18 -17.90 35.36 -9.80
C PRO A 18 -17.20 35.11 -11.13
N LYS A 19 -16.58 36.16 -11.66
CA LYS A 19 -15.88 36.04 -12.93
C LYS A 19 -16.14 37.21 -13.87
N THR A 20 -17.42 37.43 -14.19
CA THR A 20 -17.78 38.52 -15.07
C THR A 20 -19.21 38.96 -14.86
N GLU A 21 -19.46 40.25 -15.03
CA GLU A 21 -20.80 40.79 -14.87
C GLU A 21 -21.11 41.32 -13.47
N THR A 22 -20.74 40.54 -12.45
CA THR A 22 -21.00 40.93 -11.07
C THR A 22 -20.47 42.31 -10.69
N TYR A 23 -19.42 42.75 -11.38
CA TYR A 23 -18.85 44.06 -11.11
C TYR A 23 -19.15 45.13 -12.14
N VAL A 24 -20.17 44.90 -12.95
CA VAL A 24 -20.56 45.86 -13.97
C VAL A 24 -21.72 46.74 -13.53
N GLU A 25 -22.46 46.27 -12.53
CA GLU A 25 -23.60 47.01 -12.03
C GLU A 25 -23.26 47.82 -10.78
N ALA A 26 -22.10 47.54 -10.19
CA ALA A 26 -21.66 48.27 -9.01
C ALA A 26 -20.62 49.29 -9.39
N ASN A 27 -19.76 48.92 -10.34
CA ASN A 27 -18.72 49.82 -10.81
C ASN A 27 -19.10 50.44 -12.14
N MET A 28 -20.41 50.44 -12.41
CA MET A 28 -20.93 51.01 -13.64
C MET A 28 -22.29 51.69 -13.43
N GLY A 29 -22.56 52.11 -12.19
CA GLY A 29 -23.81 52.77 -11.89
C GLY A 29 -24.91 51.79 -11.50
N LEU A 30 -25.85 52.25 -10.68
CA LEU A 30 -26.95 51.40 -10.26
C LEU A 30 -27.39 51.61 -8.82
N ASN A 31 -27.91 50.55 -8.20
CA ASN A 31 -28.38 50.64 -6.83
C ASN A 31 -29.81 51.15 -6.76
N PRO A 32 -30.78 50.23 -6.78
CA PRO A 32 -32.18 50.63 -6.71
C PRO A 32 -32.54 51.40 -5.46
N SER A 33 -32.88 52.68 -5.62
CA SER A 33 -33.25 53.49 -4.47
C SER A 33 -32.05 54.22 -3.87
N SER A 34 -31.06 53.45 -3.44
CA SER A 34 -29.86 54.05 -2.85
C SER A 34 -29.12 53.17 -1.85
N PRO A 35 -27.80 53.30 -1.82
CA PRO A 35 -26.99 52.51 -0.91
C PRO A 35 -25.61 53.13 -0.71
N ASN A 36 -25.42 53.78 0.44
CA ASN A 36 -24.14 54.42 0.72
C ASN A 36 -23.54 53.98 2.04
N ASP A 37 -24.27 53.15 2.79
CA ASP A 37 -23.77 52.67 4.06
C ASP A 37 -22.82 51.50 3.83
N PRO A 38 -21.51 51.71 3.99
CA PRO A 38 -20.52 50.65 3.81
C PRO A 38 -20.99 49.32 4.40
N VAL A 39 -21.51 49.40 5.63
CA VAL A 39 -21.99 48.24 6.36
C VAL A 39 -23.12 47.54 5.64
N THR A 40 -24.05 48.33 5.12
CA THR A 40 -25.18 47.76 4.40
C THR A 40 -24.71 47.13 3.10
N ASN A 41 -23.91 47.87 2.34
CA ASN A 41 -23.40 47.35 1.07
C ASN A 41 -22.69 46.04 1.33
N ILE A 42 -21.85 46.03 2.35
CA ILE A 42 -21.11 44.82 2.71
C ILE A 42 -22.12 43.72 3.05
N CYS A 43 -23.18 44.07 3.75
CA CYS A 43 -24.18 43.09 4.11
C CYS A 43 -24.99 42.54 2.93
N GLN A 44 -25.27 43.37 1.94
CA GLN A 44 -26.01 42.92 0.76
C GLN A 44 -25.11 42.00 -0.04
N ALA A 45 -23.83 42.33 -0.05
CA ALA A 45 -22.85 41.54 -0.77
C ALA A 45 -22.78 40.17 -0.10
N ALA A 46 -22.56 40.16 1.20
CA ALA A 46 -22.45 38.92 1.93
C ALA A 46 -23.66 38.01 1.70
N ASP A 47 -24.83 38.60 1.60
CA ASP A 47 -26.02 37.80 1.36
C ASP A 47 -25.93 37.22 -0.04
N LYS A 48 -25.47 38.02 -0.98
CA LYS A 48 -25.32 37.59 -2.38
C LYS A 48 -24.40 36.39 -2.53
N GLN A 49 -23.17 36.53 -1.99
CA GLN A 49 -22.15 35.49 -2.05
C GLN A 49 -22.44 34.29 -1.17
N LEU A 50 -23.41 34.44 -0.28
CA LEU A 50 -23.79 33.34 0.59
C LEU A 50 -24.40 32.24 -0.29
N PHE A 51 -24.95 32.63 -1.43
CA PHE A 51 -25.54 31.68 -2.37
C PHE A 51 -24.43 31.06 -3.17
N THR A 52 -23.56 31.88 -3.74
CA THR A 52 -22.47 31.34 -4.55
C THR A 52 -21.66 30.40 -3.66
N LEU A 53 -21.64 30.70 -2.35
CA LEU A 53 -20.91 29.86 -1.41
C LEU A 53 -21.48 28.47 -1.41
N VAL A 54 -22.79 28.35 -1.48
CA VAL A 54 -23.39 27.01 -1.51
C VAL A 54 -22.95 26.30 -2.79
N GLU A 55 -22.98 26.99 -3.92
CA GLU A 55 -22.53 26.42 -5.19
C GLU A 55 -21.13 25.86 -4.96
N TRP A 56 -20.25 26.74 -4.51
CA TRP A 56 -18.86 26.40 -4.27
C TRP A 56 -18.70 25.10 -3.53
N ALA A 57 -19.02 25.12 -2.24
CA ALA A 57 -18.92 23.93 -1.39
C ALA A 57 -19.29 22.68 -2.17
N LYS A 58 -20.42 22.72 -2.87
CA LYS A 58 -20.88 21.57 -3.63
C LYS A 58 -19.88 21.04 -4.64
N ARG A 59 -19.06 21.91 -5.21
CA ARG A 59 -18.06 21.47 -6.17
C ARG A 59 -16.78 21.00 -5.49
N ILE A 60 -16.66 21.23 -4.18
CA ILE A 60 -15.46 20.75 -3.50
C ILE A 60 -15.62 19.25 -3.38
N PRO A 61 -14.72 18.48 -4.00
CA PRO A 61 -14.81 17.02 -3.92
C PRO A 61 -15.19 16.43 -2.57
N HIS A 62 -16.20 15.55 -2.59
CA HIS A 62 -16.70 14.84 -1.41
C HIS A 62 -17.64 15.59 -0.49
N PHE A 63 -17.74 16.90 -0.64
CA PHE A 63 -18.63 17.68 0.21
C PHE A 63 -20.05 17.15 0.14
N SER A 64 -20.58 17.10 -1.08
CA SER A 64 -21.97 16.67 -1.31
C SER A 64 -22.28 15.25 -0.92
N GLU A 65 -21.26 14.43 -0.76
CA GLU A 65 -21.44 13.04 -0.39
C GLU A 65 -21.69 12.89 1.11
N LEU A 66 -21.45 13.97 1.84
CA LEU A 66 -21.67 13.99 3.28
C LEU A 66 -23.17 14.07 3.53
N PRO A 67 -23.64 13.60 4.70
CA PRO A 67 -25.07 13.65 5.03
C PRO A 67 -25.56 15.09 4.92
N LEU A 68 -26.81 15.29 4.55
CA LEU A 68 -27.35 16.65 4.41
C LEU A 68 -27.12 17.45 5.68
N ASP A 69 -27.33 16.82 6.84
CA ASP A 69 -27.15 17.50 8.10
C ASP A 69 -25.75 18.07 8.23
N ASP A 70 -24.74 17.25 7.89
CA ASP A 70 -23.34 17.68 7.97
C ASP A 70 -23.00 18.89 7.13
N GLN A 71 -23.46 18.93 5.89
CA GLN A 71 -23.19 20.07 5.01
C GLN A 71 -23.71 21.35 5.64
N VAL A 72 -24.96 21.31 6.07
CA VAL A 72 -25.58 22.47 6.72
C VAL A 72 -24.73 22.88 7.91
N ILE A 73 -24.30 21.91 8.71
CA ILE A 73 -23.48 22.19 9.86
C ILE A 73 -22.18 22.90 9.50
N LEU A 74 -21.41 22.29 8.61
CA LEU A 74 -20.14 22.86 8.18
C LEU A 74 -20.26 24.26 7.57
N LEU A 75 -21.27 24.48 6.75
CA LEU A 75 -21.48 25.79 6.15
C LEU A 75 -21.93 26.83 7.17
N ARG A 76 -22.71 26.41 8.17
CA ARG A 76 -23.17 27.33 9.19
C ARG A 76 -21.93 27.72 9.97
N ALA A 77 -21.11 26.72 10.26
CA ALA A 77 -19.90 26.87 11.04
C ALA A 77 -18.88 27.86 10.48
N GLY A 78 -18.45 27.69 9.25
CA GLY A 78 -17.46 28.61 8.73
C GLY A 78 -17.85 29.55 7.60
N TRP A 79 -19.13 29.88 7.42
CA TRP A 79 -19.51 30.78 6.34
C TRP A 79 -18.80 32.12 6.38
N ASN A 80 -18.63 32.70 7.56
CA ASN A 80 -17.95 33.98 7.60
C ASN A 80 -16.44 33.92 7.30
N GLU A 81 -15.75 32.88 7.73
CA GLU A 81 -14.34 32.80 7.42
C GLU A 81 -14.19 32.57 5.91
N LEU A 82 -14.99 31.64 5.38
CA LEU A 82 -14.97 31.32 3.96
C LEU A 82 -15.24 32.60 3.13
N LEU A 83 -16.30 33.31 3.48
CA LEU A 83 -16.67 34.52 2.77
C LEU A 83 -15.55 35.57 2.84
N ILE A 84 -15.03 35.80 4.04
CA ILE A 84 -14.00 36.80 4.22
C ILE A 84 -12.78 36.46 3.38
N ALA A 85 -12.27 35.23 3.52
CA ALA A 85 -11.09 34.82 2.78
C ALA A 85 -11.28 35.09 1.29
N SER A 86 -12.47 34.88 0.77
CA SER A 86 -12.70 35.08 -0.65
C SER A 86 -12.68 36.52 -1.10
N PHE A 87 -13.42 37.38 -0.42
CA PHE A 87 -13.44 38.78 -0.83
C PHE A 87 -12.11 39.45 -0.56
N SER A 88 -11.36 38.93 0.39
CA SER A 88 -10.08 39.52 0.72
C SER A 88 -9.07 39.21 -0.38
N HIS A 89 -9.21 38.02 -0.99
CA HIS A 89 -8.31 37.61 -2.06
C HIS A 89 -8.70 38.27 -3.38
N ARG A 90 -9.97 38.65 -3.49
CA ARG A 90 -10.47 39.35 -4.67
C ARG A 90 -9.98 40.79 -4.61
N SER A 91 -9.67 41.26 -3.41
CA SER A 91 -9.22 42.62 -3.19
C SER A 91 -7.73 42.83 -3.37
N ILE A 92 -6.98 41.78 -3.64
CA ILE A 92 -5.55 41.94 -3.81
C ILE A 92 -5.23 43.09 -4.76
N ALA A 93 -6.14 43.35 -5.68
CA ALA A 93 -5.97 44.40 -6.68
C ALA A 93 -6.17 45.82 -6.16
N VAL A 94 -7.31 46.07 -5.54
CA VAL A 94 -7.62 47.40 -5.01
C VAL A 94 -6.58 47.96 -4.05
N LYS A 95 -6.56 49.28 -3.92
CA LYS A 95 -5.63 49.98 -3.04
C LYS A 95 -6.00 49.77 -1.58
N ASP A 96 -6.34 50.84 -0.89
CA ASP A 96 -6.72 50.75 0.52
C ASP A 96 -8.19 50.36 0.61
N GLY A 97 -8.49 49.10 0.37
CA GLY A 97 -9.87 48.66 0.45
C GLY A 97 -10.15 47.25 -0.03
N ILE A 98 -11.44 46.94 -0.17
CA ILE A 98 -11.87 45.63 -0.61
C ILE A 98 -12.86 45.80 -1.75
N LEU A 99 -12.99 44.76 -2.59
CA LEU A 99 -13.90 44.79 -3.72
C LEU A 99 -15.05 43.82 -3.46
N LEU A 100 -16.23 44.35 -3.18
CA LEU A 100 -17.38 43.50 -2.90
C LEU A 100 -17.90 42.84 -4.16
N ALA A 101 -18.41 41.62 -4.02
CA ALA A 101 -18.94 40.82 -5.12
C ALA A 101 -20.02 41.52 -5.93
N THR A 102 -20.47 42.67 -5.46
CA THR A 102 -21.49 43.42 -6.16
C THR A 102 -20.84 44.42 -7.12
N GLY A 103 -19.54 44.63 -6.95
CA GLY A 103 -18.83 45.55 -7.81
C GLY A 103 -18.42 46.83 -7.11
N LEU A 104 -19.02 47.12 -5.96
CA LEU A 104 -18.71 48.33 -5.21
C LEU A 104 -17.41 48.21 -4.42
N HIS A 105 -16.78 49.34 -4.14
CA HIS A 105 -15.54 49.36 -3.38
C HIS A 105 -15.81 49.94 -2.01
N VAL A 106 -14.87 49.74 -1.10
CA VAL A 106 -14.97 50.27 0.25
C VAL A 106 -13.55 50.55 0.71
N HIS A 107 -13.27 51.80 1.08
CA HIS A 107 -11.92 52.15 1.51
C HIS A 107 -11.75 52.41 3.00
N ARG A 108 -10.49 52.36 3.42
CA ARG A 108 -10.10 52.57 4.81
C ARG A 108 -10.97 53.56 5.57
N ASN A 109 -11.02 54.80 5.11
CA ASN A 109 -11.80 55.83 5.78
C ASN A 109 -13.29 55.52 5.86
N SER A 110 -13.87 55.04 4.78
CA SER A 110 -15.29 54.72 4.77
C SER A 110 -15.67 53.78 5.90
N ALA A 111 -14.81 52.81 6.15
CA ALA A 111 -15.07 51.85 7.22
C ALA A 111 -15.00 52.56 8.56
N HIS A 112 -14.00 53.43 8.73
CA HIS A 112 -13.86 54.17 9.98
C HIS A 112 -15.10 55.02 10.25
N SER A 113 -15.49 55.80 9.25
CA SER A 113 -16.66 56.65 9.37
C SER A 113 -17.88 55.80 9.65
N ALA A 114 -17.82 54.53 9.26
CA ALA A 114 -18.93 53.61 9.49
C ALA A 114 -18.75 52.97 10.86
N GLY A 115 -17.62 53.28 11.48
CA GLY A 115 -17.32 52.76 12.80
C GLY A 115 -16.86 51.33 12.79
N VAL A 116 -16.50 50.84 11.61
CA VAL A 116 -16.03 49.47 11.49
C VAL A 116 -14.60 49.41 11.03
N GLY A 117 -13.84 50.46 11.31
CA GLY A 117 -12.44 50.46 10.95
C GLY A 117 -11.85 49.43 11.89
N ALA A 118 -10.55 49.35 12.01
CA ALA A 118 -9.94 48.38 12.92
C ALA A 118 -10.15 46.93 12.48
N ILE A 119 -11.39 46.47 12.41
CA ILE A 119 -11.61 45.09 11.99
C ILE A 119 -11.41 45.10 10.48
N PHE A 120 -11.74 46.25 9.86
CA PHE A 120 -11.59 46.40 8.42
C PHE A 120 -10.11 46.60 8.10
N ASP A 121 -9.42 47.29 8.99
CA ASP A 121 -8.01 47.56 8.77
C ASP A 121 -7.14 46.34 8.95
N ARG A 122 -7.54 45.43 9.84
CA ARG A 122 -6.74 44.25 10.05
C ARG A 122 -6.99 43.25 8.93
N VAL A 123 -8.14 43.37 8.29
CA VAL A 123 -8.49 42.49 7.17
C VAL A 123 -7.51 42.89 6.08
N LEU A 124 -7.33 44.19 5.95
CA LEU A 124 -6.43 44.73 4.95
C LEU A 124 -4.97 44.36 5.13
N THR A 125 -4.51 44.20 6.35
CA THR A 125 -3.11 43.88 6.55
C THR A 125 -2.84 42.41 6.84
N GLU A 126 -3.78 41.75 7.51
CA GLU A 126 -3.63 40.35 7.88
C GLU A 126 -4.07 39.38 6.78
N LEU A 127 -4.91 39.86 5.86
CA LEU A 127 -5.40 39.04 4.75
C LEU A 127 -4.98 39.56 3.37
N VAL A 128 -5.59 40.64 2.91
CA VAL A 128 -5.23 41.19 1.60
C VAL A 128 -3.75 41.48 1.49
N SER A 129 -3.28 42.49 2.20
CA SER A 129 -1.87 42.84 2.17
C SER A 129 -0.94 41.61 2.26
N LYS A 130 -1.38 40.55 2.94
CA LYS A 130 -0.55 39.36 3.09
C LYS A 130 -0.64 38.41 1.90
N MET A 131 -1.81 38.33 1.29
CA MET A 131 -2.04 37.46 0.14
C MET A 131 -1.34 38.06 -1.06
N ARG A 132 -1.34 39.38 -1.12
CA ARG A 132 -0.67 40.08 -2.21
C ARG A 132 0.80 39.77 -2.17
N ASP A 133 1.41 40.00 -1.01
CA ASP A 133 2.83 39.76 -0.82
C ASP A 133 3.34 38.44 -1.37
N MET A 134 2.73 37.33 -0.93
CA MET A 134 3.17 36.03 -1.39
C MET A 134 2.44 35.57 -2.65
N GLN A 135 1.62 36.44 -3.20
CA GLN A 135 0.87 36.14 -4.42
C GLN A 135 0.13 34.81 -4.42
N MET A 136 -0.60 34.49 -3.35
CA MET A 136 -1.29 33.22 -3.33
C MET A 136 -2.31 33.13 -4.45
N ASP A 137 -2.33 31.98 -5.13
CA ASP A 137 -3.22 31.76 -6.25
C ASP A 137 -4.56 31.13 -5.89
N LYS A 138 -5.52 31.27 -6.81
CA LYS A 138 -6.86 30.76 -6.63
C LYS A 138 -6.91 29.31 -6.19
N THR A 139 -5.84 28.57 -6.44
CA THR A 139 -5.79 27.17 -6.06
C THR A 139 -5.49 27.10 -4.57
N GLU A 140 -4.52 27.89 -4.14
CA GLU A 140 -4.17 27.94 -2.73
C GLU A 140 -5.34 28.52 -1.95
N LEU A 141 -5.96 29.57 -2.50
CA LEU A 141 -7.10 30.19 -1.84
C LEU A 141 -8.14 29.12 -1.59
N GLY A 142 -8.53 28.44 -2.67
CA GLY A 142 -9.52 27.38 -2.57
C GLY A 142 -9.11 26.29 -1.59
N CYS A 143 -7.82 25.99 -1.52
CA CYS A 143 -7.37 24.97 -0.59
C CYS A 143 -7.51 25.40 0.86
N LEU A 144 -7.21 26.65 1.16
CA LEU A 144 -7.34 27.13 2.54
C LEU A 144 -8.81 27.10 2.91
N ARG A 145 -9.65 27.67 2.04
CA ARG A 145 -11.07 27.70 2.31
C ARG A 145 -11.63 26.31 2.52
N ALA A 146 -11.15 25.34 1.73
CA ALA A 146 -11.59 23.96 1.84
C ALA A 146 -11.19 23.46 3.21
N ILE A 147 -9.97 23.79 3.62
CA ILE A 147 -9.48 23.40 4.92
C ILE A 147 -10.42 24.00 5.95
N VAL A 148 -10.69 25.28 5.79
CA VAL A 148 -11.59 25.99 6.69
C VAL A 148 -12.95 25.28 6.76
N LEU A 149 -13.43 24.82 5.62
CA LEU A 149 -14.73 24.16 5.53
C LEU A 149 -14.83 22.85 6.26
N PHE A 150 -13.80 22.00 6.12
CA PHE A 150 -13.81 20.71 6.78
C PHE A 150 -13.27 20.77 8.20
N ASN A 151 -14.13 21.20 9.13
CA ASN A 151 -13.78 21.29 10.54
C ASN A 151 -14.51 20.22 11.38
N PRO A 152 -13.79 19.17 11.79
CA PRO A 152 -14.32 18.07 12.57
C PRO A 152 -14.97 18.52 13.88
N ASP A 153 -14.51 19.65 14.40
CA ASP A 153 -15.00 20.17 15.68
C ASP A 153 -16.37 20.84 15.72
N SER A 154 -17.02 21.04 14.57
CA SER A 154 -18.35 21.64 14.58
C SER A 154 -19.21 20.63 15.35
N LYS A 155 -20.11 21.13 16.19
CA LYS A 155 -20.96 20.23 16.96
C LYS A 155 -22.17 19.75 16.18
N GLY A 156 -22.58 18.52 16.44
CA GLY A 156 -23.74 17.97 15.77
C GLY A 156 -23.40 17.11 14.59
N LEU A 157 -22.15 17.21 14.14
CA LEU A 157 -21.66 16.44 13.01
C LEU A 157 -21.95 14.95 13.13
N SER A 158 -22.38 14.35 12.03
CA SER A 158 -22.69 12.93 11.97
C SER A 158 -21.43 12.08 12.02
N ASN A 159 -20.41 12.52 11.31
CA ASN A 159 -19.15 11.79 11.27
C ASN A 159 -17.96 12.75 11.34
N PRO A 160 -17.44 12.98 12.56
CA PRO A 160 -16.30 13.89 12.70
C PRO A 160 -15.11 13.33 11.98
N ALA A 161 -14.97 12.01 12.04
CA ALA A 161 -13.86 11.32 11.40
C ALA A 161 -13.78 11.59 9.90
N GLU A 162 -14.90 11.47 9.20
CA GLU A 162 -14.91 11.72 7.75
C GLU A 162 -14.41 13.12 7.52
N VAL A 163 -15.05 14.08 8.19
CA VAL A 163 -14.64 15.47 8.07
C VAL A 163 -13.15 15.62 8.40
N GLU A 164 -12.69 14.89 9.40
CA GLU A 164 -11.27 14.93 9.77
C GLU A 164 -10.40 14.54 8.58
N ALA A 165 -10.65 13.34 8.07
CA ALA A 165 -9.94 12.76 6.94
C ALA A 165 -9.94 13.62 5.68
N LEU A 166 -11.10 14.14 5.30
CA LEU A 166 -11.17 14.99 4.13
C LEU A 166 -10.22 16.17 4.32
N ARG A 167 -10.26 16.78 5.49
CA ARG A 167 -9.39 17.89 5.74
C ARG A 167 -7.93 17.50 5.56
N GLU A 168 -7.54 16.34 6.10
CA GLU A 168 -6.15 15.92 5.99
C GLU A 168 -5.75 15.69 4.55
N LYS A 169 -6.75 15.41 3.69
CA LYS A 169 -6.47 15.21 2.28
C LYS A 169 -6.12 16.56 1.61
N VAL A 170 -6.84 17.62 1.97
CA VAL A 170 -6.57 18.93 1.41
C VAL A 170 -5.15 19.32 1.85
N TYR A 171 -4.77 18.91 3.06
CA TYR A 171 -3.44 19.21 3.54
C TYR A 171 -2.45 18.54 2.61
N ALA A 172 -2.70 17.28 2.29
CA ALA A 172 -1.84 16.50 1.41
C ALA A 172 -1.80 17.10 0.01
N SER A 173 -2.97 17.33 -0.59
CA SER A 173 -3.04 17.90 -1.92
C SER A 173 -2.40 19.27 -2.03
N LEU A 174 -2.54 20.09 -1.00
CA LEU A 174 -1.96 21.42 -1.05
C LEU A 174 -0.45 21.37 -0.90
N GLU A 175 0.03 20.65 0.10
CA GLU A 175 1.45 20.58 0.34
C GLU A 175 2.12 20.17 -0.94
N ALA A 176 1.47 19.22 -1.62
CA ALA A 176 1.99 18.71 -2.90
C ALA A 176 2.09 19.86 -3.89
N TYR A 177 0.94 20.42 -4.28
CA TYR A 177 0.90 21.53 -5.21
C TYR A 177 1.98 22.58 -4.89
N CYS A 178 2.20 22.86 -3.61
CA CYS A 178 3.19 23.86 -3.25
C CYS A 178 4.61 23.40 -3.52
N LYS A 179 4.95 22.19 -3.09
CA LYS A 179 6.30 21.66 -3.31
C LYS A 179 6.60 21.61 -4.78
N HIS A 180 5.55 21.53 -5.57
CA HIS A 180 5.73 21.48 -7.00
C HIS A 180 5.77 22.86 -7.63
N LYS A 181 4.59 23.45 -7.85
CA LYS A 181 4.48 24.78 -8.45
C LYS A 181 5.45 25.80 -7.89
N TYR A 182 5.94 25.59 -6.66
CA TYR A 182 6.88 26.51 -6.03
C TYR A 182 8.00 25.77 -5.30
N PRO A 183 8.94 25.16 -6.04
CA PRO A 183 10.05 24.42 -5.41
C PRO A 183 11.04 25.33 -4.71
N GLU A 184 11.24 26.51 -5.27
CA GLU A 184 12.17 27.49 -4.71
C GLU A 184 11.62 28.19 -3.47
N GLN A 185 10.45 27.73 -3.02
CA GLN A 185 9.80 28.27 -1.84
C GLN A 185 9.48 27.12 -0.89
N PRO A 186 10.50 26.64 -0.17
CA PRO A 186 10.41 25.54 0.79
C PRO A 186 9.29 25.64 1.84
N GLY A 187 9.17 26.77 2.51
CA GLY A 187 8.16 26.91 3.53
C GLY A 187 6.84 27.53 3.12
N ARG A 188 6.59 27.63 1.83
CA ARG A 188 5.35 28.24 1.37
C ARG A 188 4.10 27.61 2.00
N PHE A 189 4.03 26.28 2.02
CA PHE A 189 2.88 25.59 2.59
C PHE A 189 2.58 26.11 3.99
N ALA A 190 3.62 26.16 4.81
CA ALA A 190 3.49 26.63 6.18
C ALA A 190 3.13 28.11 6.28
N LYS A 191 3.64 28.90 5.33
CA LYS A 191 3.37 30.33 5.32
C LYS A 191 1.92 30.59 5.00
N LEU A 192 1.36 29.69 4.22
CA LEU A 192 -0.02 29.79 3.78
C LEU A 192 -0.95 29.56 4.96
N LEU A 193 -0.65 28.51 5.73
CA LEU A 193 -1.45 28.14 6.89
C LEU A 193 -1.42 29.16 8.00
N LEU A 194 -0.32 29.91 8.07
CA LEU A 194 -0.17 30.92 9.10
C LEU A 194 -1.33 31.89 9.10
N ARG A 195 -2.06 31.97 7.99
CA ARG A 195 -3.19 32.87 7.88
C ARG A 195 -4.35 32.44 8.75
N LEU A 196 -4.56 31.14 8.83
CA LEU A 196 -5.67 30.58 9.59
C LEU A 196 -5.96 31.26 10.94
N PRO A 197 -4.98 31.34 11.84
CA PRO A 197 -5.22 31.97 13.13
C PRO A 197 -5.75 33.40 13.02
N ALA A 198 -5.17 34.19 12.12
CA ALA A 198 -5.59 35.57 11.97
C ALA A 198 -6.97 35.65 11.35
N LEU A 199 -7.27 34.71 10.47
CA LEU A 199 -8.57 34.66 9.78
C LEU A 199 -9.65 34.34 10.80
N ARG A 200 -9.27 33.61 11.84
CA ARG A 200 -10.19 33.23 12.90
C ARG A 200 -10.61 34.44 13.74
N SER A 201 -9.64 35.19 14.23
CA SER A 201 -9.96 36.36 15.04
C SER A 201 -10.88 37.28 14.22
N ILE A 202 -10.46 37.59 13.00
CA ILE A 202 -11.23 38.47 12.14
C ILE A 202 -12.64 37.94 12.00
N GLY A 203 -12.74 36.62 11.86
CA GLY A 203 -14.05 36.03 11.71
C GLY A 203 -14.86 36.40 12.93
N LEU A 204 -14.32 36.08 14.10
CA LEU A 204 -14.97 36.35 15.37
C LEU A 204 -15.39 37.80 15.53
N LYS A 205 -14.53 38.74 15.18
CA LYS A 205 -14.89 40.14 15.32
C LYS A 205 -16.01 40.56 14.37
N CYS A 206 -16.02 39.97 13.17
CA CYS A 206 -17.05 40.31 12.20
C CYS A 206 -18.42 39.85 12.66
N LEU A 207 -18.47 38.72 13.36
CA LEU A 207 -19.75 38.22 13.86
C LEU A 207 -20.24 39.13 14.94
N GLU A 208 -19.32 39.61 15.77
CA GLU A 208 -19.68 40.53 16.86
C GLU A 208 -20.36 41.76 16.31
N HIS A 209 -19.70 42.46 15.37
CA HIS A 209 -20.26 43.66 14.76
C HIS A 209 -21.59 43.33 14.11
N LEU A 210 -21.64 42.21 13.42
CA LEU A 210 -22.85 41.78 12.74
C LEU A 210 -24.03 41.65 13.69
N PHE A 211 -23.84 40.97 14.81
CA PHE A 211 -24.91 40.78 15.80
C PHE A 211 -25.33 42.10 16.41
N PHE A 212 -24.37 43.01 16.56
CA PHE A 212 -24.67 44.32 17.12
C PHE A 212 -25.57 45.07 16.14
N PHE A 213 -25.17 45.11 14.88
CA PHE A 213 -25.96 45.78 13.83
C PHE A 213 -27.33 45.16 13.65
N LYS A 214 -27.48 43.88 13.99
CA LYS A 214 -28.76 43.23 13.83
C LYS A 214 -29.74 43.70 14.88
N LEU A 215 -29.29 43.76 16.13
CA LEU A 215 -30.15 44.20 17.24
C LEU A 215 -30.55 45.66 17.12
N ILE A 216 -29.61 46.50 16.68
CA ILE A 216 -29.89 47.91 16.57
C ILE A 216 -30.88 48.29 15.46
N GLY A 217 -31.31 47.31 14.69
CA GLY A 217 -32.21 47.62 13.59
C GLY A 217 -31.34 48.36 12.60
N ASP A 218 -31.93 49.16 11.70
CA ASP A 218 -31.15 49.92 10.72
C ASP A 218 -30.24 48.99 9.90
N THR A 219 -29.50 49.56 8.94
CA THR A 219 -28.59 48.77 8.10
C THR A 219 -29.18 47.37 7.90
N PRO A 220 -30.23 47.27 7.08
CA PRO A 220 -30.94 46.01 6.76
C PRO A 220 -30.06 44.88 6.30
N ILE A 221 -30.37 43.67 6.76
CA ILE A 221 -29.62 42.50 6.37
C ILE A 221 -30.58 41.49 5.74
N ASP A 222 -30.44 41.31 4.42
CA ASP A 222 -31.29 40.39 3.66
C ASP A 222 -31.37 39.04 4.33
N THR A 223 -32.30 38.21 3.86
CA THR A 223 -32.46 36.88 4.41
C THR A 223 -31.13 36.17 4.26
N PHE A 224 -31.11 34.88 4.55
CA PHE A 224 -29.89 34.08 4.42
C PHE A 224 -28.81 34.61 5.36
N LEU A 225 -28.46 35.90 5.24
CA LEU A 225 -27.46 36.48 6.15
C LEU A 225 -28.15 36.48 7.50
N MET A 226 -29.45 36.70 7.49
CA MET A 226 -30.24 36.72 8.70
C MET A 226 -30.38 35.30 9.24
N GLU A 227 -30.45 34.32 8.34
CA GLU A 227 -30.59 32.93 8.74
C GLU A 227 -29.28 32.31 9.24
N MET A 228 -28.17 33.02 9.04
CA MET A 228 -26.87 32.52 9.49
C MET A 228 -26.51 33.19 10.81
N LEU A 229 -27.23 34.27 11.12
CA LEU A 229 -27.00 35.05 12.33
C LEU A 229 -28.01 34.77 13.44
N GLU A 230 -28.39 33.52 13.62
CA GLU A 230 -29.35 33.20 14.69
C GLU A 230 -28.74 32.42 15.85
N ALA A 231 -27.55 32.84 16.29
CA ALA A 231 -26.81 32.21 17.41
C ALA A 231 -26.60 30.69 17.28
N PRO A 232 -25.35 30.27 16.99
CA PRO A 232 -25.01 28.84 16.84
C PRO A 232 -24.87 28.11 18.17
N ASN B 1 -4.98 20.57 -12.69
CA ASN B 1 -5.79 21.79 -12.96
C ASN B 1 -6.26 21.84 -14.41
N GLU B 2 -5.55 22.61 -15.24
CA GLU B 2 -5.92 22.74 -16.66
C GLU B 2 -5.65 21.46 -17.45
N ASP B 3 -6.14 20.33 -16.95
CA ASP B 3 -5.96 19.04 -17.61
C ASP B 3 -4.50 18.60 -17.62
N MET B 4 -3.60 19.53 -17.92
CA MET B 4 -2.18 19.24 -17.95
C MET B 4 -1.43 20.08 -16.93
N PRO B 5 -1.80 19.96 -15.66
CA PRO B 5 -1.14 20.74 -14.59
C PRO B 5 0.37 20.63 -14.60
N VAL B 6 1.03 21.71 -15.04
CA VAL B 6 2.47 21.76 -15.07
C VAL B 6 2.99 21.35 -13.71
N GLU B 7 2.08 21.39 -12.74
CA GLU B 7 2.38 21.00 -11.37
C GLU B 7 2.54 19.49 -11.22
N ARG B 8 1.85 18.73 -12.03
CA ARG B 8 1.99 17.30 -11.89
C ARG B 8 3.18 16.76 -12.68
N ILE B 9 3.51 17.42 -13.79
CA ILE B 9 4.62 16.97 -14.61
C ILE B 9 5.96 17.04 -13.90
N LEU B 10 6.21 18.13 -13.18
CA LEU B 10 7.49 18.27 -12.48
C LEU B 10 7.59 17.29 -11.33
N GLU B 11 6.45 16.78 -10.87
CA GLU B 11 6.47 15.81 -9.79
C GLU B 11 6.82 14.46 -10.36
N ALA B 12 6.26 14.17 -11.54
CA ALA B 12 6.55 12.91 -12.22
C ALA B 12 8.04 12.83 -12.49
N GLU B 13 8.62 13.97 -12.83
CA GLU B 13 10.05 14.03 -13.09
C GLU B 13 10.83 13.85 -11.80
N LEU B 14 10.29 14.39 -10.71
CA LEU B 14 10.95 14.31 -9.40
C LEU B 14 10.75 13.01 -8.64
N ALA B 15 9.89 12.14 -9.15
CA ALA B 15 9.63 10.87 -8.48
C ALA B 15 10.66 9.83 -8.91
N VAL B 16 11.13 9.98 -10.14
CA VAL B 16 12.09 9.06 -10.72
C VAL B 16 13.32 9.80 -11.25
N GLU B 17 13.90 10.68 -10.44
CA GLU B 17 15.06 11.46 -10.87
C GLU B 17 16.21 10.64 -11.48
N PRO B 18 16.62 9.52 -10.84
CA PRO B 18 16.18 8.89 -9.59
C PRO B 18 16.03 9.81 -8.40
N LYS B 19 17.15 10.38 -7.96
CA LYS B 19 17.14 11.29 -6.83
C LYS B 19 18.28 11.05 -5.86
N THR B 20 18.34 9.83 -5.33
CA THR B 20 19.39 9.49 -4.38
C THR B 20 19.63 7.99 -4.33
N GLU B 21 20.89 7.60 -4.10
CA GLU B 21 21.24 6.19 -4.03
C GLU B 21 21.69 5.58 -5.34
N THR B 22 20.96 5.86 -6.42
CA THR B 22 21.30 5.33 -7.73
C THR B 22 22.73 5.60 -8.17
N TYR B 23 23.32 6.68 -7.67
CA TYR B 23 24.69 7.02 -8.03
C TYR B 23 25.71 6.76 -6.94
N VAL B 24 25.36 5.92 -5.98
CA VAL B 24 26.28 5.60 -4.90
C VAL B 24 26.97 4.27 -5.12
N GLU B 25 26.39 3.44 -5.98
CA GLU B 25 26.97 2.14 -6.28
C GLU B 25 27.81 2.14 -7.55
N ALA B 26 27.68 3.21 -8.34
CA ALA B 26 28.44 3.33 -9.56
C ALA B 26 29.60 4.29 -9.37
N ASN B 27 29.38 5.33 -8.58
CA ASN B 27 30.41 6.30 -8.30
C ASN B 27 30.98 6.08 -6.91
N MET B 28 30.83 4.85 -6.41
CA MET B 28 31.33 4.48 -5.11
C MET B 28 31.82 3.04 -5.06
N GLY B 29 32.18 2.50 -6.23
CA GLY B 29 32.66 1.14 -6.31
C GLY B 29 31.54 0.13 -6.52
N LEU B 30 31.86 -0.99 -7.16
CA LEU B 30 30.85 -2.01 -7.39
C LEU B 30 30.99 -2.74 -8.72
N ASN B 31 29.86 -3.21 -9.26
CA ASN B 31 29.86 -3.92 -10.52
C ASN B 31 30.18 -5.39 -10.34
N PRO B 32 29.14 -6.22 -10.16
CA PRO B 32 29.35 -7.64 -9.98
C PRO B 32 30.04 -8.31 -11.15
N SER B 33 31.26 -8.79 -10.91
CA SER B 33 32.01 -9.45 -11.96
C SER B 33 32.88 -8.49 -12.74
N SER B 34 32.25 -7.49 -13.36
CA SER B 34 32.99 -6.50 -14.13
C SER B 34 32.20 -5.84 -15.25
N PRO B 35 32.52 -4.57 -15.52
CA PRO B 35 31.85 -3.83 -16.57
C PRO B 35 32.65 -2.62 -17.01
N ASN B 36 33.30 -2.72 -18.16
CA ASN B 36 34.09 -1.62 -18.66
C ASN B 36 33.72 -1.18 -20.07
N ASP B 37 32.80 -1.92 -20.69
CA ASP B 37 32.37 -1.59 -22.04
C ASP B 37 31.33 -0.48 -21.99
N PRO B 38 31.69 0.76 -22.38
CA PRO B 38 30.78 1.92 -22.38
C PRO B 38 29.40 1.54 -22.90
N VAL B 39 29.39 0.83 -24.01
CA VAL B 39 28.17 0.37 -24.65
C VAL B 39 27.33 -0.50 -23.74
N THR B 40 28.00 -1.43 -23.05
CA THR B 40 27.31 -2.35 -22.15
C THR B 40 26.74 -1.60 -20.96
N ASN B 41 27.59 -0.78 -20.32
CA ASN B 41 27.16 0.00 -19.18
C ASN B 41 25.96 0.84 -19.58
N ILE B 42 26.06 1.47 -20.74
CA ILE B 42 24.96 2.29 -21.20
C ILE B 42 23.73 1.41 -21.37
N CYS B 43 23.92 0.21 -21.88
CA CYS B 43 22.79 -0.70 -22.09
C CYS B 43 22.16 -1.21 -20.81
N GLN B 44 22.96 -1.42 -19.77
CA GLN B 44 22.43 -1.90 -18.50
C GLN B 44 21.65 -0.76 -17.89
N ALA B 45 22.17 0.46 -18.07
CA ALA B 45 21.52 1.66 -17.54
C ALA B 45 20.16 1.82 -18.22
N ALA B 46 20.17 1.78 -19.55
CA ALA B 46 18.94 1.93 -20.31
C ALA B 46 17.88 0.93 -19.88
N ASP B 47 18.32 -0.29 -19.55
CA ASP B 47 17.37 -1.31 -19.13
C ASP B 47 16.80 -0.89 -17.78
N LYS B 48 17.67 -0.39 -16.91
CA LYS B 48 17.29 0.06 -15.57
C LYS B 48 16.22 1.16 -15.62
N GLN B 49 16.53 2.23 -16.34
CA GLN B 49 15.63 3.38 -16.47
C GLN B 49 14.40 3.10 -17.29
N LEU B 50 14.39 1.98 -17.97
CA LEU B 50 13.26 1.61 -18.79
C LEU B 50 12.12 1.32 -17.85
N PHE B 51 12.45 0.94 -16.62
CA PHE B 51 11.44 0.64 -15.62
C PHE B 51 10.94 1.95 -15.03
N THR B 52 11.88 2.79 -14.59
CA THR B 52 11.51 4.06 -14.00
C THR B 52 10.67 4.82 -15.01
N LEU B 53 10.96 4.61 -16.30
CA LEU B 53 10.23 5.26 -17.38
C LEU B 53 8.76 4.88 -17.30
N VAL B 54 8.47 3.62 -16.98
CA VAL B 54 7.08 3.21 -16.87
C VAL B 54 6.43 3.96 -15.71
N GLU B 55 7.16 4.06 -14.60
CA GLU B 55 6.66 4.78 -13.44
C GLU B 55 6.28 6.17 -13.90
N TRP B 56 7.27 6.85 -14.48
CA TRP B 56 7.13 8.20 -14.97
C TRP B 56 5.84 8.41 -15.75
N ALA B 57 5.79 7.85 -16.96
CA ALA B 57 4.62 7.96 -17.82
C ALA B 57 3.33 7.91 -17.04
N LYS B 58 3.23 6.94 -16.14
CA LYS B 58 2.04 6.75 -15.32
C LYS B 58 1.65 7.99 -14.50
N ARG B 59 2.64 8.78 -14.07
CA ARG B 59 2.36 9.97 -13.29
C ARG B 59 2.04 11.15 -14.19
N ILE B 60 2.31 11.04 -15.49
CA ILE B 60 1.96 12.14 -16.38
C ILE B 60 0.44 12.15 -16.49
N PRO B 61 -0.19 13.24 -16.04
CA PRO B 61 -1.65 13.34 -16.12
C PRO B 61 -2.30 12.80 -17.39
N HIS B 62 -3.32 11.97 -17.20
CA HIS B 62 -4.09 11.37 -18.30
C HIS B 62 -3.50 10.17 -19.04
N PHE B 63 -2.21 9.92 -18.87
CA PHE B 63 -1.57 8.79 -19.55
C PHE B 63 -2.27 7.49 -19.22
N SER B 64 -2.37 7.18 -17.93
CA SER B 64 -2.98 5.96 -17.45
C SER B 64 -4.45 5.78 -17.80
N GLU B 65 -5.13 6.87 -18.14
CA GLU B 65 -6.54 6.79 -18.48
C GLU B 65 -6.74 6.31 -19.91
N LEU B 66 -5.64 6.26 -20.65
CA LEU B 66 -5.65 5.80 -22.04
C LEU B 66 -5.78 4.27 -22.03
N PRO B 67 -6.32 3.68 -23.12
CA PRO B 67 -6.47 2.23 -23.22
C PRO B 67 -5.11 1.58 -23.00
N LEU B 68 -5.08 0.40 -22.42
CA LEU B 68 -3.80 -0.27 -22.15
C LEU B 68 -2.98 -0.40 -23.42
N ASP B 69 -3.67 -0.69 -24.53
CA ASP B 69 -2.99 -0.84 -25.81
C ASP B 69 -2.22 0.43 -26.16
N ASP B 70 -2.89 1.57 -26.04
CA ASP B 70 -2.29 2.86 -26.35
C ASP B 70 -1.02 3.18 -25.56
N GLN B 71 -1.05 2.98 -24.25
CA GLN B 71 0.13 3.24 -23.43
C GLN B 71 1.32 2.46 -23.95
N VAL B 72 1.11 1.16 -24.17
CA VAL B 72 2.16 0.26 -24.67
C VAL B 72 2.68 0.83 -25.98
N ILE B 73 1.74 1.22 -26.84
CA ILE B 73 2.13 1.79 -28.13
C ILE B 73 3.03 3.01 -27.98
N LEU B 74 2.54 4.04 -27.27
CA LEU B 74 3.29 5.28 -27.07
C LEU B 74 4.67 5.07 -26.42
N LEU B 75 4.75 4.19 -25.42
CA LEU B 75 6.03 3.93 -24.77
C LEU B 75 6.98 3.16 -25.69
N ARG B 76 6.43 2.29 -26.53
CA ARG B 76 7.26 1.53 -27.46
C ARG B 76 7.82 2.53 -28.46
N ALA B 77 6.93 3.39 -28.91
CA ALA B 77 7.23 4.43 -29.87
C ALA B 77 8.34 5.38 -29.47
N GLY B 78 8.22 6.01 -28.30
CA GLY B 78 9.25 6.96 -27.91
C GLY B 78 10.18 6.67 -26.75
N TRP B 79 10.33 5.42 -26.35
CA TRP B 79 11.20 5.14 -25.22
C TRP B 79 12.63 5.67 -25.36
N ASN B 80 13.20 5.57 -26.56
CA ASN B 80 14.57 6.02 -26.71
C ASN B 80 14.73 7.55 -26.68
N GLU B 81 13.75 8.27 -27.20
CA GLU B 81 13.86 9.71 -27.17
C GLU B 81 13.68 10.13 -25.73
N LEU B 82 12.65 9.61 -25.08
CA LEU B 82 12.39 9.91 -23.68
C LEU B 82 13.61 9.60 -22.80
N LEU B 83 14.17 8.42 -22.95
CA LEU B 83 15.33 8.03 -22.18
C LEU B 83 16.53 8.94 -22.44
N ILE B 84 16.79 9.23 -23.71
CA ILE B 84 17.94 10.07 -24.06
C ILE B 84 17.80 11.47 -23.44
N ALA B 85 16.64 12.09 -23.65
CA ALA B 85 16.39 13.42 -23.12
C ALA B 85 16.62 13.49 -21.60
N SER B 86 16.28 12.42 -20.90
CA SER B 86 16.47 12.41 -19.46
C SER B 86 17.91 12.33 -19.02
N PHE B 87 18.67 11.37 -19.55
CA PHE B 87 20.05 11.22 -19.14
C PHE B 87 20.91 12.39 -19.61
N SER B 88 20.49 13.00 -20.72
CA SER B 88 21.24 14.14 -21.25
C SER B 88 21.05 15.34 -20.34
N HIS B 89 19.87 15.47 -19.75
CA HIS B 89 19.61 16.59 -18.85
C HIS B 89 20.23 16.34 -17.47
N ARG B 90 20.45 15.08 -17.13
CA ARG B 90 21.07 14.72 -15.87
C ARG B 90 22.55 14.99 -15.99
N SER B 91 23.03 15.01 -17.22
CA SER B 91 24.44 15.22 -17.51
C SER B 91 24.87 16.68 -17.59
N ILE B 92 23.92 17.60 -17.48
CA ILE B 92 24.29 19.01 -17.56
C ILE B 92 25.48 19.33 -16.65
N ALA B 93 25.61 18.57 -15.58
CA ALA B 93 26.69 18.77 -14.62
C ALA B 93 28.07 18.29 -15.08
N VAL B 94 28.15 17.04 -15.51
CA VAL B 94 29.43 16.47 -15.95
C VAL B 94 30.10 17.24 -17.08
N LYS B 95 31.42 17.06 -17.19
CA LYS B 95 32.24 17.71 -18.20
C LYS B 95 31.96 17.12 -19.57
N ASP B 96 32.98 16.53 -20.18
CA ASP B 96 32.81 15.94 -21.50
C ASP B 96 32.23 14.54 -21.34
N GLY B 97 30.93 14.46 -21.05
CA GLY B 97 30.31 13.16 -20.89
C GLY B 97 28.88 13.15 -20.40
N ILE B 98 28.40 11.97 -20.06
CA ILE B 98 27.04 11.80 -19.56
C ILE B 98 27.08 10.99 -18.28
N LEU B 99 26.06 11.18 -17.45
CA LEU B 99 25.98 10.47 -16.17
C LEU B 99 24.85 9.44 -16.24
N LEU B 100 25.22 8.16 -16.28
CA LEU B 100 24.24 7.09 -16.37
C LEU B 100 23.51 6.87 -15.04
N ALA B 101 22.23 6.56 -15.12
CA ALA B 101 21.39 6.34 -13.94
C ALA B 101 21.94 5.31 -12.95
N THR B 102 23.03 4.65 -13.31
CA THR B 102 23.64 3.66 -12.44
C THR B 102 24.75 4.32 -11.63
N GLY B 103 25.10 5.54 -12.00
CA GLY B 103 26.12 6.27 -11.28
C GLY B 103 27.44 6.37 -12.00
N LEU B 104 27.62 5.54 -13.04
CA LEU B 104 28.86 5.55 -13.80
C LEU B 104 28.90 6.70 -14.80
N HIS B 105 30.11 7.13 -15.18
CA HIS B 105 30.28 8.21 -16.15
C HIS B 105 30.82 7.63 -17.45
N VAL B 106 30.71 8.42 -18.51
CA VAL B 106 31.21 8.00 -19.82
C VAL B 106 31.68 9.26 -20.53
N HIS B 107 32.95 9.31 -20.91
CA HIS B 107 33.48 10.49 -21.57
C HIS B 107 33.72 10.36 -23.07
N ARG B 108 33.86 11.53 -23.71
CA ARG B 108 34.09 11.64 -25.14
C ARG B 108 34.94 10.53 -25.72
N ASN B 109 36.18 10.40 -25.25
CA ASN B 109 37.09 9.38 -25.76
C ASN B 109 36.57 7.96 -25.61
N SER B 110 36.04 7.63 -24.43
CA SER B 110 35.52 6.30 -24.16
C SER B 110 34.54 5.86 -25.22
N ALA B 111 33.68 6.79 -25.64
CA ALA B 111 32.68 6.48 -26.65
C ALA B 111 33.38 6.23 -27.98
N HIS B 112 34.38 7.05 -28.30
CA HIS B 112 35.12 6.87 -29.55
C HIS B 112 35.78 5.51 -29.59
N SER B 113 36.51 5.20 -28.53
CA SER B 113 37.19 3.92 -28.44
C SER B 113 36.19 2.77 -28.51
N ALA B 114 34.95 3.07 -28.17
CA ALA B 114 33.88 2.06 -28.20
C ALA B 114 33.27 2.08 -29.60
N GLY B 115 33.72 3.04 -30.40
CA GLY B 115 33.24 3.19 -31.75
C GLY B 115 31.88 3.84 -31.83
N VAL B 116 31.45 4.45 -30.73
CA VAL B 116 30.15 5.11 -30.72
C VAL B 116 30.29 6.61 -30.53
N GLY B 117 31.44 7.15 -30.92
CA GLY B 117 31.61 8.58 -30.81
C GLY B 117 30.65 9.11 -31.86
N ALA B 118 30.74 10.39 -32.19
CA ALA B 118 29.86 10.95 -33.21
C ALA B 118 28.40 11.02 -32.77
N ILE B 119 27.78 9.88 -32.48
CA ILE B 119 26.40 9.93 -32.03
C ILE B 119 26.45 10.36 -30.55
N PHE B 120 27.53 10.01 -29.88
CA PHE B 120 27.71 10.37 -28.50
C PHE B 120 28.12 11.84 -28.44
N ASP B 121 28.91 12.28 -29.41
CA ASP B 121 29.36 13.65 -29.45
C ASP B 121 28.27 14.63 -29.80
N ARG B 122 27.31 14.21 -30.61
CA ARG B 122 26.24 15.11 -30.97
C ARG B 122 25.22 15.20 -29.86
N VAL B 123 25.20 14.17 -29.00
CA VAL B 123 24.31 14.14 -27.86
C VAL B 123 24.82 15.24 -26.93
N LEU B 124 26.14 15.28 -26.82
CA LEU B 124 26.82 16.26 -25.97
C LEU B 124 26.66 17.70 -26.42
N THR B 125 26.54 17.95 -27.72
CA THR B 125 26.39 19.33 -28.14
C THR B 125 25.00 19.73 -28.49
N GLU B 126 24.21 18.78 -29.00
CA GLU B 126 22.82 19.05 -29.40
C GLU B 126 21.81 18.94 -28.26
N LEU B 127 22.21 18.24 -27.19
CA LEU B 127 21.33 18.06 -26.04
C LEU B 127 21.91 18.63 -24.75
N VAL B 128 22.92 17.98 -24.20
CA VAL B 128 23.51 18.47 -22.98
C VAL B 128 23.99 19.91 -23.12
N SER B 129 25.05 20.11 -23.88
CA SER B 129 25.59 21.44 -24.10
C SER B 129 24.50 22.49 -24.36
N LYS B 130 23.37 22.09 -24.94
CA LYS B 130 22.30 23.04 -25.24
C LYS B 130 21.38 23.27 -24.08
N MET B 131 21.17 22.24 -23.26
CA MET B 131 20.28 22.34 -22.09
C MET B 131 20.97 23.15 -21.03
N ARG B 132 22.28 22.99 -20.94
CA ARG B 132 23.08 23.74 -19.98
C ARG B 132 22.97 25.22 -20.28
N ASP B 133 23.26 25.58 -21.52
CA ASP B 133 23.22 26.96 -21.97
C ASP B 133 21.97 27.72 -21.53
N MET B 134 20.79 27.22 -21.89
CA MET B 134 19.57 27.90 -21.52
C MET B 134 19.02 27.48 -20.16
N GLN B 135 19.79 26.65 -19.45
CA GLN B 135 19.40 26.17 -18.12
C GLN B 135 17.97 25.63 -18.02
N MET B 136 17.55 24.77 -18.94
CA MET B 136 16.19 24.27 -18.86
C MET B 136 15.99 23.49 -17.57
N ASP B 137 14.86 23.74 -16.92
CA ASP B 137 14.54 23.09 -15.65
C ASP B 137 13.74 21.79 -15.78
N LYS B 138 13.75 21.01 -14.70
CA LYS B 138 13.06 19.72 -14.65
C LYS B 138 11.62 19.78 -15.07
N THR B 139 11.03 20.98 -15.04
CA THR B 139 9.64 21.13 -15.45
C THR B 139 9.60 21.19 -16.98
N GLU B 140 10.53 21.93 -17.55
CA GLU B 140 10.59 22.04 -18.99
C GLU B 140 11.00 20.70 -19.56
N LEU B 141 11.96 20.03 -18.91
CA LEU B 141 12.41 18.73 -19.36
C LEU B 141 11.21 17.82 -19.44
N GLY B 142 10.51 17.69 -18.33
CA GLY B 142 9.32 16.87 -18.26
C GLY B 142 8.28 17.23 -19.29
N CYS B 143 8.15 18.52 -19.61
CA CYS B 143 7.16 18.93 -20.60
C CYS B 143 7.55 18.52 -22.01
N LEU B 144 8.85 18.57 -22.33
CA LEU B 144 9.31 18.16 -23.64
C LEU B 144 9.06 16.67 -23.76
N ARG B 145 9.52 15.93 -22.76
CA ARG B 145 9.35 14.48 -22.79
C ARG B 145 7.89 14.09 -22.89
N ALA B 146 7.02 14.83 -22.23
CA ALA B 146 5.59 14.55 -22.27
C ALA B 146 5.11 14.78 -23.68
N ILE B 147 5.62 15.84 -24.31
CA ILE B 147 5.27 16.16 -25.68
C ILE B 147 5.73 14.96 -26.51
N VAL B 148 6.99 14.57 -26.29
CA VAL B 148 7.56 13.44 -26.99
C VAL B 148 6.68 12.21 -26.85
N LEU B 149 6.19 11.96 -25.62
CA LEU B 149 5.34 10.81 -25.35
C LEU B 149 4.01 10.78 -26.07
N PHE B 150 3.31 11.92 -26.11
CA PHE B 150 2.01 11.98 -26.78
C PHE B 150 2.12 12.23 -28.28
N ASN B 151 2.43 11.18 -29.04
CA ASN B 151 2.56 11.27 -30.50
C ASN B 151 1.39 10.55 -31.19
N PRO B 152 0.45 11.32 -31.75
CA PRO B 152 -0.73 10.81 -32.45
C PRO B 152 -0.40 9.92 -33.63
N ASP B 153 0.80 10.09 -34.17
CA ASP B 153 1.23 9.33 -35.33
C ASP B 153 1.72 7.91 -35.12
N SER B 154 1.81 7.45 -33.89
CA SER B 154 2.24 6.07 -33.65
C SER B 154 1.13 5.22 -34.28
N LYS B 155 1.49 4.11 -34.93
CA LYS B 155 0.47 3.28 -35.56
C LYS B 155 -0.18 2.31 -34.60
N GLY B 156 -1.46 2.03 -34.84
CA GLY B 156 -2.19 1.10 -34.00
C GLY B 156 -2.98 1.76 -32.90
N LEU B 157 -2.68 3.03 -32.66
CA LEU B 157 -3.35 3.82 -31.63
C LEU B 157 -4.86 3.71 -31.71
N SER B 158 -5.51 3.56 -30.54
CA SER B 158 -6.97 3.45 -30.44
C SER B 158 -7.63 4.79 -30.73
N ASN B 159 -7.06 5.86 -30.19
CA ASN B 159 -7.60 7.18 -30.38
C ASN B 159 -6.49 8.18 -30.64
N PRO B 160 -6.21 8.46 -31.93
CA PRO B 160 -5.16 9.42 -32.26
C PRO B 160 -5.54 10.79 -31.75
N ALA B 161 -6.83 11.10 -31.86
CA ALA B 161 -7.37 12.38 -31.43
C ALA B 161 -7.08 12.70 -29.96
N GLU B 162 -7.32 11.73 -29.07
CA GLU B 162 -7.06 11.93 -27.66
C GLU B 162 -5.60 12.27 -27.50
N VAL B 163 -4.76 11.42 -28.04
CA VAL B 163 -3.31 11.64 -27.96
C VAL B 163 -2.97 13.01 -28.54
N GLU B 164 -3.62 13.39 -29.63
CA GLU B 164 -3.39 14.70 -30.24
C GLU B 164 -3.65 15.82 -29.20
N ALA B 165 -4.88 15.82 -28.68
CA ALA B 165 -5.35 16.79 -27.69
C ALA B 165 -4.49 16.89 -26.46
N LEU B 166 -4.10 15.75 -25.90
CA LEU B 166 -3.27 15.76 -24.72
C LEU B 166 -1.99 16.51 -25.04
N ARG B 167 -1.40 16.20 -26.17
CA ARG B 167 -0.17 16.85 -26.56
C ARG B 167 -0.36 18.35 -26.66
N GLU B 168 -1.46 18.77 -27.27
CA GLU B 168 -1.69 20.20 -27.40
C GLU B 168 -1.83 20.86 -26.04
N LYS B 169 -2.25 20.10 -25.04
CA LYS B 169 -2.40 20.64 -23.70
C LYS B 169 -1.02 20.90 -23.08
N VAL B 170 -0.07 20.00 -23.32
CA VAL B 170 1.27 20.20 -22.80
C VAL B 170 1.85 21.45 -23.45
N TYR B 171 1.47 21.68 -24.71
CA TYR B 171 1.94 22.86 -25.43
C TYR B 171 1.43 24.07 -24.68
N ALA B 172 0.15 24.03 -24.36
CA ALA B 172 -0.49 25.13 -23.63
C ALA B 172 0.15 25.34 -22.24
N SER B 173 0.23 24.26 -21.46
CA SER B 173 0.78 24.35 -20.12
C SER B 173 2.22 24.83 -20.09
N LEU B 174 3.00 24.41 -21.08
CA LEU B 174 4.41 24.79 -21.11
C LEU B 174 4.58 26.24 -21.55
N GLU B 175 3.89 26.62 -22.62
CA GLU B 175 4.01 27.98 -23.11
C GLU B 175 3.72 28.91 -21.97
N ALA B 176 2.68 28.56 -21.20
CA ALA B 176 2.26 29.34 -20.03
C ALA B 176 3.44 29.44 -19.05
N TYR B 177 3.86 28.30 -18.51
CA TYR B 177 4.95 28.28 -17.55
C TYR B 177 6.13 29.14 -18.01
N CYS B 178 6.43 29.09 -19.30
CA CYS B 178 7.55 29.87 -19.83
C CYS B 178 7.28 31.37 -19.81
N LYS B 179 6.13 31.79 -20.31
CA LYS B 179 5.77 33.20 -20.33
C LYS B 179 5.78 33.75 -18.91
N HIS B 180 5.56 32.88 -17.94
CA HIS B 180 5.54 33.30 -16.56
C HIS B 180 6.93 33.27 -15.94
N LYS B 181 7.37 32.09 -15.53
CA LYS B 181 8.67 31.92 -14.91
C LYS B 181 9.83 32.64 -15.63
N TYR B 182 9.66 32.92 -16.92
CA TYR B 182 10.69 33.59 -17.70
C TYR B 182 10.08 34.65 -18.62
N PRO B 183 9.62 35.79 -18.06
CA PRO B 183 9.03 36.84 -18.89
C PRO B 183 10.06 37.56 -19.76
N GLU B 184 11.27 37.71 -19.21
CA GLU B 184 12.35 38.39 -19.91
C GLU B 184 12.95 37.54 -21.03
N GLN B 185 12.33 36.39 -21.30
CA GLN B 185 12.77 35.48 -22.35
C GLN B 185 11.58 35.16 -23.22
N PRO B 186 11.23 36.10 -24.11
CA PRO B 186 10.09 35.99 -25.03
C PRO B 186 10.03 34.70 -25.87
N GLY B 187 11.14 34.34 -26.51
CA GLY B 187 11.12 33.14 -27.33
C GLY B 187 11.57 31.84 -26.68
N ARG B 188 11.67 31.79 -25.36
CA ARG B 188 12.10 30.58 -24.68
C ARG B 188 11.30 29.33 -25.10
N PHE B 189 9.97 29.43 -25.11
CA PHE B 189 9.13 28.31 -25.49
C PHE B 189 9.59 27.71 -26.80
N ALA B 190 9.76 28.58 -27.80
CA ALA B 190 10.19 28.16 -29.12
C ALA B 190 11.61 27.59 -29.13
N LYS B 191 12.47 28.15 -28.31
CA LYS B 191 13.85 27.70 -28.24
C LYS B 191 13.93 26.28 -27.67
N LEU B 192 12.98 25.97 -26.80
CA LEU B 192 12.90 24.68 -26.14
C LEU B 192 12.49 23.61 -27.15
N LEU B 193 11.49 23.91 -27.94
CA LEU B 193 11.00 22.98 -28.94
C LEU B 193 12.01 22.70 -30.04
N LEU B 194 12.91 23.65 -30.28
CA LEU B 194 13.92 23.50 -31.30
C LEU B 194 14.75 22.24 -31.10
N ARG B 195 14.75 21.72 -29.89
CA ARG B 195 15.50 20.49 -29.59
C ARG B 195 14.88 19.27 -30.24
N LEU B 196 13.56 19.23 -30.31
CA LEU B 196 12.85 18.11 -30.87
C LEU B 196 13.46 17.48 -32.11
N PRO B 197 13.65 18.26 -33.19
CA PRO B 197 14.24 17.70 -34.41
C PRO B 197 15.59 17.02 -34.19
N ALA B 198 16.48 17.66 -33.44
CA ALA B 198 17.79 17.07 -33.19
C ALA B 198 17.68 15.82 -32.33
N LEU B 199 16.75 15.83 -31.37
CA LEU B 199 16.53 14.70 -30.49
C LEU B 199 16.06 13.50 -31.33
N ARG B 200 15.37 13.79 -32.43
CA ARG B 200 14.84 12.74 -33.32
C ARG B 200 15.95 12.03 -34.09
N SER B 201 16.83 12.79 -34.71
CA SER B 201 17.93 12.18 -35.44
C SER B 201 18.73 11.31 -34.45
N ILE B 202 19.12 11.89 -33.30
CA ILE B 202 19.89 11.15 -32.30
C ILE B 202 19.16 9.88 -31.92
N GLY B 203 17.86 9.98 -31.78
CA GLY B 203 17.08 8.81 -31.44
C GLY B 203 17.34 7.78 -32.50
N LEU B 204 17.03 8.13 -33.74
CA LEU B 204 17.22 7.24 -34.88
C LEU B 204 18.61 6.62 -34.93
N LYS B 205 19.66 7.39 -34.70
CA LYS B 205 20.98 6.81 -34.78
C LYS B 205 21.27 5.84 -33.65
N CYS B 206 20.69 6.10 -32.49
CA CYS B 206 20.91 5.22 -31.34
C CYS B 206 20.27 3.86 -31.57
N LEU B 207 19.12 3.86 -32.24
CA LEU B 207 18.46 2.61 -32.53
C LEU B 207 19.29 1.81 -33.51
N GLU B 208 19.89 2.50 -34.48
CA GLU B 208 20.72 1.83 -35.45
C GLU B 208 21.86 1.11 -34.78
N HIS B 209 22.65 1.82 -33.98
CA HIS B 209 23.77 1.20 -33.27
C HIS B 209 23.28 0.06 -32.40
N LEU B 210 22.15 0.28 -31.75
CA LEU B 210 21.59 -0.72 -30.86
C LEU B 210 21.29 -2.03 -31.59
N PHE B 211 20.60 -1.94 -32.73
CA PHE B 211 20.26 -3.13 -33.51
C PHE B 211 21.52 -3.82 -34.01
N PHE B 212 22.53 -3.03 -34.36
CA PHE B 212 23.78 -3.59 -34.83
C PHE B 212 24.42 -4.41 -33.71
N PHE B 213 24.52 -3.81 -32.51
CA PHE B 213 25.10 -4.48 -31.36
C PHE B 213 24.30 -5.69 -30.95
N LYS B 214 23.01 -5.71 -31.27
CA LYS B 214 22.19 -6.86 -30.90
C LYS B 214 22.52 -8.07 -31.76
N LEU B 215 22.61 -7.86 -33.06
CA LEU B 215 22.93 -8.95 -33.99
C LEU B 215 24.32 -9.51 -33.79
N ILE B 216 25.30 -8.64 -33.51
CA ILE B 216 26.67 -9.08 -33.33
C ILE B 216 26.91 -9.90 -32.07
N GLY B 217 25.89 -10.06 -31.23
CA GLY B 217 26.10 -10.79 -29.99
C GLY B 217 26.96 -9.87 -29.15
N ASP B 218 27.69 -10.40 -28.17
CA ASP B 218 28.55 -9.57 -27.32
C ASP B 218 27.78 -8.41 -26.70
N THR B 219 28.44 -7.59 -25.88
CA THR B 219 27.80 -6.46 -25.22
C THR B 219 26.33 -6.81 -24.93
N PRO B 220 26.11 -7.69 -23.94
CA PRO B 220 24.78 -8.15 -23.54
C PRO B 220 23.78 -7.05 -23.26
N ILE B 221 22.53 -7.27 -23.66
CA ILE B 221 21.48 -6.31 -23.41
C ILE B 221 20.36 -7.00 -22.62
N ASP B 222 20.21 -6.61 -21.35
CA ASP B 222 19.20 -7.19 -20.47
C ASP B 222 17.84 -7.20 -21.13
N THR B 223 16.91 -7.93 -20.53
CA THR B 223 15.55 -8.00 -21.07
C THR B 223 15.04 -6.56 -21.12
N PHE B 224 13.75 -6.41 -21.42
CA PHE B 224 13.13 -5.09 -21.52
C PHE B 224 13.79 -4.27 -22.62
N LEU B 225 15.10 -4.07 -22.54
CA LEU B 225 15.81 -3.35 -23.60
C LEU B 225 15.70 -4.24 -24.83
N MET B 226 15.74 -5.55 -24.59
CA MET B 226 15.63 -6.54 -25.65
C MET B 226 14.19 -6.57 -26.16
N GLU B 227 13.23 -6.36 -25.27
CA GLU B 227 11.82 -6.38 -25.66
C GLU B 227 11.37 -5.10 -26.37
N MET B 228 12.24 -4.09 -26.38
CA MET B 228 11.92 -2.83 -27.05
C MET B 228 12.61 -2.80 -28.41
N LEU B 229 13.60 -3.69 -28.58
CA LEU B 229 14.37 -3.77 -29.80
C LEU B 229 13.94 -4.91 -30.73
N GLU B 230 12.63 -5.14 -30.85
CA GLU B 230 12.18 -6.22 -31.73
C GLU B 230 11.46 -5.73 -32.99
N ALA B 231 12.03 -4.71 -33.62
CA ALA B 231 11.51 -4.11 -34.86
C ALA B 231 10.04 -3.68 -34.80
N PRO B 232 9.78 -2.35 -34.72
CA PRO B 232 8.43 -1.80 -34.65
C PRO B 232 7.70 -1.80 -36.01
N ASN C 1 -4.92 -11.85 3.13
CA ASN C 1 -5.71 -11.65 1.88
C ASN C 1 -6.62 -10.42 1.99
N GLU C 2 -7.90 -10.65 2.25
CA GLU C 2 -8.86 -9.55 2.37
C GLU C 2 -8.63 -8.70 3.63
N ASP C 3 -7.40 -8.26 3.83
CA ASP C 3 -7.05 -7.44 4.99
C ASP C 3 -7.19 -8.20 6.31
N MET C 4 -8.27 -8.96 6.44
CA MET C 4 -8.50 -9.75 7.64
C MET C 4 -8.57 -11.22 7.30
N PRO C 5 -7.50 -11.77 6.72
CA PRO C 5 -7.47 -13.20 6.35
C PRO C 5 -7.83 -14.14 7.49
N VAL C 6 -9.03 -14.71 7.41
CA VAL C 6 -9.50 -15.64 8.41
C VAL C 6 -8.43 -16.70 8.60
N GLU C 7 -7.54 -16.79 7.63
CA GLU C 7 -6.47 -17.76 7.67
C GLU C 7 -5.42 -17.37 8.70
N ARG C 8 -5.22 -16.08 8.90
CA ARG C 8 -4.22 -15.67 9.86
C ARG C 8 -4.75 -15.69 11.29
N ILE C 9 -6.04 -15.45 11.46
CA ILE C 9 -6.64 -15.45 12.79
C ILE C 9 -6.57 -16.81 13.47
N LEU C 10 -6.85 -17.87 12.72
CA LEU C 10 -6.84 -19.22 13.28
C LEU C 10 -5.43 -19.66 13.64
N GLU C 11 -4.45 -19.03 12.99
CA GLU C 11 -3.06 -19.35 13.28
C GLU C 11 -2.65 -18.66 14.57
N ALA C 12 -3.12 -17.43 14.76
CA ALA C 12 -2.81 -16.67 15.97
C ALA C 12 -3.39 -17.43 17.14
N GLU C 13 -4.56 -18.03 16.95
CA GLU C 13 -5.18 -18.81 18.00
C GLU C 13 -4.41 -20.09 18.25
N LEU C 14 -3.87 -20.68 17.18
CA LEU C 14 -3.10 -21.92 17.28
C LEU C 14 -1.63 -21.76 17.71
N ALA C 15 -1.17 -20.52 17.84
CA ALA C 15 0.21 -20.29 18.25
C ALA C 15 0.31 -20.27 19.76
N VAL C 16 -0.77 -19.84 20.39
CA VAL C 16 -0.82 -19.72 21.84
C VAL C 16 -2.03 -20.47 22.40
N GLU C 17 -2.23 -21.71 21.97
CA GLU C 17 -3.38 -22.50 22.44
C GLU C 17 -3.58 -22.52 23.97
N PRO C 18 -2.52 -22.77 24.75
CA PRO C 18 -1.10 -23.03 24.46
C PRO C 18 -0.86 -24.09 23.38
N LYS C 19 -1.25 -25.33 23.68
CA LYS C 19 -1.09 -26.41 22.74
C LYS C 19 -0.58 -27.69 23.38
N THR C 20 0.59 -27.59 24.02
CA THR C 20 1.18 -28.75 24.68
C THR C 20 2.13 -28.34 25.78
N GLU C 21 2.19 -29.15 26.83
CA GLU C 21 3.08 -28.88 27.95
C GLU C 21 2.44 -28.08 29.08
N THR C 22 1.73 -27.02 28.73
CA THR C 22 1.08 -26.18 29.72
C THR C 22 0.20 -26.93 30.70
N TYR C 23 -0.35 -28.07 30.27
CA TYR C 23 -1.22 -28.85 31.13
C TYR C 23 -0.59 -30.12 31.68
N VAL C 24 0.74 -30.18 31.64
CA VAL C 24 1.44 -31.35 32.15
C VAL C 24 1.97 -31.14 33.56
N GLU C 25 2.09 -29.88 33.95
CA GLU C 25 2.58 -29.54 35.27
C GLU C 25 1.46 -29.27 36.26
N ALA C 26 0.25 -29.10 35.75
CA ALA C 26 -0.91 -28.85 36.59
C ALA C 26 -1.74 -30.10 36.75
N ASN C 27 -1.81 -30.88 35.67
CA ASN C 27 -2.56 -32.12 35.69
C ASN C 27 -1.62 -33.30 35.80
N MET C 28 -0.43 -33.03 36.31
CA MET C 28 0.57 -34.08 36.49
C MET C 28 1.43 -33.84 37.73
N GLY C 29 0.87 -33.12 38.70
CA GLY C 29 1.60 -32.84 39.93
C GLY C 29 2.45 -31.58 39.85
N LEU C 30 2.66 -30.93 40.99
CA LEU C 30 3.46 -29.71 41.01
C LEU C 30 2.99 -28.66 41.99
N ASN C 31 3.24 -27.40 41.65
CA ASN C 31 2.84 -26.29 42.52
C ASN C 31 3.87 -26.03 43.62
N PRO C 32 4.83 -25.15 43.35
CA PRO C 32 5.84 -24.84 44.33
C PRO C 32 5.29 -24.27 45.62
N SER C 33 5.42 -25.03 46.70
CA SER C 33 4.92 -24.57 47.99
C SER C 33 3.50 -25.01 48.24
N SER C 34 2.58 -24.59 47.35
CA SER C 34 1.18 -24.97 47.49
C SER C 34 0.20 -23.98 46.88
N PRO C 35 -0.93 -24.51 46.39
CA PRO C 35 -1.95 -23.67 45.78
C PRO C 35 -3.29 -24.39 45.70
N ASN C 36 -4.19 -24.03 46.60
CA ASN C 36 -5.51 -24.66 46.61
C ASN C 36 -6.65 -23.67 46.53
N ASP C 37 -6.33 -22.38 46.55
CA ASP C 37 -7.36 -21.36 46.46
C ASP C 37 -7.77 -21.16 45.03
N PRO C 38 -8.97 -21.62 44.62
CA PRO C 38 -9.47 -21.48 43.25
C PRO C 38 -9.18 -20.10 42.65
N VAL C 39 -9.46 -19.09 43.46
CA VAL C 39 -9.26 -17.69 43.09
C VAL C 39 -7.81 -17.40 42.78
N THR C 40 -6.92 -17.90 43.61
CA THR C 40 -5.49 -17.68 43.42
C THR C 40 -4.99 -18.41 42.16
N ASN C 41 -5.35 -19.68 42.04
CA ASN C 41 -4.95 -20.45 40.88
C ASN C 41 -5.43 -19.74 39.64
N ILE C 42 -6.69 -19.29 39.67
CA ILE C 42 -7.26 -18.59 38.53
C ILE C 42 -6.45 -17.33 38.27
N CYS C 43 -6.03 -16.65 39.35
CA CYS C 43 -5.25 -15.45 39.19
C CYS C 43 -3.84 -15.66 38.67
N GLN C 44 -3.22 -16.76 39.04
CA GLN C 44 -1.86 -17.07 38.55
C GLN C 44 -1.98 -17.41 37.09
N ALA C 45 -3.07 -18.09 36.73
CA ALA C 45 -3.32 -18.50 35.35
C ALA C 45 -3.49 -17.25 34.51
N ALA C 46 -4.39 -16.37 34.93
CA ALA C 46 -4.67 -15.13 34.22
C ALA C 46 -3.40 -14.32 33.98
N ASP C 47 -2.49 -14.33 34.96
CA ASP C 47 -1.25 -13.59 34.82
C ASP C 47 -0.45 -14.26 33.71
N LYS C 48 -0.42 -15.60 33.74
CA LYS C 48 0.31 -16.41 32.76
C LYS C 48 -0.14 -16.11 31.33
N GLN C 49 -1.45 -16.27 31.07
CA GLN C 49 -2.04 -16.05 29.77
C GLN C 49 -2.05 -14.60 29.32
N LEU C 50 -1.78 -13.70 30.26
CA LEU C 50 -1.77 -12.28 29.95
C LEU C 50 -0.59 -12.04 29.02
N PHE C 51 0.41 -12.90 29.13
CA PHE C 51 1.59 -12.78 28.27
C PHE C 51 1.26 -13.37 26.91
N THR C 52 0.74 -14.59 26.90
CA THR C 52 0.41 -15.24 25.65
C THR C 52 -0.56 -14.33 24.89
N LEU C 53 -1.38 -13.59 25.64
CA LEU C 53 -2.35 -12.68 25.06
C LEU C 53 -1.63 -11.63 24.23
N VAL C 54 -0.49 -11.15 24.72
CA VAL C 54 0.25 -10.15 23.97
C VAL C 54 0.72 -10.79 22.67
N GLU C 55 1.24 -12.01 22.76
CA GLU C 55 1.71 -12.72 21.58
C GLU C 55 0.57 -12.73 20.58
N TRP C 56 -0.57 -13.24 21.05
CA TRP C 56 -1.76 -13.36 20.25
C TRP C 56 -2.05 -12.12 19.45
N ALA C 57 -2.51 -11.10 20.15
CA ALA C 57 -2.85 -9.82 19.54
C ALA C 57 -1.89 -9.47 18.41
N LYS C 58 -0.60 -9.61 18.68
CA LYS C 58 0.42 -9.30 17.69
C LYS C 58 0.26 -10.04 16.37
N ARG C 59 -0.24 -11.28 16.43
CA ARG C 59 -0.42 -12.08 15.22
C ARG C 59 -1.73 -11.77 14.52
N ILE C 60 -2.60 -11.01 15.18
CA ILE C 60 -3.86 -10.67 14.54
C ILE C 60 -3.53 -9.62 13.50
N PRO C 61 -3.77 -9.93 12.22
CA PRO C 61 -3.46 -8.97 11.16
C PRO C 61 -3.81 -7.49 11.44
N HIS C 62 -2.83 -6.63 11.22
CA HIS C 62 -2.96 -5.18 11.40
C HIS C 62 -2.85 -4.62 12.81
N PHE C 63 -2.94 -5.47 13.81
CA PHE C 63 -2.83 -5.01 15.20
C PHE C 63 -1.54 -4.25 15.42
N SER C 64 -0.41 -4.91 15.12
CA SER C 64 0.92 -4.33 15.33
C SER C 64 1.21 -3.07 14.52
N GLU C 65 0.45 -2.84 13.46
CA GLU C 65 0.65 -1.68 12.62
C GLU C 65 0.04 -0.43 13.25
N LEU C 66 -0.75 -0.64 14.30
CA LEU C 66 -1.39 0.47 15.01
C LEU C 66 -0.33 1.14 15.90
N PRO C 67 -0.54 2.43 16.24
CA PRO C 67 0.41 3.16 17.10
C PRO C 67 0.59 2.38 18.39
N LEU C 68 1.79 2.44 18.98
CA LEU C 68 2.04 1.71 20.21
C LEU C 68 1.00 2.05 21.27
N ASP C 69 0.65 3.33 21.35
CA ASP C 69 -0.33 3.78 22.33
C ASP C 69 -1.64 3.01 22.17
N ASP C 70 -2.13 2.92 20.93
CA ASP C 70 -3.38 2.22 20.64
C ASP C 70 -3.40 0.76 21.08
N GLN C 71 -2.34 0.01 20.77
CA GLN C 71 -2.28 -1.40 21.17
C GLN C 71 -2.46 -1.52 22.67
N VAL C 72 -1.68 -0.74 23.42
CA VAL C 72 -1.75 -0.73 24.87
C VAL C 72 -3.19 -0.43 25.29
N ILE C 73 -3.79 0.57 24.66
CA ILE C 73 -5.15 0.93 24.98
C ILE C 73 -6.13 -0.23 24.80
N LEU C 74 -6.16 -0.78 23.58
CA LEU C 74 -7.06 -1.89 23.26
C LEU C 74 -6.87 -3.12 24.15
N LEU C 75 -5.63 -3.48 24.44
CA LEU C 75 -5.37 -4.62 25.30
C LEU C 75 -5.76 -4.37 26.75
N ARG C 76 -5.61 -3.12 27.20
CA ARG C 76 -5.99 -2.75 28.57
C ARG C 76 -7.50 -2.85 28.63
N ALA C 77 -8.13 -2.33 27.59
CA ALA C 77 -9.57 -2.30 27.46
C ALA C 77 -10.25 -3.67 27.52
N GLY C 78 -9.84 -4.60 26.66
CA GLY C 78 -10.50 -5.89 26.65
C GLY C 78 -9.77 -7.13 27.13
N TRP C 79 -8.68 -6.98 27.87
CA TRP C 79 -7.97 -8.17 28.32
C TRP C 79 -8.84 -9.20 29.04
N ASN C 80 -9.75 -8.77 29.91
CA ASN C 80 -10.54 -9.75 30.62
C ASN C 80 -11.58 -10.46 29.74
N GLU C 81 -12.16 -9.78 28.77
CA GLU C 81 -13.13 -10.46 27.92
C GLU C 81 -12.36 -11.43 27.06
N LEU C 82 -11.25 -10.97 26.50
CA LEU C 82 -10.41 -11.83 25.66
C LEU C 82 -9.96 -13.07 26.42
N LEU C 83 -9.43 -12.88 27.61
CA LEU C 83 -8.97 -14.00 28.44
C LEU C 83 -10.11 -14.96 28.80
N ILE C 84 -11.24 -14.42 29.22
CA ILE C 84 -12.36 -15.25 29.59
C ILE C 84 -12.81 -16.10 28.39
N ALA C 85 -13.08 -15.45 27.25
CA ALA C 85 -13.52 -16.17 26.06
C ALA C 85 -12.58 -17.31 25.70
N SER C 86 -11.29 -17.14 25.92
CA SER C 86 -10.34 -18.20 25.58
C SER C 86 -10.40 -19.39 26.51
N PHE C 87 -10.32 -19.16 27.82
CA PHE C 87 -10.34 -20.26 28.75
C PHE C 87 -11.70 -20.96 28.76
N SER C 88 -12.75 -20.22 28.41
CA SER C 88 -14.08 -20.82 28.40
C SER C 88 -14.20 -21.77 27.23
N HIS C 89 -13.54 -21.46 26.12
CA HIS C 89 -13.60 -22.30 24.94
C HIS C 89 -12.67 -23.50 25.11
N ARG C 90 -11.66 -23.35 25.94
CA ARG C 90 -10.72 -24.44 26.19
C ARG C 90 -11.40 -25.42 27.12
N SER C 91 -12.42 -24.95 27.82
CA SER C 91 -13.14 -25.76 28.78
C SER C 91 -14.28 -26.56 28.18
N ILE C 92 -14.55 -26.39 26.90
CA ILE C 92 -15.64 -27.14 26.27
C ILE C 92 -15.58 -28.62 26.63
N ALA C 93 -14.37 -29.12 26.83
CA ALA C 93 -14.14 -30.52 27.18
C ALA C 93 -14.54 -30.91 28.61
N VAL C 94 -14.03 -30.20 29.60
CA VAL C 94 -14.31 -30.50 31.00
C VAL C 94 -15.81 -30.52 31.35
N LYS C 95 -16.13 -31.23 32.42
CA LYS C 95 -17.50 -31.37 32.90
C LYS C 95 -17.98 -30.05 33.51
N ASP C 96 -18.29 -30.08 34.81
CA ASP C 96 -18.77 -28.89 35.50
C ASP C 96 -17.57 -28.07 35.93
N GLY C 97 -16.94 -27.38 34.98
CA GLY C 97 -15.79 -26.57 35.30
C GLY C 97 -15.03 -25.96 34.14
N ILE C 98 -13.87 -25.41 34.45
CA ILE C 98 -13.02 -24.78 33.44
C ILE C 98 -11.61 -25.31 33.56
N LEU C 99 -10.87 -25.25 32.46
CA LEU C 99 -9.50 -25.74 32.44
C LEU C 99 -8.53 -24.57 32.34
N LEU C 100 -7.85 -24.25 33.42
CA LEU C 100 -6.91 -23.14 33.43
C LEU C 100 -5.63 -23.47 32.64
N ALA C 101 -5.10 -22.45 31.96
CA ALA C 101 -3.90 -22.59 31.13
C ALA C 101 -2.70 -23.20 31.85
N THR C 102 -2.82 -23.41 33.16
CA THR C 102 -1.75 -23.97 33.94
C THR C 102 -1.92 -25.49 34.03
N GLY C 103 -3.11 -25.96 33.64
CA GLY C 103 -3.37 -27.38 33.66
C GLY C 103 -4.33 -27.81 34.75
N LEU C 104 -4.53 -26.94 35.73
CA LEU C 104 -5.41 -27.24 36.85
C LEU C 104 -6.88 -27.08 36.46
N HIS C 105 -7.76 -27.78 37.16
CA HIS C 105 -9.20 -27.68 36.91
C HIS C 105 -9.87 -26.95 38.07
N VAL C 106 -11.11 -26.51 37.85
CA VAL C 106 -11.87 -25.83 38.88
C VAL C 106 -13.33 -26.16 38.62
N HIS C 107 -14.00 -26.74 39.61
CA HIS C 107 -15.39 -27.14 39.45
C HIS C 107 -16.41 -26.27 40.18
N ARG C 108 -17.65 -26.40 39.73
CA ARG C 108 -18.79 -25.68 40.28
C ARG C 108 -18.69 -25.41 41.78
N ASN C 109 -18.64 -26.47 42.58
CA ASN C 109 -18.58 -26.31 44.03
C ASN C 109 -17.36 -25.53 44.53
N SER C 110 -16.19 -25.81 43.97
CA SER C 110 -14.96 -25.13 44.38
C SER C 110 -15.13 -23.62 44.29
N ALA C 111 -15.78 -23.16 43.23
CA ALA C 111 -16.00 -21.74 43.05
C ALA C 111 -16.94 -21.23 44.14
N HIS C 112 -18.00 -21.99 44.41
CA HIS C 112 -18.96 -21.59 45.44
C HIS C 112 -18.27 -21.46 46.79
N SER C 113 -17.53 -22.49 47.16
CA SER C 113 -16.82 -22.50 48.43
C SER C 113 -15.82 -21.35 48.46
N ALA C 114 -15.42 -20.89 47.28
CA ALA C 114 -14.48 -19.78 47.18
C ALA C 114 -15.28 -18.48 47.18
N GLY C 115 -16.60 -18.62 47.16
CA GLY C 115 -17.49 -17.48 47.15
C GLY C 115 -17.58 -16.81 45.81
N VAL C 116 -17.11 -17.48 44.76
CA VAL C 116 -17.16 -16.91 43.43
C VAL C 116 -18.06 -17.72 42.51
N GLY C 117 -19.02 -18.43 43.09
CA GLY C 117 -19.95 -19.18 42.27
C GLY C 117 -20.75 -18.10 41.59
N ALA C 118 -21.87 -18.43 40.96
CA ALA C 118 -22.68 -17.41 40.31
C ALA C 118 -22.01 -16.77 39.10
N ILE C 119 -20.88 -16.11 39.31
CA ILE C 119 -20.20 -15.52 38.16
C ILE C 119 -19.48 -16.68 37.44
N PHE C 120 -19.10 -17.69 38.22
CA PHE C 120 -18.44 -18.85 37.67
C PHE C 120 -19.50 -19.72 36.99
N ASP C 121 -20.67 -19.78 37.59
CA ASP C 121 -21.75 -20.59 37.05
C ASP C 121 -22.32 -20.05 35.77
N ARG C 122 -22.33 -18.73 35.61
CA ARG C 122 -22.87 -18.15 34.40
C ARG C 122 -21.86 -18.25 33.27
N VAL C 123 -20.59 -18.38 33.64
CA VAL C 123 -19.52 -18.53 32.67
C VAL C 123 -19.76 -19.90 32.05
N LEU C 124 -20.10 -20.85 32.92
CA LEU C 124 -20.37 -22.22 32.52
C LEU C 124 -21.57 -22.39 31.60
N THR C 125 -22.62 -21.58 31.78
CA THR C 125 -23.78 -21.76 30.94
C THR C 125 -23.89 -20.77 29.81
N GLU C 126 -23.36 -19.55 30.02
CA GLU C 126 -23.43 -18.49 29.01
C GLU C 126 -22.27 -18.53 28.01
N LEU C 127 -21.18 -19.19 28.39
CA LEU C 127 -20.02 -19.31 27.51
C LEU C 127 -19.69 -20.76 27.13
N VAL C 128 -19.16 -21.52 28.08
CA VAL C 128 -18.80 -22.90 27.81
C VAL C 128 -20.00 -23.69 27.28
N SER C 129 -20.96 -23.95 28.14
CA SER C 129 -22.15 -24.68 27.74
C SER C 129 -22.73 -24.23 26.40
N LYS C 130 -22.55 -22.95 26.05
CA LYS C 130 -23.07 -22.44 24.79
C LYS C 130 -22.15 -22.67 23.61
N MET C 131 -20.84 -22.65 23.85
CA MET C 131 -19.86 -22.87 22.79
C MET C 131 -19.86 -24.35 22.41
N ARG C 132 -20.07 -25.20 23.41
CA ARG C 132 -20.12 -26.63 23.20
C ARG C 132 -21.28 -26.93 22.28
N ASP C 133 -22.46 -26.47 22.67
CA ASP C 133 -23.66 -26.69 21.89
C ASP C 133 -23.53 -26.47 20.39
N MET C 134 -23.08 -25.29 19.99
CA MET C 134 -22.94 -25.00 18.56
C MET C 134 -21.56 -25.37 18.02
N GLN C 135 -20.74 -25.98 18.86
CA GLN C 135 -19.40 -26.41 18.48
C GLN C 135 -18.56 -25.33 17.79
N MET C 136 -18.50 -24.11 18.35
CA MET C 136 -17.73 -23.09 17.67
C MET C 136 -16.26 -23.49 17.60
N ASP C 137 -15.65 -23.27 16.44
CA ASP C 137 -14.25 -23.63 16.22
C ASP C 137 -13.24 -22.53 16.52
N LYS C 138 -11.99 -22.93 16.67
CA LYS C 138 -10.90 -22.00 16.99
C LYS C 138 -10.83 -20.81 16.08
N THR C 139 -11.43 -20.92 14.90
CA THR C 139 -11.42 -19.82 13.96
C THR C 139 -12.49 -18.82 14.40
N GLU C 140 -13.66 -19.33 14.75
CA GLU C 140 -14.75 -18.47 15.18
C GLU C 140 -14.35 -17.84 16.50
N LEU C 141 -13.73 -18.63 17.38
CA LEU C 141 -13.31 -18.13 18.68
C LEU C 141 -12.40 -16.94 18.45
N GLY C 142 -11.36 -17.15 17.66
CA GLY C 142 -10.42 -16.07 17.35
C GLY C 142 -11.10 -14.88 16.71
N CYS C 143 -12.11 -15.10 15.90
CA CYS C 143 -12.79 -13.98 15.25
C CYS C 143 -13.60 -13.15 16.26
N LEU C 144 -14.23 -13.81 17.23
CA LEU C 144 -14.99 -13.09 18.23
C LEU C 144 -14.02 -12.28 19.04
N ARG C 145 -12.96 -12.93 19.53
CA ARG C 145 -11.97 -12.23 20.31
C ARG C 145 -11.37 -11.06 19.58
N ALA C 146 -11.16 -11.21 18.28
CA ALA C 146 -10.59 -10.14 17.46
C ALA C 146 -11.58 -9.00 17.44
N ILE C 147 -12.86 -9.35 17.30
CA ILE C 147 -13.91 -8.36 17.30
C ILE C 147 -13.82 -7.66 18.65
N VAL C 148 -13.77 -8.45 19.71
CA VAL C 148 -13.66 -7.93 21.06
C VAL C 148 -12.49 -6.96 21.17
N LEU C 149 -11.35 -7.33 20.59
CA LEU C 149 -10.14 -6.50 20.65
C LEU C 149 -10.24 -5.14 19.93
N PHE C 150 -10.82 -5.11 18.74
CA PHE C 150 -10.94 -3.86 18.01
C PHE C 150 -12.18 -3.08 18.41
N ASN C 151 -12.10 -2.37 19.53
CA ASN C 151 -13.21 -1.55 20.03
C ASN C 151 -12.87 -0.06 19.90
N PRO C 152 -13.48 0.63 18.91
CA PRO C 152 -13.29 2.05 18.63
C PRO C 152 -13.61 2.95 19.82
N ASP C 153 -14.45 2.45 20.72
CA ASP C 153 -14.87 3.23 21.88
C ASP C 153 -13.93 3.34 23.06
N SER C 154 -12.78 2.66 23.00
CA SER C 154 -11.83 2.77 24.10
C SER C 154 -11.38 4.24 24.06
N LYS C 155 -11.21 4.86 25.23
CA LYS C 155 -10.80 6.26 25.26
C LYS C 155 -9.29 6.44 25.10
N GLY C 156 -8.89 7.54 24.46
CA GLY C 156 -7.49 7.83 24.27
C GLY C 156 -6.95 7.36 22.93
N LEU C 157 -7.72 6.51 22.27
CA LEU C 157 -7.33 5.97 20.97
C LEU C 157 -6.88 7.05 19.99
N SER C 158 -5.80 6.76 19.26
CA SER C 158 -5.24 7.68 18.28
C SER C 158 -6.14 7.78 17.06
N ASN C 159 -6.64 6.63 16.61
CA ASN C 159 -7.50 6.59 15.44
C ASN C 159 -8.67 5.66 15.66
N PRO C 160 -9.80 6.19 16.12
CA PRO C 160 -10.99 5.35 16.36
C PRO C 160 -11.44 4.74 15.04
N ALA C 161 -11.35 5.51 13.96
CA ALA C 161 -11.75 5.08 12.63
C ALA C 161 -11.02 3.82 12.15
N GLU C 162 -9.70 3.77 12.32
CA GLU C 162 -8.94 2.61 11.92
C GLU C 162 -9.47 1.41 12.69
N VAL C 163 -9.52 1.55 14.01
CA VAL C 163 -10.03 0.48 14.86
C VAL C 163 -11.43 0.09 14.41
N GLU C 164 -12.25 1.07 14.06
CA GLU C 164 -13.61 0.80 13.59
C GLU C 164 -13.57 -0.14 12.36
N ALA C 165 -12.84 0.32 11.33
CA ALA C 165 -12.68 -0.39 10.07
C ALA C 165 -12.14 -1.80 10.22
N LEU C 166 -11.11 -1.97 11.03
CA LEU C 166 -10.54 -3.29 11.23
C LEU C 166 -11.62 -4.21 11.75
N ARG C 167 -12.37 -3.72 12.74
CA ARG C 167 -13.42 -4.52 13.32
C ARG C 167 -14.43 -4.92 12.26
N GLU C 168 -14.84 -3.98 11.41
CA GLU C 168 -15.80 -4.31 10.39
C GLU C 168 -15.25 -5.36 9.43
N LYS C 169 -13.93 -5.44 9.31
CA LYS C 169 -13.32 -6.43 8.42
C LYS C 169 -13.47 -7.84 9.03
N VAL C 170 -13.29 -7.95 10.35
CA VAL C 170 -13.44 -9.24 11.01
C VAL C 170 -14.91 -9.67 10.83
N TYR C 171 -15.83 -8.71 10.85
CA TYR C 171 -17.23 -9.01 10.65
C TYR C 171 -17.38 -9.63 9.26
N ALA C 172 -16.76 -9.00 8.29
CA ALA C 172 -16.81 -9.49 6.91
C ALA C 172 -16.17 -10.88 6.78
N SER C 173 -14.94 -11.02 7.26
CA SER C 173 -14.24 -12.29 7.16
C SER C 173 -14.94 -13.42 7.87
N LEU C 174 -15.56 -13.13 9.00
CA LEU C 174 -16.25 -14.17 9.76
C LEU C 174 -17.57 -14.57 9.10
N GLU C 175 -18.36 -13.58 8.71
CA GLU C 175 -19.64 -13.87 8.08
C GLU C 175 -19.38 -14.79 6.91
N ALA C 176 -18.32 -14.48 6.18
CA ALA C 176 -17.91 -15.26 5.03
C ALA C 176 -17.64 -16.70 5.45
N TYR C 177 -16.61 -16.90 6.29
CA TYR C 177 -16.27 -18.23 6.78
C TYR C 177 -17.50 -19.03 7.21
N CYS C 178 -18.44 -18.37 7.88
CA CYS C 178 -19.65 -19.05 8.34
C CYS C 178 -20.55 -19.48 7.19
N LYS C 179 -20.84 -18.57 6.27
CA LYS C 179 -21.70 -18.87 5.13
C LYS C 179 -21.10 -20.02 4.33
N HIS C 180 -19.78 -20.16 4.41
CA HIS C 180 -19.10 -21.22 3.70
C HIS C 180 -19.05 -22.51 4.51
N LYS C 181 -18.10 -22.61 5.44
CA LYS C 181 -17.94 -23.79 6.27
C LYS C 181 -19.23 -24.34 6.84
N TYR C 182 -20.27 -23.51 6.95
CA TYR C 182 -21.55 -23.94 7.49
C TYR C 182 -22.71 -23.37 6.69
N PRO C 183 -22.96 -23.88 5.47
CA PRO C 183 -24.05 -23.38 4.65
C PRO C 183 -25.43 -23.77 5.20
N GLU C 184 -25.50 -24.97 5.78
CA GLU C 184 -26.75 -25.48 6.34
C GLU C 184 -27.12 -24.81 7.65
N GLN C 185 -26.35 -23.78 8.03
CA GLN C 185 -26.59 -23.03 9.25
C GLN C 185 -26.64 -21.54 8.90
N PRO C 186 -27.78 -21.11 8.34
CA PRO C 186 -28.04 -19.74 7.91
C PRO C 186 -27.74 -18.64 8.95
N GLY C 187 -28.23 -18.81 10.16
CA GLY C 187 -28.00 -17.79 11.18
C GLY C 187 -26.82 -17.98 12.11
N ARG C 188 -25.92 -18.89 11.77
CA ARG C 188 -24.76 -19.14 12.64
C ARG C 188 -24.01 -17.85 13.01
N PHE C 189 -23.69 -17.03 12.01
CA PHE C 189 -22.97 -15.79 12.24
C PHE C 189 -23.62 -15.00 13.37
N ALA C 190 -24.93 -14.81 13.25
CA ALA C 190 -25.68 -14.06 14.24
C ALA C 190 -25.70 -14.75 15.60
N LYS C 191 -25.76 -16.07 15.59
CA LYS C 191 -25.80 -16.83 16.83
C LYS C 191 -24.50 -16.69 17.60
N LEU C 192 -23.42 -16.52 16.84
CA LEU C 192 -22.08 -16.40 17.39
C LEU C 192 -21.95 -15.07 18.14
N LEU C 193 -22.41 -14.00 17.49
CA LEU C 193 -22.34 -12.66 18.05
C LEU C 193 -23.21 -12.49 19.29
N LEU C 194 -24.26 -13.30 19.40
CA LEU C 194 -25.16 -13.22 20.54
C LEU C 194 -24.40 -13.40 21.85
N ARG C 195 -23.21 -13.98 21.77
CA ARG C 195 -22.42 -14.18 22.99
C ARG C 195 -21.89 -12.86 23.55
N LEU C 196 -21.53 -11.95 22.65
CA LEU C 196 -20.96 -10.68 23.05
C LEU C 196 -21.58 -10.03 24.27
N PRO C 197 -22.89 -9.77 24.26
CA PRO C 197 -23.54 -9.15 25.42
C PRO C 197 -23.31 -9.90 26.73
N ALA C 198 -23.45 -11.22 26.70
CA ALA C 198 -23.27 -12.01 27.92
C ALA C 198 -21.83 -12.01 28.38
N LEU C 199 -20.92 -12.00 27.40
CA LEU C 199 -19.47 -11.98 27.69
C LEU C 199 -19.11 -10.64 28.38
N ARG C 200 -19.88 -9.59 28.07
CA ARG C 200 -19.66 -8.27 28.65
C ARG C 200 -20.02 -8.23 30.13
N SER C 201 -21.22 -8.69 30.46
CA SER C 201 -21.62 -8.70 31.86
C SER C 201 -20.60 -9.51 32.66
N ILE C 202 -20.30 -10.73 32.20
CA ILE C 202 -19.35 -11.59 32.91
C ILE C 202 -18.03 -10.87 33.07
N GLY C 203 -17.60 -10.17 32.02
CA GLY C 203 -16.37 -9.42 32.12
C GLY C 203 -16.49 -8.47 33.31
N LEU C 204 -17.50 -7.63 33.27
CA LEU C 204 -17.76 -6.65 34.33
C LEU C 204 -17.78 -7.25 35.72
N LYS C 205 -18.43 -8.39 35.89
CA LYS C 205 -18.48 -8.98 37.22
C LYS C 205 -17.13 -9.51 37.65
N CYS C 206 -16.35 -9.99 36.70
CA CYS C 206 -15.04 -10.53 37.04
C CYS C 206 -14.11 -9.45 37.54
N LEU C 207 -14.23 -8.27 36.95
CA LEU C 207 -13.41 -7.14 37.37
C LEU C 207 -13.81 -6.73 38.77
N GLU C 208 -15.10 -6.76 39.04
CA GLU C 208 -15.57 -6.41 40.38
C GLU C 208 -14.94 -7.30 41.44
N HIS C 209 -15.09 -8.61 41.28
CA HIS C 209 -14.51 -9.55 42.24
C HIS C 209 -13.02 -9.34 42.33
N LEU C 210 -12.39 -9.12 41.18
CA LEU C 210 -10.95 -8.93 41.14
C LEU C 210 -10.47 -7.75 41.99
N PHE C 211 -11.13 -6.61 41.84
CA PHE C 211 -10.78 -5.42 42.60
C PHE C 211 -11.03 -5.63 44.08
N PHE C 212 -12.08 -6.38 44.40
CA PHE C 212 -12.39 -6.67 45.79
C PHE C 212 -11.25 -7.48 46.39
N PHE C 213 -10.87 -8.57 45.71
CA PHE C 213 -9.78 -9.44 46.17
C PHE C 213 -8.47 -8.71 46.25
N LYS C 214 -8.30 -7.66 45.46
CA LYS C 214 -7.05 -6.92 45.48
C LYS C 214 -6.95 -6.09 46.76
N LEU C 215 -8.00 -5.39 47.11
CA LEU C 215 -8.02 -4.57 48.31
C LEU C 215 -7.89 -5.38 49.59
N ILE C 216 -8.56 -6.52 49.62
CA ILE C 216 -8.54 -7.36 50.81
C ILE C 216 -7.18 -8.01 51.10
N GLY C 217 -6.22 -7.83 50.21
CA GLY C 217 -4.94 -8.47 50.43
C GLY C 217 -5.22 -9.95 50.20
N ASP C 218 -4.39 -10.85 50.72
CA ASP C 218 -4.61 -12.29 50.53
C ASP C 218 -4.72 -12.65 49.05
N THR C 219 -4.89 -13.94 48.74
CA THR C 219 -5.01 -14.39 47.36
C THR C 219 -4.15 -13.49 46.46
N PRO C 220 -2.83 -13.64 46.54
CA PRO C 220 -1.86 -12.86 45.77
C PRO C 220 -2.11 -12.83 44.27
N ILE C 221 -1.89 -11.66 43.68
CA ILE C 221 -2.04 -11.52 42.23
C ILE C 221 -0.72 -11.02 41.64
N ASP C 222 -0.06 -11.91 40.89
CA ASP C 222 1.22 -11.60 40.25
C ASP C 222 1.16 -10.27 39.52
N THR C 223 2.32 -9.77 39.14
CA THR C 223 2.39 -8.52 38.41
C THR C 223 1.54 -8.70 37.15
N PHE C 224 1.61 -7.74 36.24
CA PHE C 224 0.84 -7.80 35.00
C PHE C 224 -0.65 -7.84 35.29
N LEU C 225 -1.10 -8.82 36.07
CA LEU C 225 -2.52 -8.88 36.43
C LEU C 225 -2.75 -7.65 37.32
N MET C 226 -1.72 -7.32 38.09
CA MET C 226 -1.77 -6.17 38.99
C MET C 226 -1.70 -4.89 38.16
N GLU C 227 -0.94 -4.92 37.06
CA GLU C 227 -0.80 -3.76 36.21
C GLU C 227 -2.01 -3.51 35.31
N MET C 228 -2.94 -4.45 35.27
CA MET C 228 -4.14 -4.30 34.46
C MET C 228 -5.30 -3.90 35.37
N LEU C 229 -5.09 -4.07 36.67
CA LEU C 229 -6.10 -3.75 37.66
C LEU C 229 -5.87 -2.41 38.38
N GLU C 230 -5.42 -1.39 37.66
CA GLU C 230 -5.18 -0.10 38.29
C GLU C 230 -6.19 0.99 37.88
N ALA C 231 -7.46 0.62 37.84
CA ALA C 231 -8.56 1.52 37.48
C ALA C 231 -8.37 2.27 36.16
N PRO C 232 -9.14 1.86 35.11
CA PRO C 232 -9.07 2.49 33.79
C PRO C 232 -9.78 3.85 33.71
N ASN D 1 13.03 -16.60 12.62
CA ASN D 1 13.40 -17.02 14.01
C ASN D 1 14.65 -17.89 14.00
N GLU D 2 14.47 -19.21 14.10
CA GLU D 2 15.59 -20.14 14.12
C GLU D 2 16.30 -20.23 12.77
N ASP D 3 16.67 -19.09 12.20
CA ASP D 3 17.35 -19.03 10.90
C ASP D 3 16.46 -19.53 9.77
N MET D 4 15.74 -20.62 10.00
CA MET D 4 14.84 -21.17 8.99
C MET D 4 13.41 -21.19 9.50
N PRO D 5 12.88 -20.03 9.85
CA PRO D 5 11.51 -19.93 10.35
C PRO D 5 10.49 -20.61 9.47
N VAL D 6 9.99 -21.75 9.92
CA VAL D 6 8.98 -22.49 9.17
C VAL D 6 7.83 -21.55 8.82
N GLU D 7 7.81 -20.43 9.53
CA GLU D 7 6.78 -19.43 9.32
C GLU D 7 7.00 -18.66 8.00
N ARG D 8 8.26 -18.48 7.62
CA ARG D 8 8.51 -17.76 6.40
C ARG D 8 8.37 -18.68 5.17
N ILE D 9 8.69 -19.96 5.32
CA ILE D 9 8.58 -20.88 4.20
C ILE D 9 7.17 -21.02 3.69
N LEU D 10 6.21 -21.14 4.59
CA LEU D 10 4.82 -21.31 4.17
C LEU D 10 4.27 -20.04 3.52
N GLU D 11 4.92 -18.92 3.80
CA GLU D 11 4.49 -17.67 3.21
C GLU D 11 5.03 -17.60 1.79
N ALA D 12 6.25 -18.09 1.61
CA ALA D 12 6.88 -18.08 0.30
C ALA D 12 6.04 -18.96 -0.62
N GLU D 13 5.51 -20.04 -0.06
CA GLU D 13 4.67 -20.94 -0.81
C GLU D 13 3.33 -20.28 -1.12
N LEU D 14 2.83 -19.48 -0.18
CA LEU D 14 1.54 -18.81 -0.34
C LEU D 14 1.57 -17.52 -1.16
N ALA D 15 2.76 -17.05 -1.51
CA ALA D 15 2.87 -15.82 -2.29
C ALA D 15 2.73 -16.13 -3.76
N VAL D 16 3.17 -17.32 -4.15
CA VAL D 16 3.15 -17.77 -5.53
C VAL D 16 2.42 -19.10 -5.69
N GLU D 17 1.23 -19.21 -5.08
CA GLU D 17 0.47 -20.45 -5.15
C GLU D 17 0.31 -21.06 -6.55
N PRO D 18 -0.07 -20.25 -7.56
CA PRO D 18 -0.39 -18.81 -7.61
C PRO D 18 -1.35 -18.32 -6.53
N LYS D 19 -2.59 -18.82 -6.58
CA LYS D 19 -3.57 -18.43 -5.59
C LYS D 19 -4.93 -18.13 -6.21
N THR D 20 -4.95 -17.18 -7.13
CA THR D 20 -6.20 -16.81 -7.79
C THR D 20 -5.96 -16.17 -9.15
N GLU D 21 -6.87 -16.41 -10.07
CA GLU D 21 -6.75 -15.85 -11.41
C GLU D 21 -6.03 -16.73 -12.42
N THR D 22 -4.91 -17.31 -12.02
CA THR D 22 -4.14 -18.17 -12.90
C THR D 22 -4.92 -19.31 -13.53
N TYR D 23 -5.99 -19.75 -12.85
CA TYR D 23 -6.80 -20.84 -13.37
C TYR D 23 -8.16 -20.41 -13.92
N VAL D 24 -8.30 -19.11 -14.21
CA VAL D 24 -9.56 -18.60 -14.75
C VAL D 24 -9.51 -18.46 -16.26
N GLU D 25 -8.29 -18.41 -16.80
CA GLU D 25 -8.12 -18.27 -18.25
C GLU D 25 -7.89 -19.61 -18.93
N ALA D 26 -7.59 -20.64 -18.15
CA ALA D 26 -7.36 -21.96 -18.70
C ALA D 26 -8.59 -22.84 -18.49
N ASN D 27 -9.25 -22.65 -17.33
CA ASN D 27 -10.44 -23.41 -17.02
C ASN D 27 -11.68 -22.56 -17.25
N MET D 28 -11.52 -21.53 -18.08
CA MET D 28 -12.61 -20.62 -18.40
C MET D 28 -12.54 -20.13 -19.83
N GLY D 29 -11.90 -20.90 -20.70
CA GLY D 29 -11.78 -20.52 -22.10
C GLY D 29 -10.58 -19.64 -22.38
N LEU D 30 -10.06 -19.73 -23.60
CA LEU D 30 -8.89 -18.93 -23.96
C LEU D 30 -7.91 -19.62 -24.87
N ASN D 31 -6.64 -19.25 -24.77
CA ASN D 31 -5.61 -19.84 -25.61
C ASN D 31 -5.50 -19.15 -26.97
N PRO D 32 -4.65 -18.12 -27.05
CA PRO D 32 -4.48 -17.40 -28.30
C PRO D 32 -4.02 -18.26 -29.46
N SER D 33 -4.88 -18.44 -30.45
CA SER D 33 -4.52 -19.25 -31.60
C SER D 33 -4.91 -20.71 -31.43
N SER D 34 -4.37 -21.34 -30.38
CA SER D 34 -4.68 -22.74 -30.13
C SER D 34 -3.60 -23.51 -29.37
N PRO D 35 -4.02 -24.46 -28.54
CA PRO D 35 -3.08 -25.26 -27.78
C PRO D 35 -3.71 -26.56 -27.28
N ASN D 36 -3.39 -27.66 -27.93
CA ASN D 36 -3.96 -28.94 -27.54
C ASN D 36 -2.90 -30.01 -27.27
N ASP D 37 -1.64 -29.67 -27.52
CA ASP D 37 -0.56 -30.61 -27.29
C ASP D 37 -0.20 -30.62 -25.81
N PRO D 38 -0.57 -31.67 -25.08
CA PRO D 38 -0.27 -31.78 -23.65
C PRO D 38 1.16 -31.33 -23.33
N VAL D 39 2.11 -31.79 -24.15
CA VAL D 39 3.51 -31.47 -23.99
C VAL D 39 3.77 -29.97 -24.10
N THR D 40 3.14 -29.34 -25.08
CA THR D 40 3.29 -27.91 -25.28
C THR D 40 2.67 -27.14 -24.11
N ASN D 41 1.42 -27.47 -23.79
CA ASN D 41 0.76 -26.81 -22.67
C ASN D 41 1.62 -26.95 -21.42
N ILE D 42 2.14 -28.14 -21.18
CA ILE D 42 2.96 -28.35 -20.02
C ILE D 42 4.20 -27.48 -20.11
N CYS D 43 4.74 -27.35 -21.32
CA CYS D 43 5.92 -26.52 -21.52
C CYS D 43 5.69 -25.02 -21.35
N GLN D 44 4.51 -24.54 -21.74
CA GLN D 44 4.17 -23.12 -21.58
C GLN D 44 3.99 -22.85 -20.09
N ALA D 45 3.40 -23.81 -19.40
CA ALA D 45 3.17 -23.70 -17.97
C ALA D 45 4.51 -23.62 -17.27
N ALA D 46 5.39 -24.58 -17.56
CA ALA D 46 6.70 -24.62 -16.94
C ALA D 46 7.46 -23.33 -17.13
N ASP D 47 7.29 -22.71 -18.28
CA ASP D 47 7.99 -21.46 -18.54
C ASP D 47 7.38 -20.40 -17.64
N LYS D 48 6.06 -20.41 -17.52
CA LYS D 48 5.32 -19.45 -16.68
C LYS D 48 5.77 -19.50 -15.22
N GLN D 49 5.72 -20.70 -14.62
CA GLN D 49 6.09 -20.94 -13.22
C GLN D 49 7.58 -20.82 -12.96
N LEU D 50 8.36 -20.79 -14.02
CA LEU D 50 9.80 -20.66 -13.90
C LEU D 50 10.07 -19.26 -13.32
N PHE D 51 9.16 -18.33 -13.58
CA PHE D 51 9.29 -16.98 -13.08
C PHE D 51 8.86 -16.95 -11.64
N THR D 52 7.68 -17.48 -11.36
CA THR D 52 7.17 -17.49 -10.00
C THR D 52 8.19 -18.21 -9.13
N LEU D 53 8.89 -19.16 -9.73
CA LEU D 53 9.91 -19.92 -9.00
C LEU D 53 10.99 -18.98 -8.51
N VAL D 54 11.37 -18.00 -9.33
CA VAL D 54 12.39 -17.06 -8.91
C VAL D 54 11.86 -16.27 -7.72
N GLU D 55 10.61 -15.82 -7.81
CA GLU D 55 9.99 -15.08 -6.72
C GLU D 55 10.13 -15.92 -5.46
N TRP D 56 9.63 -17.15 -5.54
CA TRP D 56 9.66 -18.08 -4.44
C TRP D 56 11.00 -18.13 -3.74
N ALA D 57 11.98 -18.74 -4.40
CA ALA D 57 13.33 -18.87 -3.86
C ALA D 57 13.73 -17.64 -3.06
N LYS D 58 13.50 -16.47 -3.63
CA LYS D 58 13.85 -15.20 -3.00
C LYS D 58 13.23 -15.00 -1.62
N ARG D 59 12.03 -15.55 -1.42
CA ARG D 59 11.38 -15.43 -0.11
C ARG D 59 11.83 -16.51 0.86
N ILE D 60 12.54 -17.53 0.37
CA ILE D 60 13.02 -18.55 1.28
C ILE D 60 14.14 -17.91 2.07
N PRO D 61 13.99 -17.81 3.40
CA PRO D 61 15.02 -17.20 4.23
C PRO D 61 16.45 -17.60 3.88
N HIS D 62 17.30 -16.57 3.75
CA HIS D 62 18.73 -16.69 3.46
C HIS D 62 19.14 -16.94 2.02
N PHE D 63 18.18 -17.29 1.16
CA PHE D 63 18.51 -17.56 -0.23
C PHE D 63 19.19 -16.38 -0.85
N SER D 64 18.51 -15.23 -0.80
CA SER D 64 18.99 -13.99 -1.39
C SER D 64 20.30 -13.46 -0.83
N GLU D 65 20.68 -13.92 0.34
CA GLU D 65 21.91 -13.47 0.96
C GLU D 65 23.12 -14.19 0.38
N LEU D 66 22.87 -15.24 -0.40
CA LEU D 66 23.92 -16.00 -1.03
C LEU D 66 24.44 -15.21 -2.22
N PRO D 67 25.70 -15.45 -2.64
CA PRO D 67 26.29 -14.75 -3.78
C PRO D 67 25.39 -14.93 -4.98
N LEU D 68 25.34 -13.94 -5.88
CA LEU D 68 24.49 -14.04 -7.06
C LEU D 68 24.78 -15.31 -7.84
N ASP D 69 26.07 -15.64 -7.96
CA ASP D 69 26.46 -16.85 -8.67
C ASP D 69 25.77 -18.08 -8.09
N ASP D 70 25.82 -18.22 -6.77
CA ASP D 70 25.22 -19.37 -6.09
C ASP D 70 23.73 -19.54 -6.35
N GLN D 71 22.96 -18.46 -6.27
CA GLN D 71 21.52 -18.55 -6.51
C GLN D 71 21.25 -19.11 -7.89
N VAL D 72 21.93 -18.54 -8.88
CA VAL D 72 21.79 -19.00 -10.25
C VAL D 72 22.10 -20.49 -10.33
N ILE D 73 23.19 -20.88 -9.69
CA ILE D 73 23.60 -22.28 -9.67
C ILE D 73 22.53 -23.19 -9.10
N LEU D 74 22.09 -22.91 -7.87
CA LEU D 74 21.06 -23.70 -7.20
C LEU D 74 19.75 -23.81 -7.98
N LEU D 75 19.29 -22.69 -8.55
CA LEU D 75 18.05 -22.70 -9.33
C LEU D 75 18.21 -23.46 -10.65
N ARG D 76 19.39 -23.40 -11.25
CA ARG D 76 19.65 -24.10 -12.49
C ARG D 76 19.58 -25.58 -12.15
N ALA D 77 20.26 -25.91 -11.05
CA ALA D 77 20.36 -27.27 -10.54
C ALA D 77 19.04 -27.98 -10.26
N GLY D 78 18.17 -27.39 -9.45
CA GLY D 78 16.93 -28.08 -9.16
C GLY D 78 15.62 -27.50 -9.65
N TRP D 79 15.62 -26.67 -10.69
CA TRP D 79 14.37 -26.10 -11.16
C TRP D 79 13.31 -27.14 -11.51
N ASN D 80 13.70 -28.24 -12.17
CA ASN D 80 12.70 -29.24 -12.54
C ASN D 80 12.12 -30.03 -11.36
N GLU D 81 12.93 -30.33 -10.35
CA GLU D 81 12.40 -31.04 -9.20
C GLU D 81 11.45 -30.07 -8.46
N LEU D 82 11.92 -28.85 -8.23
CA LEU D 82 11.13 -27.83 -7.56
C LEU D 82 9.80 -27.63 -8.30
N LEU D 83 9.86 -27.46 -9.60
CA LEU D 83 8.66 -27.24 -10.39
C LEU D 83 7.69 -28.43 -10.31
N ILE D 84 8.24 -29.63 -10.48
CA ILE D 84 7.44 -30.85 -10.45
C ILE D 84 6.74 -30.98 -9.11
N ALA D 85 7.51 -30.93 -8.03
CA ALA D 85 6.94 -31.05 -6.69
C ALA D 85 5.78 -30.10 -6.49
N SER D 86 5.87 -28.88 -7.02
CA SER D 86 4.80 -27.91 -6.84
C SER D 86 3.53 -28.22 -7.59
N PHE D 87 3.64 -28.53 -8.87
CA PHE D 87 2.43 -28.81 -9.63
C PHE D 87 1.80 -30.13 -9.24
N SER D 88 2.61 -31.02 -8.70
CA SER D 88 2.11 -32.32 -8.27
C SER D 88 1.29 -32.16 -7.01
N HIS D 89 1.68 -31.23 -6.15
CA HIS D 89 0.96 -30.97 -4.91
C HIS D 89 -0.29 -30.14 -5.19
N ARG D 90 -0.27 -29.38 -6.28
CA ARG D 90 -1.42 -28.58 -6.66
C ARG D 90 -2.47 -29.51 -7.26
N SER D 91 -2.01 -30.66 -7.73
CA SER D 91 -2.89 -31.64 -8.35
C SER D 91 -3.58 -32.61 -7.39
N ILE D 92 -3.25 -32.52 -6.10
CA ILE D 92 -3.87 -33.43 -5.14
C ILE D 92 -5.38 -33.49 -5.33
N ALA D 93 -5.95 -32.40 -5.82
CA ALA D 93 -7.39 -32.29 -6.04
C ALA D 93 -7.91 -33.06 -7.25
N VAL D 94 -7.32 -32.80 -8.42
CA VAL D 94 -7.77 -33.45 -9.66
C VAL D 94 -7.73 -34.98 -9.59
N LYS D 95 -8.54 -35.61 -10.46
CA LYS D 95 -8.64 -37.06 -10.55
C LYS D 95 -7.37 -37.65 -11.16
N ASP D 96 -7.52 -38.29 -12.31
CA ASP D 96 -6.37 -38.89 -12.99
C ASP D 96 -5.66 -37.82 -13.79
N GLY D 97 -4.91 -36.96 -13.12
CA GLY D 97 -4.19 -35.91 -13.84
C GLY D 97 -3.52 -34.86 -12.98
N ILE D 98 -3.04 -33.81 -13.65
CA ILE D 98 -2.37 -32.72 -12.96
C ILE D 98 -3.01 -31.41 -13.40
N LEU D 99 -2.88 -30.40 -12.54
CA LEU D 99 -3.44 -29.07 -12.82
C LEU D 99 -2.31 -28.09 -13.08
N LEU D 100 -2.15 -27.70 -14.35
CA LEU D 100 -1.09 -26.77 -14.70
C LEU D 100 -1.40 -25.35 -14.23
N ALA D 101 -0.34 -24.62 -13.85
CA ALA D 101 -0.45 -23.25 -13.36
C ALA D 101 -1.18 -22.31 -14.29
N THR D 102 -1.50 -22.77 -15.49
CA THR D 102 -2.21 -21.94 -16.45
C THR D 102 -3.71 -22.17 -16.31
N GLY D 103 -4.07 -23.23 -15.59
CA GLY D 103 -5.47 -23.52 -15.38
C GLY D 103 -5.96 -24.74 -16.14
N LEU D 104 -5.17 -25.19 -17.11
CA LEU D 104 -5.53 -26.35 -17.93
C LEU D 104 -5.24 -27.66 -17.19
N HIS D 105 -5.97 -28.71 -17.56
CA HIS D 105 -5.79 -30.03 -16.97
C HIS D 105 -5.15 -30.96 -18.00
N VAL D 106 -4.62 -32.08 -17.50
CA VAL D 106 -4.01 -33.07 -18.35
C VAL D 106 -4.24 -34.41 -17.68
N HIS D 107 -4.89 -35.33 -18.40
CA HIS D 107 -5.19 -36.64 -17.85
C HIS D 107 -4.36 -37.80 -18.38
N ARG D 108 -4.37 -38.88 -17.60
CA ARG D 108 -3.64 -40.09 -17.92
C ARG D 108 -3.53 -40.39 -19.40
N ASN D 109 -4.67 -40.56 -20.07
CA ASN D 109 -4.67 -40.89 -21.49
C ASN D 109 -4.00 -39.84 -22.37
N SER D 110 -4.29 -38.57 -22.12
CA SER D 110 -3.70 -37.48 -22.90
C SER D 110 -2.18 -37.58 -22.95
N ALA D 111 -1.59 -37.92 -21.81
CA ALA D 111 -0.15 -38.05 -21.73
C ALA D 111 0.31 -39.22 -22.59
N HIS D 112 -0.42 -40.33 -22.50
CA HIS D 112 -0.07 -41.53 -23.28
C HIS D 112 -0.12 -41.21 -24.76
N SER D 113 -1.23 -40.63 -25.20
CA SER D 113 -1.40 -40.27 -26.60
C SER D 113 -0.30 -39.29 -27.01
N ALA D 114 0.25 -38.57 -26.04
CA ALA D 114 1.31 -37.61 -26.30
C ALA D 114 2.64 -38.35 -26.23
N GLY D 115 2.57 -39.62 -25.83
CA GLY D 115 3.76 -40.43 -25.74
C GLY D 115 4.56 -40.15 -24.49
N VAL D 116 3.96 -39.44 -23.54
CA VAL D 116 4.66 -39.14 -22.31
C VAL D 116 4.00 -39.79 -21.11
N GLY D 117 3.28 -40.88 -21.35
CA GLY D 117 2.67 -41.58 -20.24
C GLY D 117 3.87 -42.15 -19.49
N ALA D 118 3.64 -43.06 -18.56
CA ALA D 118 4.76 -43.65 -17.83
C ALA D 118 5.47 -42.66 -16.91
N ILE D 119 6.06 -41.62 -17.46
CA ILE D 119 6.74 -40.66 -16.60
C ILE D 119 5.62 -39.83 -15.98
N PHE D 120 4.53 -39.69 -16.73
CA PHE D 120 3.38 -38.93 -16.25
C PHE D 120 2.61 -39.77 -15.24
N ASP D 121 2.58 -41.08 -15.48
CA ASP D 121 1.87 -41.98 -14.60
C ASP D 121 2.57 -42.18 -13.27
N ARG D 122 3.90 -42.13 -13.27
CA ARG D 122 4.63 -42.32 -12.03
C ARG D 122 4.58 -41.05 -11.21
N VAL D 123 4.36 -39.92 -11.88
CA VAL D 123 4.25 -38.63 -11.19
C VAL D 123 2.97 -38.74 -10.39
N LEU D 124 1.95 -39.31 -11.05
CA LEU D 124 0.66 -39.49 -10.44
C LEU D 124 0.64 -40.41 -9.24
N THR D 125 1.48 -41.43 -9.22
CA THR D 125 1.44 -42.35 -8.10
C THR D 125 2.54 -42.12 -7.09
N GLU D 126 3.70 -41.68 -7.55
CA GLU D 126 4.85 -41.44 -6.68
C GLU D 126 4.83 -40.06 -6.00
N LEU D 127 4.08 -39.14 -6.59
CA LEU D 127 3.99 -37.78 -6.04
C LEU D 127 2.56 -37.40 -5.62
N VAL D 128 1.70 -37.13 -6.58
CA VAL D 128 0.34 -36.75 -6.25
C VAL D 128 -0.31 -37.77 -5.34
N SER D 129 -0.60 -38.94 -5.88
CA SER D 129 -1.24 -40.02 -5.12
C SER D 129 -0.61 -40.21 -3.72
N LYS D 130 0.67 -39.91 -3.58
CA LYS D 130 1.34 -40.07 -2.30
C LYS D 130 1.15 -38.87 -1.38
N MET D 131 1.08 -37.67 -1.95
CA MET D 131 0.92 -36.45 -1.17
C MET D 131 -0.50 -36.39 -0.66
N ARG D 132 -1.43 -36.91 -1.46
CA ARG D 132 -2.83 -36.93 -1.09
C ARG D 132 -3.00 -37.81 0.13
N ASP D 133 -2.51 -39.03 0.03
CA ASP D 133 -2.60 -40.00 1.11
C ASP D 133 -2.23 -39.45 2.48
N MET D 134 -1.03 -38.90 2.62
CA MET D 134 -0.61 -38.37 3.90
C MET D 134 -1.00 -36.90 4.11
N GLN D 135 -1.74 -36.35 3.16
CA GLN D 135 -2.20 -34.95 3.23
C GLN D 135 -1.11 -33.94 3.55
N MET D 136 0.04 -34.00 2.89
CA MET D 136 1.10 -33.05 3.22
C MET D 136 0.63 -31.64 2.93
N ASP D 137 0.93 -30.74 3.85
CA ASP D 137 0.53 -29.33 3.76
C ASP D 137 1.55 -28.42 3.08
N LYS D 138 1.07 -27.27 2.63
CA LYS D 138 1.90 -26.29 1.95
C LYS D 138 3.19 -25.95 2.70
N THR D 139 3.21 -26.19 4.00
CA THR D 139 4.39 -25.91 4.80
C THR D 139 5.41 -27.03 4.56
N GLU D 140 4.92 -28.26 4.57
CA GLU D 140 5.78 -29.41 4.33
C GLU D 140 6.26 -29.35 2.90
N LEU D 141 5.35 -29.03 1.98
CA LEU D 141 5.69 -28.93 0.57
C LEU D 141 6.86 -27.97 0.44
N GLY D 142 6.66 -26.75 0.96
CA GLY D 142 7.70 -25.74 0.93
C GLY D 142 8.99 -26.20 1.57
N CYS D 143 8.90 -26.98 2.62
CA CYS D 143 10.12 -27.45 3.28
C CYS D 143 10.89 -28.45 2.44
N LEU D 144 10.17 -29.34 1.74
CA LEU D 144 10.83 -30.32 0.89
C LEU D 144 11.53 -29.58 -0.25
N ARG D 145 10.77 -28.70 -0.91
CA ARG D 145 11.33 -27.94 -2.02
C ARG D 145 12.55 -27.14 -1.58
N ALA D 146 12.50 -26.58 -0.37
CA ALA D 146 13.61 -25.80 0.16
C ALA D 146 14.81 -26.72 0.31
N ILE D 147 14.53 -27.93 0.80
CA ILE D 147 15.58 -28.91 0.98
C ILE D 147 16.17 -29.17 -0.40
N VAL D 148 15.27 -29.43 -1.35
CA VAL D 148 15.65 -29.68 -2.73
C VAL D 148 16.53 -28.54 -3.25
N LEU D 149 16.14 -27.30 -2.93
CA LEU D 149 16.89 -26.12 -3.37
C LEU D 149 18.31 -26.00 -2.84
N PHE D 150 18.48 -26.25 -1.54
CA PHE D 150 19.82 -26.14 -0.95
C PHE D 150 20.63 -27.41 -1.08
N ASN D 151 21.23 -27.61 -2.26
CA ASN D 151 22.05 -28.79 -2.54
C ASN D 151 23.54 -28.41 -2.66
N PRO D 152 24.32 -28.70 -1.63
CA PRO D 152 25.75 -28.41 -1.56
C PRO D 152 26.55 -29.00 -2.71
N ASP D 153 26.01 -30.06 -3.31
CA ASP D 153 26.70 -30.75 -4.40
C ASP D 153 26.65 -30.14 -5.80
N SER D 154 25.91 -29.06 -5.98
CA SER D 154 25.87 -28.43 -7.30
C SER D 154 27.30 -27.95 -7.52
N LYS D 155 27.80 -28.07 -8.75
CA LYS D 155 29.17 -27.65 -9.02
C LYS D 155 29.28 -26.16 -9.29
N GLY D 156 30.40 -25.59 -8.89
CA GLY D 156 30.63 -24.17 -9.11
C GLY D 156 30.27 -23.29 -7.94
N LEU D 157 29.54 -23.87 -6.99
CA LEU D 157 29.11 -23.17 -5.79
C LEU D 157 30.25 -22.48 -5.09
N SER D 158 29.99 -21.25 -4.64
CA SER D 158 30.99 -20.44 -3.94
C SER D 158 31.25 -20.96 -2.54
N ASN D 159 30.18 -21.36 -1.86
CA ASN D 159 30.30 -21.88 -0.50
C ASN D 159 29.39 -23.09 -0.31
N PRO D 160 29.93 -24.29 -0.50
CA PRO D 160 29.13 -25.50 -0.34
C PRO D 160 28.67 -25.61 1.08
N ALA D 161 29.55 -25.22 2.01
CA ALA D 161 29.28 -25.27 3.44
C ALA D 161 28.02 -24.49 3.83
N GLU D 162 27.90 -23.25 3.35
CA GLU D 162 26.74 -22.43 3.65
C GLU D 162 25.50 -23.16 3.19
N VAL D 163 25.52 -23.57 1.92
CA VAL D 163 24.40 -24.31 1.36
C VAL D 163 24.12 -25.57 2.19
N GLU D 164 25.19 -26.24 2.64
CA GLU D 164 25.04 -27.43 3.48
C GLU D 164 24.23 -27.08 4.75
N ALA D 165 24.75 -26.12 5.51
CA ALA D 165 24.14 -25.64 6.74
C ALA D 165 22.68 -25.19 6.60
N LEU D 166 22.40 -24.39 5.58
CA LEU D 166 21.04 -23.94 5.38
C LEU D 166 20.12 -25.14 5.25
N ARG D 167 20.55 -26.11 4.46
CA ARG D 167 19.74 -27.29 4.26
C ARG D 167 19.51 -28.01 5.59
N GLU D 168 20.54 -28.13 6.41
CA GLU D 168 20.37 -28.81 7.69
C GLU D 168 19.39 -28.05 8.57
N LYS D 169 19.26 -26.75 8.36
CA LYS D 169 18.32 -25.96 9.14
C LYS D 169 16.89 -26.29 8.76
N VAL D 170 16.64 -26.49 7.46
CA VAL D 170 15.29 -26.85 7.00
C VAL D 170 14.96 -28.21 7.60
N TYR D 171 15.97 -29.07 7.71
CA TYR D 171 15.74 -30.38 8.30
C TYR D 171 15.27 -30.17 9.73
N ALA D 172 15.97 -29.30 10.45
CA ALA D 172 15.63 -29.00 11.84
C ALA D 172 14.23 -28.38 11.94
N SER D 173 13.99 -27.32 11.18
CA SER D 173 12.69 -26.66 11.22
C SER D 173 11.53 -27.56 10.85
N LEU D 174 11.74 -28.44 9.88
CA LEU D 174 10.66 -29.33 9.45
C LEU D 174 10.40 -30.42 10.48
N GLU D 175 11.47 -31.06 10.96
CA GLU D 175 11.30 -32.13 11.92
C GLU D 175 10.49 -31.58 13.07
N ALA D 176 10.81 -30.35 13.44
CA ALA D 176 10.12 -29.69 14.53
C ALA D 176 8.64 -29.59 14.19
N TYR D 177 8.32 -28.83 13.17
CA TYR D 177 6.93 -28.66 12.75
C TYR D 177 6.16 -29.97 12.74
N CYS D 178 6.82 -31.05 12.31
CA CYS D 178 6.14 -32.34 12.25
C CYS D 178 5.86 -32.93 13.62
N LYS D 179 6.89 -32.95 14.47
CA LYS D 179 6.73 -33.48 15.83
C LYS D 179 5.64 -32.71 16.55
N HIS D 180 5.41 -31.48 16.13
CA HIS D 180 4.40 -30.66 16.76
C HIS D 180 3.03 -30.87 16.14
N LYS D 181 2.80 -30.20 15.01
CA LYS D 181 1.53 -30.27 14.29
C LYS D 181 0.99 -31.69 14.13
N TYR D 182 1.86 -32.68 14.20
CA TYR D 182 1.44 -34.08 14.07
C TYR D 182 2.15 -34.97 15.06
N PRO D 183 1.78 -34.91 16.36
CA PRO D 183 2.43 -35.74 17.38
C PRO D 183 2.06 -37.22 17.26
N GLU D 184 0.82 -37.46 16.85
CA GLU D 184 0.31 -38.82 16.70
C GLU D 184 0.85 -39.51 15.46
N GLN D 185 1.79 -38.84 14.79
CA GLN D 185 2.45 -39.38 13.59
C GLN D 185 3.95 -39.30 13.78
N PRO D 186 4.50 -40.24 14.57
CA PRO D 186 5.93 -40.34 14.88
C PRO D 186 6.90 -40.30 13.70
N GLY D 187 6.64 -41.10 12.66
CA GLY D 187 7.56 -41.11 11.54
C GLY D 187 7.20 -40.24 10.36
N ARG D 188 6.29 -39.30 10.54
CA ARG D 188 5.90 -38.41 9.44
C ARG D 188 7.10 -37.75 8.75
N PHE D 189 8.00 -37.16 9.54
CA PHE D 189 9.17 -36.49 8.98
C PHE D 189 9.87 -37.40 7.98
N ALA D 190 10.16 -38.62 8.41
CA ALA D 190 10.84 -39.59 7.56
C ALA D 190 10.02 -40.01 6.35
N LYS D 191 8.70 -40.07 6.51
CA LYS D 191 7.82 -40.47 5.43
C LYS D 191 7.81 -39.40 4.36
N LEU D 192 8.01 -38.17 4.79
CA LEU D 192 8.01 -37.02 3.90
C LEU D 192 9.24 -37.07 3.02
N LEU D 193 10.39 -37.29 3.64
CA LEU D 193 11.65 -37.36 2.93
C LEU D 193 11.74 -38.50 1.94
N LEU D 194 10.98 -39.56 2.19
CA LEU D 194 11.00 -40.72 1.33
C LEU D 194 10.67 -40.35 -0.11
N ARG D 195 10.03 -39.20 -0.29
CA ARG D 195 9.67 -38.75 -1.62
C ARG D 195 10.88 -38.34 -2.45
N LEU D 196 11.86 -37.73 -1.79
CA LEU D 196 13.06 -37.27 -2.47
C LEU D 196 13.62 -38.20 -3.55
N PRO D 197 13.96 -39.44 -3.20
CA PRO D 197 14.50 -40.34 -4.21
C PRO D 197 13.61 -40.51 -5.44
N ALA D 198 12.30 -40.65 -5.23
CA ALA D 198 11.40 -40.83 -6.36
C ALA D 198 11.29 -39.57 -7.18
N LEU D 199 11.37 -38.42 -6.50
CA LEU D 199 11.27 -37.12 -7.16
C LEU D 199 12.49 -36.93 -8.05
N ARG D 200 13.60 -37.52 -7.65
CA ARG D 200 14.83 -37.42 -8.43
C ARG D 200 14.76 -38.16 -9.75
N SER D 201 14.32 -39.41 -9.70
CA SER D 201 14.21 -40.18 -10.92
C SER D 201 13.27 -39.44 -11.89
N ILE D 202 12.10 -39.05 -11.39
CA ILE D 202 11.12 -38.35 -12.21
C ILE D 202 11.75 -37.11 -12.81
N GLY D 203 12.55 -36.43 -12.00
CA GLY D 203 13.20 -35.24 -12.49
C GLY D 203 14.02 -35.62 -13.71
N LEU D 204 14.92 -36.58 -13.50
CA LEU D 204 15.81 -37.05 -14.54
C LEU D 204 15.06 -37.46 -15.81
N LYS D 205 13.96 -38.19 -15.69
CA LYS D 205 13.23 -38.60 -16.88
C LYS D 205 12.58 -37.43 -17.59
N CYS D 206 12.13 -36.42 -16.84
CA CYS D 206 11.51 -35.25 -17.44
C CYS D 206 12.49 -34.46 -18.27
N LEU D 207 13.74 -34.38 -17.82
CA LEU D 207 14.77 -33.66 -18.56
C LEU D 207 15.05 -34.42 -19.86
N GLU D 208 15.09 -35.74 -19.78
CA GLU D 208 15.33 -36.54 -20.96
C GLU D 208 14.30 -36.24 -22.04
N HIS D 209 13.03 -36.38 -21.71
CA HIS D 209 11.96 -36.09 -22.66
C HIS D 209 12.08 -34.68 -23.18
N LEU D 210 12.35 -33.74 -22.27
CA LEU D 210 12.47 -32.34 -22.61
C LEU D 210 13.54 -32.09 -23.67
N PHE D 211 14.73 -32.66 -23.48
CA PHE D 211 15.82 -32.50 -24.42
C PHE D 211 15.48 -33.14 -25.75
N PHE D 212 14.74 -34.24 -25.71
CA PHE D 212 14.34 -34.92 -26.93
C PHE D 212 13.42 -34.02 -27.72
N PHE D 213 12.40 -33.49 -27.05
CA PHE D 213 11.44 -32.58 -27.68
C PHE D 213 12.08 -31.30 -28.19
N LYS D 214 13.21 -30.92 -27.60
CA LYS D 214 13.87 -29.70 -28.03
C LYS D 214 14.56 -29.90 -29.35
N LEU D 215 15.27 -31.00 -29.50
CA LEU D 215 15.98 -31.31 -30.74
C LEU D 215 15.04 -31.55 -31.91
N ILE D 216 13.93 -32.23 -31.64
CA ILE D 216 12.98 -32.55 -32.69
C ILE D 216 12.24 -31.35 -33.24
N GLY D 217 12.45 -30.18 -32.67
CA GLY D 217 11.71 -29.02 -33.14
C GLY D 217 10.29 -29.26 -32.67
N ASP D 218 9.31 -28.62 -33.30
CA ASP D 218 7.91 -28.82 -32.89
C ASP D 218 7.70 -28.54 -31.41
N THR D 219 6.46 -28.65 -30.93
CA THR D 219 6.15 -28.40 -29.52
C THR D 219 7.08 -27.32 -28.98
N PRO D 220 6.86 -26.06 -29.38
CA PRO D 220 7.65 -24.90 -28.97
C PRO D 220 7.85 -24.74 -27.48
N ILE D 221 9.05 -24.33 -27.08
CA ILE D 221 9.36 -24.11 -25.68
C ILE D 221 9.84 -22.67 -25.51
N ASP D 222 9.00 -21.86 -24.85
CA ASP D 222 9.30 -20.45 -24.61
C ASP D 222 10.69 -20.27 -24.04
N THR D 223 11.17 -19.04 -24.00
CA THR D 223 12.49 -18.75 -23.47
C THR D 223 12.48 -19.25 -22.04
N PHE D 224 13.53 -18.93 -21.29
CA PHE D 224 13.63 -19.35 -19.89
C PHE D 224 13.65 -20.87 -19.77
N LEU D 225 12.63 -21.54 -20.29
CA LEU D 225 12.60 -22.99 -20.28
C LEU D 225 13.74 -23.41 -21.21
N MET D 226 13.92 -22.63 -22.26
CA MET D 226 14.98 -22.87 -23.23
C MET D 226 16.33 -22.54 -22.60
N GLU D 227 16.36 -21.54 -21.74
CA GLU D 227 17.61 -21.14 -21.09
C GLU D 227 18.01 -22.07 -19.94
N MET D 228 17.12 -22.97 -19.54
CA MET D 228 17.40 -23.91 -18.47
C MET D 228 17.79 -25.26 -19.08
N LEU D 229 17.48 -25.42 -20.36
CA LEU D 229 17.75 -26.65 -21.09
C LEU D 229 18.99 -26.58 -21.99
N GLU D 230 20.05 -25.93 -21.53
CA GLU D 230 21.26 -25.84 -22.35
C GLU D 230 22.44 -26.67 -21.81
N ALA D 231 22.14 -27.90 -21.40
CA ALA D 231 23.13 -28.84 -20.87
C ALA D 231 23.99 -28.29 -19.71
N PRO D 232 23.73 -28.77 -18.47
CA PRO D 232 24.48 -28.32 -17.27
C PRO D 232 25.86 -28.97 -17.15
N ASN E 1 18.98 27.00 11.79
CA ASN E 1 20.46 26.95 11.68
C ASN E 1 21.13 26.75 13.03
N GLN E 2 21.87 27.77 13.49
CA GLN E 2 22.56 27.71 14.78
C GLN E 2 21.92 28.67 15.76
N GLN E 3 21.74 29.91 15.32
CA GLN E 3 21.13 30.94 16.15
C GLN E 3 19.74 30.49 16.57
N GLN E 4 19.12 29.61 15.79
CA GLN E 4 17.81 29.08 16.10
C GLN E 4 17.91 28.15 17.30
N LYS E 5 18.74 27.12 17.19
CA LYS E 5 18.92 26.18 18.29
C LYS E 5 19.16 26.96 19.58
N GLU E 6 19.68 28.17 19.44
CA GLU E 6 19.95 29.05 20.57
C GLU E 6 18.67 29.67 21.10
N LEU E 7 17.84 30.15 20.18
CA LEU E 7 16.58 30.77 20.56
C LEU E 7 15.74 29.72 21.29
N VAL E 8 15.57 28.55 20.66
CA VAL E 8 14.80 27.48 21.26
C VAL E 8 15.35 27.16 22.65
N GLN E 9 16.67 27.14 22.76
CA GLN E 9 17.34 26.90 24.02
C GLN E 9 16.90 27.97 25.02
N ILE E 10 16.95 29.23 24.59
CA ILE E 10 16.54 30.35 25.45
C ILE E 10 15.09 30.13 25.93
N LEU E 11 14.16 29.94 24.99
CA LEU E 11 12.76 29.69 25.31
C LEU E 11 12.65 28.53 26.29
N LEU E 12 12.99 27.33 25.83
CA LEU E 12 12.94 26.14 26.68
C LEU E 12 13.33 26.42 28.14
N GLY E 13 14.41 27.18 28.35
CA GLY E 13 14.86 27.47 29.69
C GLY E 13 13.92 28.38 30.44
N ALA E 14 13.56 29.50 29.80
CA ALA E 14 12.64 30.45 30.40
C ALA E 14 11.38 29.71 30.82
N HIS E 15 10.93 28.81 29.94
CA HIS E 15 9.74 28.03 30.20
C HIS E 15 9.88 27.09 31.40
N THR E 16 10.85 26.17 31.33
CA THR E 16 11.07 25.21 32.39
C THR E 16 11.32 25.85 33.75
N ARG E 17 11.78 27.10 33.72
CA ARG E 17 12.09 27.83 34.94
C ARG E 17 10.90 28.57 35.55
N HIS E 18 10.01 29.09 34.72
CA HIS E 18 8.86 29.84 35.21
C HIS E 18 7.48 29.25 35.12
N VAL E 19 7.23 28.37 34.16
CA VAL E 19 5.89 27.83 34.06
C VAL E 19 5.88 26.34 34.26
N GLY E 20 6.84 25.64 33.67
CA GLY E 20 6.87 24.20 33.81
C GLY E 20 6.39 23.73 35.18
N PRO E 21 6.84 24.39 36.26
CA PRO E 21 6.44 23.98 37.60
C PRO E 21 5.30 24.75 38.23
N LEU E 22 4.58 25.56 37.45
CA LEU E 22 3.50 26.33 38.05
C LEU E 22 2.34 25.45 38.52
N PHE E 23 2.19 24.29 37.90
CA PHE E 23 1.10 23.38 38.24
C PHE E 23 1.23 22.73 39.60
N ASP E 24 2.45 22.35 39.99
CA ASP E 24 2.66 21.71 41.29
C ASP E 24 2.28 22.64 42.40
N GLN E 25 2.39 23.94 42.13
CA GLN E 25 2.11 24.99 43.11
C GLN E 25 0.65 25.34 43.29
N PHE E 26 -0.27 24.62 42.66
CA PHE E 26 -1.66 24.99 42.82
C PHE E 26 -2.18 24.79 44.23
N VAL E 27 -1.56 23.89 44.99
CA VAL E 27 -1.99 23.64 46.36
C VAL E 27 -1.81 24.86 47.27
N GLN E 28 -1.09 25.87 46.77
CA GLN E 28 -0.88 27.10 47.53
C GLN E 28 -2.15 27.96 47.53
N PHE E 29 -3.11 27.65 46.68
CA PHE E 29 -4.27 28.51 46.59
C PHE E 29 -5.61 28.03 47.06
N ARG E 30 -5.61 27.43 48.26
CA ARG E 30 -6.82 26.94 48.91
C ARG E 30 -7.70 26.08 48.04
N PRO E 31 -7.16 24.98 47.51
CA PRO E 31 -8.00 24.13 46.66
C PRO E 31 -8.98 23.37 47.55
N PRO E 32 -10.27 23.38 47.20
CA PRO E 32 -11.26 22.66 47.99
C PRO E 32 -10.83 21.21 48.11
N ALA E 33 -10.96 20.67 49.32
CA ALA E 33 -10.56 19.29 49.63
C ALA E 33 -10.84 18.23 48.57
N TYR E 34 -12.06 18.15 48.06
CA TYR E 34 -12.31 17.12 47.06
C TYR E 34 -11.29 17.02 45.97
N LEU E 35 -10.87 18.16 45.43
CA LEU E 35 -9.87 18.16 44.36
C LEU E 35 -8.66 17.25 44.58
N PHE E 36 -8.48 16.71 45.78
CA PHE E 36 -7.34 15.83 46.06
C PHE E 36 -7.69 14.39 45.74
N MET E 37 -8.98 14.14 45.54
CA MET E 37 -9.45 12.81 45.23
C MET E 37 -9.56 12.66 43.73
N HIS E 38 -9.79 11.44 43.27
CA HIS E 38 -9.96 11.16 41.86
C HIS E 38 -11.38 10.65 41.63
N HIS E 39 -12.12 10.45 42.72
CA HIS E 39 -13.50 9.99 42.70
C HIS E 39 -14.27 10.72 43.80
N ARG E 40 -15.35 11.40 43.43
CA ARG E 40 -16.13 12.17 44.41
C ARG E 40 -17.12 11.32 45.26
N PRO E 41 -18.42 11.71 45.40
CA PRO E 41 -19.33 12.79 44.95
C PRO E 41 -19.23 14.09 45.74
N PHE E 42 -19.91 15.13 45.25
CA PHE E 42 -19.89 16.42 45.91
C PHE E 42 -21.27 16.87 46.39
N GLN E 43 -21.26 17.88 47.26
CA GLN E 43 -22.49 18.45 47.83
C GLN E 43 -23.21 19.36 46.84
N PRO E 44 -24.48 19.05 46.52
CA PRO E 44 -25.30 19.84 45.58
C PRO E 44 -25.53 21.29 46.04
N ARG E 45 -25.30 21.53 47.33
CA ARG E 45 -25.48 22.85 47.92
C ARG E 45 -24.14 23.38 48.39
N GLY E 46 -23.13 22.50 48.39
CA GLY E 46 -21.80 22.88 48.82
C GLY E 46 -21.37 24.22 48.25
N PRO E 47 -21.00 25.18 49.09
CA PRO E 47 -20.57 26.51 48.64
C PRO E 47 -19.67 26.46 47.41
N VAL E 48 -20.10 27.12 46.36
CA VAL E 48 -19.34 27.14 45.12
C VAL E 48 -18.26 28.22 45.19
N LEU E 49 -18.55 29.24 45.99
CA LEU E 49 -17.64 30.37 46.14
C LEU E 49 -16.19 29.97 46.30
N PRO E 50 -15.90 28.99 47.17
CA PRO E 50 -14.52 28.55 47.39
C PRO E 50 -13.85 28.06 46.12
N LEU E 51 -14.56 27.20 45.38
CA LEU E 51 -14.06 26.62 44.14
C LEU E 51 -13.80 27.68 43.08
N LEU E 52 -14.78 28.58 42.89
CA LEU E 52 -14.65 29.67 41.91
C LEU E 52 -13.39 30.45 42.29
N THR E 53 -13.32 30.82 43.57
CA THR E 53 -12.20 31.57 44.12
C THR E 53 -10.89 30.90 43.79
N HIS E 54 -10.87 29.57 43.88
CA HIS E 54 -9.67 28.82 43.57
C HIS E 54 -9.33 28.97 42.08
N PHE E 55 -10.35 28.84 41.24
CA PHE E 55 -10.12 28.95 39.82
C PHE E 55 -9.53 30.30 39.48
N ALA E 56 -10.02 31.34 40.14
CA ALA E 56 -9.49 32.67 39.88
C ALA E 56 -8.07 32.79 40.42
N ASP E 57 -7.81 32.18 41.56
CA ASP E 57 -6.49 32.25 42.14
C ASP E 57 -5.40 31.54 41.33
N ILE E 58 -5.71 30.36 40.82
CA ILE E 58 -4.70 29.65 40.06
C ILE E 58 -4.43 30.36 38.74
N ASN E 59 -5.45 31.02 38.18
CA ASN E 59 -5.27 31.73 36.92
C ASN E 59 -4.40 32.97 37.06
N THR E 60 -4.63 33.74 38.11
CA THR E 60 -3.84 34.92 38.37
C THR E 60 -2.41 34.43 38.45
N PHE E 61 -2.22 33.43 39.29
CA PHE E 61 -0.92 32.82 39.52
C PHE E 61 -0.30 32.38 38.20
N MET E 62 -1.09 31.73 37.36
CA MET E 62 -0.59 31.28 36.07
C MET E 62 -0.23 32.43 35.13
N VAL E 63 -1.03 33.50 35.16
CA VAL E 63 -0.72 34.65 34.30
C VAL E 63 0.54 35.35 34.78
N GLN E 64 0.71 35.53 36.08
CA GLN E 64 1.93 36.20 36.52
C GLN E 64 3.15 35.32 36.31
N GLN E 65 2.95 34.00 36.27
CA GLN E 65 4.07 33.10 36.02
C GLN E 65 4.42 33.17 34.53
N ILE E 66 3.39 33.33 33.72
CA ILE E 66 3.56 33.45 32.28
C ILE E 66 4.28 34.73 31.92
N ILE E 67 4.07 35.78 32.72
CA ILE E 67 4.73 37.05 32.45
C ILE E 67 6.22 36.86 32.76
N LYS E 68 6.52 36.46 33.99
CA LYS E 68 7.90 36.24 34.38
C LYS E 68 8.56 35.44 33.26
N PHE E 69 7.76 34.60 32.62
CA PHE E 69 8.22 33.78 31.51
C PHE E 69 8.66 34.66 30.36
N THR E 70 7.78 35.55 29.91
CA THR E 70 8.11 36.43 28.79
C THR E 70 9.29 37.36 29.08
N LYS E 71 9.50 37.73 30.33
CA LYS E 71 10.59 38.62 30.71
C LYS E 71 11.96 37.99 30.47
N ASP E 72 11.99 36.67 30.46
CA ASP E 72 13.23 35.95 30.21
C ASP E 72 13.49 35.77 28.73
N LEU E 73 12.75 36.51 27.91
CA LEU E 73 12.88 36.43 26.46
C LEU E 73 13.34 37.78 25.95
N PRO E 74 14.66 37.93 25.72
CA PRO E 74 15.27 39.16 25.22
C PRO E 74 14.47 39.73 24.06
N LEU E 75 14.14 38.86 23.11
CA LEU E 75 13.38 39.23 21.93
C LEU E 75 12.08 39.90 22.33
N PHE E 76 11.52 39.48 23.44
CA PHE E 76 10.27 40.03 23.91
C PHE E 76 10.46 41.36 24.61
N ARG E 77 11.15 41.33 25.75
CA ARG E 77 11.39 42.57 26.53
C ARG E 77 12.08 43.64 25.73
N SER E 78 12.48 43.29 24.52
CA SER E 78 13.15 44.21 23.63
C SER E 78 12.15 45.02 22.80
N LEU E 79 10.88 44.92 23.14
CA LEU E 79 9.83 45.65 22.42
C LEU E 79 9.29 46.83 23.24
N THR E 80 8.53 47.66 22.57
CA THR E 80 7.92 48.81 23.21
C THR E 80 7.19 48.26 24.43
N MET E 81 7.16 49.05 25.51
CA MET E 81 6.48 48.61 26.71
C MET E 81 5.01 48.37 26.38
N GLU E 82 4.39 49.32 25.67
CA GLU E 82 2.98 49.17 25.29
C GLU E 82 2.80 48.03 24.29
N ASP E 83 3.87 47.66 23.61
CA ASP E 83 3.80 46.54 22.67
C ASP E 83 3.74 45.25 23.48
N GLN E 84 4.56 45.14 24.50
CA GLN E 84 4.58 43.95 25.36
C GLN E 84 3.21 43.74 26.01
N ILE E 85 2.51 44.83 26.27
CA ILE E 85 1.20 44.75 26.88
C ILE E 85 0.23 44.09 25.91
N SER E 86 0.19 44.61 24.69
CA SER E 86 -0.70 44.10 23.64
C SER E 86 -0.46 42.63 23.30
N LEU E 87 0.77 42.18 23.41
CA LEU E 87 1.06 40.79 23.11
C LEU E 87 0.67 39.91 24.30
N LEU E 88 0.86 40.42 25.51
CA LEU E 88 0.51 39.68 26.71
C LEU E 88 -1.01 39.57 26.76
N LYS E 89 -1.68 40.71 26.68
CA LYS E 89 -3.14 40.74 26.72
C LYS E 89 -3.69 39.85 25.63
N GLY E 90 -2.94 39.73 24.54
CA GLY E 90 -3.41 38.93 23.43
C GLY E 90 -3.11 37.44 23.51
N ALA E 91 -2.05 37.05 24.19
CA ALA E 91 -1.72 35.63 24.24
C ALA E 91 -1.48 35.00 25.61
N ALA E 92 -1.63 35.75 26.69
CA ALA E 92 -1.39 35.17 28.01
C ALA E 92 -2.24 33.90 28.21
N VAL E 93 -3.54 34.04 28.02
CA VAL E 93 -4.47 32.92 28.16
C VAL E 93 -4.11 31.78 27.19
N GLU E 94 -3.80 32.15 25.96
CA GLU E 94 -3.44 31.16 24.94
C GLU E 94 -2.23 30.36 25.35
N ILE E 95 -1.23 31.04 25.89
CA ILE E 95 -0.01 30.38 26.32
C ILE E 95 -0.33 29.48 27.48
N LEU E 96 -1.27 29.92 28.31
CA LEU E 96 -1.66 29.19 29.49
C LEU E 96 -2.15 27.80 29.14
N HIS E 97 -3.08 27.72 28.20
CA HIS E 97 -3.60 26.41 27.78
C HIS E 97 -2.56 25.54 27.11
N ILE E 98 -1.69 26.12 26.30
CA ILE E 98 -0.67 25.33 25.65
C ILE E 98 0.21 24.70 26.70
N SER E 99 0.43 25.43 27.77
CA SER E 99 1.26 24.92 28.84
C SER E 99 0.48 24.01 29.77
N LEU E 100 -0.77 24.37 30.07
CA LEU E 100 -1.61 23.58 30.95
C LEU E 100 -1.85 22.19 30.42
N ASN E 101 -1.85 22.10 29.09
CA ASN E 101 -2.08 20.84 28.37
C ASN E 101 -1.18 19.70 28.78
N THR E 102 0.01 20.00 29.30
CA THR E 102 0.92 18.93 29.72
C THR E 102 0.40 18.13 30.92
N THR E 103 -0.62 18.66 31.60
CA THR E 103 -1.19 17.99 32.77
C THR E 103 -2.47 17.24 32.39
N PHE E 104 -2.97 17.49 31.19
CA PHE E 104 -4.19 16.86 30.70
C PHE E 104 -3.94 15.40 30.34
N CYS E 105 -4.85 14.54 30.79
CA CYS E 105 -4.73 13.12 30.53
C CYS E 105 -5.88 12.62 29.69
N LEU E 106 -5.55 11.98 28.58
CA LEU E 106 -6.57 11.47 27.66
C LEU E 106 -7.45 10.34 28.16
N GLN E 107 -6.86 9.35 28.81
CA GLN E 107 -7.67 8.24 29.29
C GLN E 107 -8.80 8.72 30.20
N THR E 108 -8.57 9.84 30.92
CA THR E 108 -9.59 10.35 31.84
C THR E 108 -10.13 11.73 31.54
N GLU E 109 -9.45 12.43 30.64
CA GLU E 109 -9.84 13.80 30.26
C GLU E 109 -9.77 14.73 31.47
N ASN E 110 -8.93 14.37 32.42
CA ASN E 110 -8.76 15.16 33.62
C ASN E 110 -7.45 15.93 33.60
N PHE E 111 -7.38 17.00 34.38
CA PHE E 111 -6.17 17.78 34.46
C PHE E 111 -5.47 17.39 35.75
N PHE E 112 -4.21 16.98 35.65
CA PHE E 112 -3.46 16.56 36.83
C PHE E 112 -2.32 17.49 37.15
N CYS E 113 -2.55 18.33 38.16
CA CYS E 113 -1.58 19.32 38.61
C CYS E 113 -1.23 18.94 40.03
N GLY E 114 -0.07 18.33 40.20
CA GLY E 114 0.37 17.90 41.51
C GLY E 114 -0.62 16.97 42.17
N PRO E 115 -0.86 17.14 43.46
CA PRO E 115 -1.79 16.29 44.22
C PRO E 115 -3.23 16.45 43.73
N LEU E 116 -3.46 17.45 42.89
CA LEU E 116 -4.80 17.75 42.42
C LEU E 116 -5.23 17.13 41.10
N CYS E 117 -6.54 16.97 40.95
CA CYS E 117 -7.15 16.43 39.76
C CYS E 117 -8.37 17.25 39.41
N TYR E 118 -8.22 18.07 38.36
CA TYR E 118 -9.31 18.92 37.92
C TYR E 118 -10.14 18.24 36.84
N LYS E 119 -11.41 18.03 37.15
CA LYS E 119 -12.35 17.40 36.25
C LYS E 119 -13.21 18.48 35.62
N MET E 120 -13.92 18.14 34.55
CA MET E 120 -14.75 19.12 33.88
C MET E 120 -15.92 19.55 34.75
N GLU E 121 -16.46 18.63 35.55
CA GLU E 121 -17.57 18.94 36.45
C GLU E 121 -17.26 20.19 37.25
N ASP E 122 -16.11 20.15 37.91
CA ASP E 122 -15.64 21.23 38.74
C ASP E 122 -15.86 22.60 38.09
N ALA E 123 -15.48 22.72 36.83
CA ALA E 123 -15.67 23.98 36.14
C ALA E 123 -17.14 24.36 36.01
N VAL E 124 -17.99 23.39 35.62
CA VAL E 124 -19.41 23.69 35.46
C VAL E 124 -19.99 24.07 36.82
N HIS E 125 -19.64 23.28 37.83
CA HIS E 125 -20.11 23.50 39.18
C HIS E 125 -19.65 24.88 39.63
N ALA E 126 -18.46 25.27 39.19
CA ALA E 126 -17.90 26.56 39.54
C ALA E 126 -18.72 27.67 38.89
N GLY E 127 -19.46 27.33 37.85
CA GLY E 127 -20.27 28.33 37.19
C GLY E 127 -20.00 28.61 35.72
N PHE E 128 -18.86 28.18 35.18
CA PHE E 128 -18.60 28.45 33.78
C PHE E 128 -19.58 27.71 32.85
N GLN E 129 -19.75 28.25 31.64
CA GLN E 129 -20.62 27.67 30.63
C GLN E 129 -20.15 26.29 30.14
N TYR E 130 -21.10 25.38 29.95
CA TYR E 130 -20.77 24.04 29.49
C TYR E 130 -20.20 24.10 28.08
N GLU E 131 -20.86 24.88 27.22
CA GLU E 131 -20.42 25.02 25.85
C GLU E 131 -18.97 25.44 25.79
N PHE E 132 -18.65 26.47 26.56
CA PHE E 132 -17.31 27.02 26.65
C PHE E 132 -16.29 25.97 27.12
N LEU E 133 -16.60 25.32 28.24
CA LEU E 133 -15.74 24.31 28.80
C LEU E 133 -15.53 23.19 27.80
N GLU E 134 -16.60 22.84 27.08
CA GLU E 134 -16.55 21.76 26.10
C GLU E 134 -15.59 22.12 24.98
N SER E 135 -15.54 23.40 24.62
CA SER E 135 -14.63 23.84 23.57
C SER E 135 -13.19 23.76 24.10
N ILE E 136 -13.03 23.88 25.41
CA ILE E 136 -11.72 23.80 26.04
C ILE E 136 -11.25 22.34 26.11
N LEU E 137 -12.13 21.43 26.53
CA LEU E 137 -11.76 20.02 26.61
C LEU E 137 -11.39 19.55 25.22
N HIS E 138 -12.02 20.15 24.22
CA HIS E 138 -11.72 19.80 22.83
C HIS E 138 -10.30 20.18 22.47
N PHE E 139 -9.94 21.42 22.73
CA PHE E 139 -8.60 21.88 22.42
C PHE E 139 -7.59 20.95 23.06
N HIS E 140 -7.76 20.65 24.34
CA HIS E 140 -6.81 19.79 25.02
C HIS E 140 -6.74 18.37 24.48
N LYS E 141 -7.90 17.78 24.16
CA LYS E 141 -7.88 16.42 23.63
C LYS E 141 -7.12 16.42 22.32
N ASN E 142 -7.36 17.45 21.50
CA ASN E 142 -6.68 17.56 20.22
C ASN E 142 -5.18 17.67 20.41
N LEU E 143 -4.76 18.78 20.99
CA LEU E 143 -3.36 19.04 21.23
C LEU E 143 -2.63 17.86 21.88
N LYS E 144 -3.32 17.16 22.77
CA LYS E 144 -2.69 16.04 23.45
C LYS E 144 -2.55 14.85 22.51
N GLY E 145 -3.42 14.79 21.51
CA GLY E 145 -3.38 13.70 20.56
C GLY E 145 -2.15 13.78 19.67
N LEU E 146 -1.69 15.00 19.39
CA LEU E 146 -0.53 15.21 18.53
C LEU E 146 0.78 14.76 19.15
N HIS E 147 0.75 14.38 20.42
CA HIS E 147 1.94 13.94 21.15
C HIS E 147 3.16 14.84 20.92
N LEU E 148 3.03 16.12 21.23
CA LEU E 148 4.12 17.08 21.03
C LEU E 148 5.25 16.92 22.02
N GLN E 149 6.41 17.44 21.65
CA GLN E 149 7.60 17.39 22.48
C GLN E 149 7.77 18.72 23.17
N GLU E 150 8.55 18.74 24.25
CA GLU E 150 8.80 19.96 25.00
C GLU E 150 9.21 21.16 24.12
N PRO E 151 10.06 20.93 23.09
CA PRO E 151 10.50 22.01 22.21
C PRO E 151 9.39 22.55 21.31
N GLU E 152 8.48 21.66 20.95
CA GLU E 152 7.37 22.02 20.09
C GLU E 152 6.28 22.74 20.89
N TYR E 153 6.14 22.39 22.16
CA TYR E 153 5.16 23.03 23.01
C TYR E 153 5.55 24.50 23.18
N VAL E 154 6.77 24.75 23.66
CA VAL E 154 7.24 26.12 23.85
C VAL E 154 7.32 26.86 22.51
N LEU E 155 7.62 26.11 21.45
CA LEU E 155 7.70 26.73 20.14
C LEU E 155 6.32 27.21 19.72
N MET E 156 5.31 26.41 20.04
CA MET E 156 3.94 26.76 19.70
C MET E 156 3.47 27.93 20.53
N ALA E 157 3.98 28.02 21.76
CA ALA E 157 3.60 29.09 22.67
C ALA E 157 4.12 30.41 22.15
N ALA E 158 5.40 30.44 21.78
CA ALA E 158 6.05 31.64 21.26
C ALA E 158 5.44 32.12 19.93
N THR E 159 4.90 31.19 19.14
CA THR E 159 4.29 31.56 17.88
C THR E 159 3.00 32.32 18.15
N ALA E 160 2.38 32.02 19.28
CA ALA E 160 1.15 32.68 19.66
C ALA E 160 1.47 34.01 20.31
N LEU E 161 2.55 34.05 21.09
CA LEU E 161 2.98 35.26 21.79
C LEU E 161 3.23 36.38 20.78
N PHE E 162 4.09 36.11 19.79
CA PHE E 162 4.41 37.11 18.78
C PHE E 162 3.44 37.15 17.61
N SER E 163 2.24 37.66 17.83
CA SER E 163 1.27 37.71 16.76
C SER E 163 0.92 39.15 16.47
N PRO E 164 1.04 39.55 15.20
CA PRO E 164 0.76 40.91 14.73
C PRO E 164 -0.71 41.31 14.81
N ASP E 165 -1.61 40.44 14.38
CA ASP E 165 -3.03 40.78 14.39
C ASP E 165 -3.57 41.13 15.77
N ARG E 166 -2.79 40.83 16.80
CA ARG E 166 -3.17 41.11 18.19
C ARG E 166 -3.50 42.60 18.25
N PRO E 167 -4.73 42.94 18.67
CA PRO E 167 -5.09 44.37 18.74
C PRO E 167 -4.18 45.15 19.67
N GLY E 168 -4.06 46.44 19.44
CA GLY E 168 -3.22 47.26 20.29
C GLY E 168 -1.76 47.42 19.92
N VAL E 169 -1.22 46.53 19.11
CA VAL E 169 0.19 46.64 18.73
C VAL E 169 0.44 47.80 17.77
N THR E 170 1.71 48.10 17.55
CA THR E 170 2.09 49.17 16.63
C THR E 170 3.23 48.69 15.72
N GLN E 171 4.32 48.23 16.30
CA GLN E 171 5.44 47.75 15.51
C GLN E 171 5.03 46.44 14.87
N ARG E 172 3.97 46.44 14.06
CA ARG E 172 3.49 45.21 13.44
C ARG E 172 4.56 44.56 12.59
N GLU E 173 5.14 45.32 11.69
CA GLU E 173 6.19 44.78 10.83
C GLU E 173 7.30 44.20 11.70
N GLU E 174 7.66 44.93 12.75
CA GLU E 174 8.71 44.50 13.66
C GLU E 174 8.36 43.17 14.33
N ILE E 175 7.14 43.06 14.83
CA ILE E 175 6.68 41.84 15.50
C ILE E 175 6.45 40.71 14.50
N ASP E 176 5.81 41.03 13.38
CA ASP E 176 5.53 40.04 12.35
C ASP E 176 6.78 39.23 12.03
N GLN E 177 7.92 39.91 11.99
CA GLN E 177 9.19 39.26 11.72
C GLN E 177 9.44 38.15 12.75
N LEU E 178 9.24 38.48 14.04
CA LEU E 178 9.44 37.52 15.12
C LEU E 178 8.58 36.27 14.93
N GLN E 179 7.33 36.45 14.53
CA GLN E 179 6.43 35.34 14.33
C GLN E 179 6.89 34.47 13.18
N GLU E 180 7.04 35.05 12.01
CA GLU E 180 7.47 34.29 10.84
C GLU E 180 8.75 33.53 11.13
N GLU E 181 9.62 34.16 11.92
CA GLU E 181 10.89 33.55 12.31
C GLU E 181 10.57 32.39 13.25
N MET E 182 9.63 32.65 14.17
CA MET E 182 9.18 31.67 15.16
C MET E 182 8.55 30.45 14.50
N ALA E 183 7.78 30.69 13.45
CA ALA E 183 7.11 29.61 12.73
C ALA E 183 8.14 28.73 12.00
N LEU E 184 8.96 29.35 11.16
CA LEU E 184 9.99 28.60 10.43
C LEU E 184 10.68 27.60 11.35
N ILE E 185 11.18 28.11 12.48
CA ILE E 185 11.89 27.27 13.44
C ILE E 185 11.01 26.11 13.90
N LEU E 186 9.75 26.41 14.20
CA LEU E 186 8.80 25.42 14.66
C LEU E 186 8.63 24.31 13.61
N ASN E 187 8.41 24.72 12.37
CA ASN E 187 8.25 23.78 11.27
C ASN E 187 9.54 22.98 11.08
N ASN E 188 10.66 23.68 10.99
CA ASN E 188 11.96 23.06 10.84
C ASN E 188 12.16 21.97 11.86
N HIS E 189 11.90 22.28 13.13
CA HIS E 189 12.08 21.32 14.20
C HIS E 189 11.22 20.10 13.95
N ILE E 190 10.03 20.33 13.41
CA ILE E 190 9.11 19.25 13.12
C ILE E 190 9.68 18.37 12.00
N MET E 191 9.84 18.95 10.81
CA MET E 191 10.37 18.23 9.66
C MET E 191 11.60 17.43 10.02
N GLU E 192 12.58 18.07 10.65
CA GLU E 192 13.80 17.38 11.00
C GLU E 192 13.56 16.38 12.14
N GLN E 193 12.40 15.73 12.11
CA GLN E 193 12.03 14.75 13.13
C GLN E 193 10.92 13.85 12.60
N GLN E 194 11.09 13.45 11.34
CA GLN E 194 10.16 12.60 10.56
C GLN E 194 9.40 11.42 11.21
N SER E 195 8.38 10.97 10.49
CA SER E 195 7.44 9.88 10.83
C SER E 195 7.61 9.04 12.11
N ARG E 196 6.53 8.33 12.43
CA ARG E 196 6.44 7.48 13.62
C ARG E 196 6.01 8.36 14.80
N LEU E 197 5.03 9.21 14.49
CA LEU E 197 4.40 10.20 15.38
C LEU E 197 3.80 11.14 14.35
N GLN E 198 4.51 11.19 13.22
CA GLN E 198 4.19 11.97 12.06
C GLN E 198 2.87 12.74 12.05
N SER E 199 1.81 12.08 11.58
CA SER E 199 0.51 12.72 11.42
C SER E 199 0.84 13.86 10.44
N ARG E 200 2.03 13.70 9.84
CA ARG E 200 2.65 14.61 8.89
C ARG E 200 2.28 16.08 9.06
N PHE E 201 1.06 16.41 8.66
CA PHE E 201 0.60 17.78 8.75
C PHE E 201 0.48 18.20 10.20
N LEU E 202 1.53 17.94 10.96
CA LEU E 202 1.56 18.29 12.38
C LEU E 202 1.63 19.80 12.49
N TYR E 203 2.36 20.42 11.58
CA TYR E 203 2.46 21.87 11.59
C TYR E 203 1.15 22.46 11.11
N ALA E 204 0.48 21.78 10.19
CA ALA E 204 -0.80 22.25 9.67
C ALA E 204 -1.87 22.17 10.74
N LYS E 205 -1.70 21.22 11.65
CA LYS E 205 -2.66 21.02 12.73
C LYS E 205 -2.48 22.03 13.86
N LEU E 206 -1.24 22.31 14.23
CA LEU E 206 -0.98 23.28 15.27
C LEU E 206 -1.49 24.64 14.82
N MET E 207 -1.39 24.93 13.53
CA MET E 207 -1.90 26.21 13.05
C MET E 207 -3.42 26.18 13.25
N GLY E 208 -4.00 25.00 13.18
CA GLY E 208 -5.42 24.90 13.37
C GLY E 208 -5.65 25.24 14.82
N LEU E 209 -4.94 24.52 15.67
CA LEU E 209 -5.06 24.70 17.10
C LEU E 209 -4.82 26.14 17.56
N LEU E 210 -3.89 26.85 16.92
CA LEU E 210 -3.61 28.22 17.31
C LEU E 210 -4.83 29.04 16.97
N ALA E 211 -5.63 28.53 16.04
CA ALA E 211 -6.82 29.25 15.63
C ALA E 211 -7.93 28.98 16.62
N ASP E 212 -7.95 27.76 17.14
CA ASP E 212 -8.96 27.37 18.11
C ASP E 212 -8.72 28.08 19.44
N LEU E 213 -7.44 28.32 19.76
CA LEU E 213 -7.09 29.02 20.98
C LEU E 213 -7.72 30.41 20.85
N ARG E 214 -7.54 31.01 19.68
CA ARG E 214 -8.10 32.30 19.38
C ARG E 214 -9.56 32.36 19.84
N SER E 215 -10.37 31.43 19.37
CA SER E 215 -11.77 31.40 19.76
C SER E 215 -11.91 31.26 21.27
N ILE E 216 -11.17 30.32 21.83
CA ILE E 216 -11.24 30.09 23.25
C ILE E 216 -10.91 31.34 24.03
N ASN E 217 -9.85 32.03 23.62
CA ASN E 217 -9.49 33.24 24.33
C ASN E 217 -10.62 34.26 24.18
N ASN E 218 -11.14 34.40 22.97
CA ASN E 218 -12.22 35.34 22.69
C ASN E 218 -13.38 35.10 23.62
N ALA E 219 -13.44 33.91 24.21
CA ALA E 219 -14.55 33.58 25.10
C ALA E 219 -14.32 34.00 26.54
N TYR E 220 -13.06 34.01 26.99
CA TYR E 220 -12.75 34.42 28.35
C TYR E 220 -13.37 35.78 28.66
N SER E 221 -12.93 36.80 27.93
CA SER E 221 -13.45 38.14 28.15
C SER E 221 -14.96 38.15 28.28
N TYR E 222 -15.60 37.16 27.65
CA TYR E 222 -17.05 37.05 27.71
C TYR E 222 -17.52 36.42 29.01
N GLU E 223 -16.84 35.35 29.42
CA GLU E 223 -17.22 34.67 30.65
C GLU E 223 -17.02 35.57 31.85
N LEU E 224 -15.88 36.26 31.94
CA LEU E 224 -15.63 37.14 33.07
C LEU E 224 -16.83 38.04 33.40
N GLN E 225 -17.43 38.65 32.37
CA GLN E 225 -18.59 39.51 32.58
C GLN E 225 -19.76 38.75 33.17
N ARG E 226 -20.18 37.70 32.47
CA ARG E 226 -21.30 36.88 32.90
C ARG E 226 -21.12 36.24 34.25
N LEU E 227 -20.15 36.69 35.03
CA LEU E 227 -19.94 36.04 36.31
C LEU E 227 -19.62 36.98 37.47
N GLU E 228 -19.85 38.27 37.28
CA GLU E 228 -19.61 39.27 38.33
C GLU E 228 -18.41 38.95 39.22
N GLU E 229 -18.70 38.39 40.39
CA GLU E 229 -17.68 38.00 41.38
C GLU E 229 -16.26 37.88 40.83
N LEU E 230 -16.08 36.92 39.93
CA LEU E 230 -14.81 36.63 39.30
C LEU E 230 -13.96 37.87 39.04
N SER E 231 -14.47 38.75 38.17
CA SER E 231 -13.76 39.98 37.83
C SER E 231 -13.02 40.50 39.06
N ALA E 232 -13.78 40.87 40.09
CA ALA E 232 -13.24 41.40 41.34
C ALA E 232 -12.21 40.47 41.95
N MET E 233 -12.54 39.19 42.01
CA MET E 233 -11.64 38.19 42.60
C MET E 233 -10.27 38.18 41.96
N THR E 234 -10.23 38.32 40.63
CA THR E 234 -8.96 38.33 39.91
C THR E 234 -8.94 39.54 38.97
N PRO E 235 -8.27 40.62 39.40
CA PRO E 235 -8.16 41.85 38.60
C PRO E 235 -7.25 41.62 37.41
N LEU E 236 -6.13 40.94 37.66
CA LEU E 236 -5.16 40.66 36.62
C LEU E 236 -5.76 39.99 35.40
N LEU E 237 -6.55 38.94 35.60
CA LEU E 237 -7.12 38.28 34.44
C LEU E 237 -8.06 39.23 33.76
N GLY E 238 -8.70 40.08 34.56
CA GLY E 238 -9.63 41.04 33.99
C GLY E 238 -8.92 42.08 33.17
N GLU E 239 -7.68 42.38 33.54
CA GLU E 239 -6.90 43.36 32.80
C GLU E 239 -6.43 42.71 31.50
N ILE E 240 -5.82 41.55 31.61
CA ILE E 240 -5.32 40.80 30.46
C ILE E 240 -6.24 40.70 29.25
N CYS E 241 -7.50 40.37 29.47
CA CYS E 241 -8.41 40.21 28.34
C CYS E 241 -9.35 41.36 28.10
N SER E 242 -9.26 42.37 28.97
CA SER E 242 -10.10 43.55 28.80
C SER E 242 -9.30 44.56 27.97
N ASN F 1 13.19 41.98 -36.95
CA ASN F 1 13.37 43.45 -37.04
C ASN F 1 13.30 43.92 -38.50
N GLN F 2 14.43 44.40 -39.02
CA GLN F 2 14.50 44.88 -40.40
C GLN F 2 15.34 43.95 -41.23
N GLN F 3 16.54 43.64 -40.73
CA GLN F 3 17.46 42.76 -41.42
C GLN F 3 16.79 41.41 -41.66
N GLN F 4 15.81 41.09 -40.81
CA GLN F 4 15.08 39.83 -40.96
C GLN F 4 14.20 39.90 -42.19
N LYS F 5 13.31 40.88 -42.24
CA LYS F 5 12.42 41.05 -43.39
C LYS F 5 13.24 40.97 -44.67
N GLU F 6 14.52 41.30 -44.57
CA GLU F 6 15.43 41.26 -45.70
C GLU F 6 15.84 39.83 -46.00
N LEU F 7 16.17 39.08 -44.95
CA LEU F 7 16.57 37.68 -45.12
C LEU F 7 15.42 36.92 -45.73
N VAL F 8 14.23 37.05 -45.15
CA VAL F 8 13.07 36.36 -45.66
C VAL F 8 12.85 36.73 -47.13
N GLN F 9 13.05 38.01 -47.43
CA GLN F 9 12.94 38.52 -48.80
C GLN F 9 13.94 37.76 -49.68
N ILE F 10 15.19 37.68 -49.22
CA ILE F 10 16.21 36.97 -49.96
C ILE F 10 15.76 35.52 -50.23
N LEU F 11 15.39 34.81 -49.16
CA LEU F 11 14.94 33.43 -49.27
C LEU F 11 13.78 33.36 -50.26
N LEU F 12 12.66 33.97 -49.92
CA LEU F 12 11.51 33.95 -50.78
C LEU F 12 11.83 34.08 -52.27
N GLY F 13 12.78 34.94 -52.59
CA GLY F 13 13.14 35.13 -53.98
C GLY F 13 13.87 33.93 -54.54
N ALA F 14 14.95 33.54 -53.85
CA ALA F 14 15.74 32.38 -54.27
C ALA F 14 14.81 31.19 -54.53
N HIS F 15 13.84 31.03 -53.63
CA HIS F 15 12.87 29.97 -53.73
C HIS F 15 11.98 30.10 -54.96
N THR F 16 11.24 31.20 -55.06
CA THR F 16 10.32 31.39 -56.19
C THR F 16 11.02 31.31 -57.55
N ARG F 17 12.32 31.58 -57.56
CA ARG F 17 13.10 31.58 -58.78
C ARG F 17 13.62 30.20 -59.17
N HIS F 18 14.01 29.38 -58.18
CA HIS F 18 14.55 28.08 -58.46
C HIS F 18 13.74 26.84 -58.16
N VAL F 19 12.83 26.87 -57.21
CA VAL F 19 12.08 25.66 -56.95
C VAL F 19 10.59 25.85 -57.19
N GLY F 20 10.06 26.99 -56.78
CA GLY F 20 8.65 27.24 -56.98
C GLY F 20 8.12 26.65 -58.28
N PRO F 21 8.84 26.83 -59.40
CA PRO F 21 8.39 26.29 -60.67
C PRO F 21 8.99 24.94 -61.10
N LEU F 22 9.69 24.24 -60.20
CA LEU F 22 10.28 22.95 -60.62
C LEU F 22 9.20 21.91 -60.93
N PHE F 23 8.02 22.05 -60.33
CA PHE F 23 6.94 21.10 -60.54
C PHE F 23 6.33 21.12 -61.93
N ASP F 24 6.15 22.30 -62.48
CA ASP F 24 5.58 22.40 -63.83
C ASP F 24 6.49 21.71 -64.86
N GLN F 25 7.78 21.65 -64.54
CA GLN F 25 8.77 21.05 -65.42
C GLN F 25 8.89 19.54 -65.37
N PHE F 26 8.01 18.87 -64.65
CA PHE F 26 8.13 17.41 -64.58
C PHE F 26 7.88 16.72 -65.91
N VAL F 27 7.06 17.33 -66.78
CA VAL F 27 6.77 16.75 -68.08
C VAL F 27 8.04 16.61 -68.95
N GLN F 28 9.14 17.20 -68.52
CA GLN F 28 10.39 17.11 -69.26
C GLN F 28 11.04 15.75 -69.07
N PHE F 29 10.60 15.00 -68.08
CA PHE F 29 11.25 13.73 -67.81
C PHE F 29 10.55 12.41 -68.08
N ARG F 30 9.97 12.32 -69.28
CA ARG F 30 9.28 11.13 -69.77
C ARG F 30 8.26 10.55 -68.81
N PRO F 31 7.27 11.33 -68.40
CA PRO F 31 6.30 10.76 -67.47
C PRO F 31 5.40 9.79 -68.23
N PRO F 32 5.19 8.60 -67.68
CA PRO F 32 4.33 7.64 -68.36
C PRO F 32 2.96 8.26 -68.61
N ALA F 33 2.44 8.05 -69.82
CA ALA F 33 1.15 8.60 -70.21
C ALA F 33 0.05 8.63 -69.16
N TYR F 34 -0.22 7.53 -68.47
CA TYR F 34 -1.31 7.61 -67.50
C TYR F 34 -1.27 8.81 -66.58
N LEU F 35 -0.09 9.11 -66.05
CA LEU F 35 0.08 10.25 -65.13
C LEU F 35 -0.62 11.54 -65.54
N PHE F 36 -1.10 11.63 -66.78
CA PHE F 36 -1.80 12.83 -67.26
C PHE F 36 -3.29 12.76 -66.94
N MET F 37 -3.75 11.57 -66.59
CA MET F 37 -5.15 11.39 -66.25
C MET F 37 -5.33 11.53 -64.76
N HIS F 38 -6.58 11.57 -64.33
CA HIS F 38 -6.89 11.68 -62.90
C HIS F 38 -7.62 10.41 -62.47
N HIS F 39 -7.92 9.55 -63.45
CA HIS F 39 -8.60 8.27 -63.24
C HIS F 39 -7.98 7.24 -64.19
N ARG F 40 -7.49 6.13 -63.65
CA ARG F 40 -6.84 5.11 -64.47
C ARG F 40 -7.83 4.15 -65.17
N PRO F 41 -7.67 2.79 -65.07
CA PRO F 41 -6.78 1.80 -64.46
C PRO F 41 -5.46 1.58 -65.21
N PHE F 42 -4.55 0.81 -64.60
CA PHE F 42 -3.27 0.53 -65.23
C PHE F 42 -3.05 -0.96 -65.49
N GLN F 43 -2.04 -1.26 -66.30
CA GLN F 43 -1.69 -2.63 -66.66
C GLN F 43 -0.90 -3.32 -65.54
N PRO F 44 -1.42 -4.46 -65.05
CA PRO F 44 -0.77 -5.23 -63.97
C PRO F 44 0.61 -5.77 -64.34
N ARG F 45 0.89 -5.78 -65.64
CA ARG F 45 2.17 -6.25 -66.14
C ARG F 45 2.92 -5.10 -66.78
N GLY F 46 2.21 -3.98 -66.95
CA GLY F 46 2.80 -2.79 -67.56
C GLY F 46 4.18 -2.48 -67.02
N PRO F 47 5.20 -2.41 -67.89
CA PRO F 47 6.58 -2.13 -67.46
C PRO F 47 6.65 -1.06 -66.38
N VAL F 48 7.25 -1.43 -65.25
CA VAL F 48 7.38 -0.52 -64.14
C VAL F 48 8.64 0.32 -64.34
N LEU F 49 9.62 -0.24 -65.02
CA LEU F 49 10.87 0.45 -65.29
C LEU F 49 10.72 1.91 -65.70
N PRO F 50 9.79 2.21 -66.62
CA PRO F 50 9.59 3.60 -67.06
C PRO F 50 9.22 4.53 -65.91
N LEU F 51 8.22 4.11 -65.12
CA LEU F 51 7.74 4.88 -63.97
C LEU F 51 8.82 5.11 -62.92
N LEU F 52 9.53 4.05 -62.56
CA LEU F 52 10.60 4.15 -61.57
C LEU F 52 11.58 5.18 -62.11
N THR F 53 11.99 4.99 -63.37
CA THR F 53 12.92 5.87 -64.06
C THR F 53 12.45 7.33 -63.94
N HIS F 54 11.15 7.52 -64.10
CA HIS F 54 10.61 8.86 -64.00
C HIS F 54 10.80 9.39 -62.59
N PHE F 55 10.46 8.58 -61.59
CA PHE F 55 10.62 9.00 -60.22
C PHE F 55 12.06 9.40 -59.94
N ALA F 56 13.02 8.65 -60.47
CA ALA F 56 14.41 9.00 -60.24
C ALA F 56 14.75 10.28 -60.98
N ASP F 57 14.20 10.46 -62.18
CA ASP F 57 14.52 11.65 -62.95
C ASP F 57 14.00 12.94 -62.32
N ILE F 58 12.75 12.95 -61.88
CA ILE F 58 12.20 14.15 -61.25
C ILE F 58 12.92 14.49 -59.96
N ASN F 59 13.42 13.49 -59.23
CA ASN F 59 14.13 13.74 -57.98
C ASN F 59 15.49 14.34 -58.19
N THR F 60 16.22 13.84 -59.19
CA THR F 60 17.53 14.39 -59.51
C THR F 60 17.27 15.85 -59.84
N PHE F 61 16.31 16.04 -60.73
CA PHE F 61 15.93 17.37 -61.17
C PHE F 61 15.61 18.25 -59.98
N MET F 62 14.81 17.74 -59.04
CA MET F 62 14.43 18.50 -57.85
C MET F 62 15.64 18.79 -56.93
N VAL F 63 16.57 17.86 -56.81
CA VAL F 63 17.71 18.12 -55.98
C VAL F 63 18.60 19.16 -56.60
N GLN F 64 18.84 19.09 -57.91
CA GLN F 64 19.71 20.10 -58.52
C GLN F 64 19.02 21.47 -58.50
N GLN F 65 17.71 21.49 -58.53
CA GLN F 65 17.01 22.76 -58.46
C GLN F 65 17.12 23.29 -57.03
N ILE F 66 17.13 22.38 -56.06
CA ILE F 66 17.24 22.76 -54.66
C ILE F 66 18.63 23.29 -54.36
N ILE F 67 19.62 22.83 -55.10
CA ILE F 67 20.98 23.30 -54.89
C ILE F 67 21.05 24.74 -55.41
N LYS F 68 20.71 24.92 -56.69
CA LYS F 68 20.72 26.23 -57.30
C LYS F 68 20.02 27.16 -56.32
N PHE F 69 19.03 26.61 -55.62
CA PHE F 69 18.29 27.37 -54.61
C PHE F 69 19.22 27.84 -53.48
N THR F 70 19.97 26.91 -52.87
CA THR F 70 20.87 27.26 -51.79
C THR F 70 21.98 28.22 -52.21
N LYS F 71 22.37 28.18 -53.48
CA LYS F 71 23.44 29.04 -54.00
C LYS F 71 23.06 30.51 -53.99
N ASP F 72 21.76 30.77 -54.01
CA ASP F 72 21.24 32.12 -53.99
C ASP F 72 21.09 32.63 -52.56
N LEU F 73 21.70 31.90 -51.62
CA LEU F 73 21.63 32.28 -50.22
C LEU F 73 23.03 32.58 -49.73
N PRO F 74 23.38 33.88 -49.70
CA PRO F 74 24.71 34.34 -49.25
C PRO F 74 25.12 33.64 -47.97
N LEU F 75 24.20 33.63 -47.01
CA LEU F 75 24.43 33.01 -45.72
C LEU F 75 24.90 31.58 -45.89
N PHE F 76 24.36 30.91 -46.90
CA PHE F 76 24.72 29.53 -47.16
C PHE F 76 26.08 29.41 -47.83
N ARG F 77 26.18 29.90 -49.08
CA ARG F 77 27.43 29.81 -49.84
C ARG F 77 28.60 30.43 -49.12
N SER F 78 28.30 31.06 -47.99
CA SER F 78 29.32 31.71 -47.18
C SER F 78 29.96 30.74 -46.20
N LEU F 79 29.64 29.45 -46.36
CA LEU F 79 30.17 28.43 -45.47
C LEU F 79 31.25 27.60 -46.14
N THR F 80 31.96 26.82 -45.33
CA THR F 80 33.01 25.94 -45.85
C THR F 80 32.37 25.12 -46.95
N MET F 81 33.14 24.81 -47.99
CA MET F 81 32.62 24.01 -49.09
C MET F 81 32.12 22.67 -48.55
N GLU F 82 32.94 22.03 -47.73
CA GLU F 82 32.56 20.74 -47.15
C GLU F 82 31.41 20.91 -46.19
N ASP F 83 31.21 22.13 -45.67
CA ASP F 83 30.09 22.38 -44.78
C ASP F 83 28.81 22.40 -45.59
N GLN F 84 28.85 23.06 -46.76
CA GLN F 84 27.69 23.13 -47.65
C GLN F 84 27.26 21.73 -48.10
N ILE F 85 28.22 20.82 -48.22
CA ILE F 85 27.93 19.45 -48.63
C ILE F 85 27.11 18.79 -47.52
N SER F 86 27.63 18.82 -46.30
CA SER F 86 26.97 18.22 -45.16
C SER F 86 25.56 18.75 -44.90
N LEU F 87 25.29 20.01 -45.23
CA LEU F 87 23.97 20.56 -45.02
C LEU F 87 23.04 20.14 -46.15
N LEU F 88 23.59 20.03 -47.34
CA LEU F 88 22.81 19.63 -48.50
C LEU F 88 22.44 18.17 -48.32
N LYS F 89 23.46 17.35 -48.11
CA LYS F 89 23.26 15.91 -47.92
C LYS F 89 22.26 15.70 -46.80
N GLY F 90 22.28 16.58 -45.82
CA GLY F 90 21.38 16.42 -44.70
C GLY F 90 19.97 16.94 -44.86
N ALA F 91 19.76 17.93 -45.72
CA ALA F 91 18.42 18.48 -45.85
C ALA F 91 17.86 18.61 -47.26
N ALA F 92 18.59 18.18 -48.29
CA ALA F 92 18.08 18.29 -49.64
C ALA F 92 16.70 17.67 -49.75
N VAL F 93 16.60 16.40 -49.37
CA VAL F 93 15.34 15.66 -49.40
C VAL F 93 14.26 16.34 -48.53
N GLU F 94 14.67 16.77 -47.33
CA GLU F 94 13.75 17.43 -46.42
C GLU F 94 13.16 18.69 -47.02
N ILE F 95 14.00 19.47 -47.69
CA ILE F 95 13.55 20.71 -48.32
C ILE F 95 12.61 20.34 -49.45
N LEU F 96 12.93 19.24 -50.14
CA LEU F 96 12.15 18.78 -51.27
C LEU F 96 10.69 18.57 -50.90
N HIS F 97 10.44 17.85 -49.82
CA HIS F 97 9.07 17.60 -49.40
C HIS F 97 8.35 18.86 -48.91
N ILE F 98 9.06 19.72 -48.21
CA ILE F 98 8.43 20.94 -47.74
C ILE F 98 7.97 21.75 -48.95
N SER F 99 8.74 21.66 -50.02
CA SER F 99 8.39 22.38 -51.22
C SER F 99 7.39 21.63 -52.06
N LEU F 100 7.56 20.32 -52.16
CA LEU F 100 6.63 19.48 -52.93
C LEU F 100 5.20 19.56 -52.40
N ASN F 101 5.09 19.79 -51.10
CA ASN F 101 3.82 19.89 -50.39
C ASN F 101 2.83 20.88 -50.97
N THR F 102 3.33 21.89 -51.67
CA THR F 102 2.44 22.90 -52.24
C THR F 102 1.58 22.33 -53.37
N THR F 103 1.95 21.15 -53.87
CA THR F 103 1.20 20.52 -54.97
C THR F 103 0.27 19.45 -54.43
N PHE F 104 0.43 19.12 -53.15
CA PHE F 104 -0.41 18.11 -52.52
C PHE F 104 -1.83 18.61 -52.27
N CYS F 105 -2.81 17.79 -52.62
CA CYS F 105 -4.19 18.18 -52.44
C CYS F 105 -4.89 17.27 -51.45
N LEU F 106 -5.46 17.85 -50.39
CA LEU F 106 -6.15 17.09 -49.34
C LEU F 106 -7.39 16.34 -49.76
N GLN F 107 -8.28 16.97 -50.51
CA GLN F 107 -9.49 16.29 -50.91
C GLN F 107 -9.20 14.98 -51.64
N THR F 108 -8.06 14.89 -52.34
CA THR F 108 -7.71 13.68 -53.09
C THR F 108 -6.42 13.01 -52.68
N GLU F 109 -5.63 13.68 -51.87
CA GLU F 109 -4.37 13.13 -51.39
C GLU F 109 -3.43 12.86 -52.54
N ASN F 110 -3.65 13.58 -53.64
CA ASN F 110 -2.82 13.44 -54.83
C ASN F 110 -1.85 14.59 -54.96
N PHE F 111 -0.77 14.35 -55.69
CA PHE F 111 0.20 15.41 -55.92
C PHE F 111 -0.05 15.99 -57.30
N PHE F 112 -0.29 17.29 -57.39
CA PHE F 112 -0.55 17.90 -58.69
C PHE F 112 0.58 18.81 -59.15
N CYS F 113 1.37 18.28 -60.07
CA CYS F 113 2.50 19.00 -60.63
C CYS F 113 2.22 19.21 -62.10
N GLY F 114 1.77 20.41 -62.44
CA GLY F 114 1.46 20.69 -63.83
C GLY F 114 0.37 19.79 -64.38
N PRO F 115 0.52 19.33 -65.61
CA PRO F 115 -0.46 18.46 -66.25
C PRO F 115 -0.55 17.10 -65.57
N LEU F 116 0.41 16.84 -64.69
CA LEU F 116 0.48 15.55 -64.00
C LEU F 116 -0.22 15.43 -62.64
N CYS F 117 -0.58 14.19 -62.34
CA CYS F 117 -1.24 13.85 -61.09
C CYS F 117 -0.61 12.59 -60.52
N TYR F 118 0.22 12.77 -59.51
CA TYR F 118 0.86 11.64 -58.88
C TYR F 118 0.03 11.12 -57.71
N LYS F 119 -0.39 9.86 -57.83
CA LYS F 119 -1.16 9.20 -56.79
C LYS F 119 -0.23 8.30 -55.97
N MET F 120 -0.71 7.81 -54.85
CA MET F 120 0.11 6.95 -54.00
C MET F 120 0.37 5.62 -54.70
N GLU F 121 -0.64 5.12 -55.42
CA GLU F 121 -0.50 3.85 -56.15
C GLU F 121 0.80 3.84 -56.94
N ASP F 122 0.94 4.84 -57.79
CA ASP F 122 2.11 4.98 -58.63
C ASP F 122 3.42 4.67 -57.90
N ALA F 123 3.57 5.19 -56.70
CA ALA F 123 4.77 4.94 -55.94
C ALA F 123 4.90 3.46 -55.57
N VAL F 124 3.81 2.86 -55.10
CA VAL F 124 3.86 1.44 -54.72
C VAL F 124 4.16 0.61 -55.95
N HIS F 125 3.46 0.92 -57.03
CA HIS F 125 3.62 0.23 -58.30
C HIS F 125 5.05 0.41 -58.78
N ALA F 126 5.63 1.55 -58.47
CA ALA F 126 7.00 1.84 -58.86
C ALA F 126 7.96 0.95 -58.09
N GLY F 127 7.51 0.45 -56.94
CA GLY F 127 8.37 -0.40 -56.14
C GLY F 127 8.69 0.03 -54.73
N PHE F 128 8.38 1.27 -54.37
CA PHE F 128 8.68 1.72 -53.01
C PHE F 128 7.79 1.04 -51.97
N GLN F 129 8.27 0.97 -50.72
CA GLN F 129 7.53 0.36 -49.62
C GLN F 129 6.26 1.10 -49.28
N TYR F 130 5.19 0.36 -48.99
CA TYR F 130 3.92 0.96 -48.62
C TYR F 130 4.09 1.71 -47.30
N GLU F 131 4.72 1.07 -46.34
CA GLU F 131 4.92 1.69 -45.03
C GLU F 131 5.58 3.07 -45.15
N PHE F 132 6.66 3.12 -45.94
CA PHE F 132 7.42 4.33 -46.20
C PHE F 132 6.57 5.40 -46.88
N LEU F 133 5.85 5.00 -47.93
CA LEU F 133 5.01 5.94 -48.65
C LEU F 133 3.94 6.47 -47.74
N GLU F 134 3.42 5.59 -46.88
CA GLU F 134 2.36 5.97 -45.95
C GLU F 134 2.84 7.02 -44.99
N SER F 135 4.11 6.92 -44.57
CA SER F 135 4.68 7.90 -43.67
C SER F 135 4.85 9.24 -44.40
N ILE F 136 5.01 9.17 -45.72
CA ILE F 136 5.14 10.36 -46.54
C ILE F 136 3.78 11.03 -46.75
N LEU F 137 2.75 10.25 -47.05
CA LEU F 137 1.42 10.83 -47.24
C LEU F 137 1.00 11.46 -45.93
N HIS F 138 1.52 10.93 -44.83
CA HIS F 138 1.19 11.49 -43.52
C HIS F 138 1.78 12.87 -43.36
N PHE F 139 3.08 12.98 -43.60
CA PHE F 139 3.74 14.26 -43.49
C PHE F 139 2.97 15.32 -44.30
N HIS F 140 2.68 15.00 -45.56
CA HIS F 140 1.99 15.94 -46.42
C HIS F 140 0.58 16.31 -45.96
N LYS F 141 -0.20 15.33 -45.51
CA LYS F 141 -1.54 15.66 -45.04
C LYS F 141 -1.43 16.60 -43.82
N ASN F 142 -0.47 16.34 -42.95
CA ASN F 142 -0.26 17.17 -41.77
C ASN F 142 0.11 18.58 -42.18
N LEU F 143 1.28 18.73 -42.76
CA LEU F 143 1.78 20.02 -43.22
C LEU F 143 0.73 20.80 -44.00
N LYS F 144 -0.07 20.11 -44.81
CA LYS F 144 -1.07 20.80 -45.60
C LYS F 144 -2.26 21.24 -44.74
N GLY F 145 -2.42 20.58 -43.60
CA GLY F 145 -3.50 20.94 -42.72
C GLY F 145 -3.22 22.26 -42.03
N LEU F 146 -1.95 22.55 -41.79
CA LEU F 146 -1.57 23.78 -41.12
C LEU F 146 -1.80 25.03 -41.94
N HIS F 147 -2.18 24.87 -43.21
CA HIS F 147 -2.42 26.01 -44.10
C HIS F 147 -1.31 27.07 -44.02
N LEU F 148 -0.05 26.68 -44.25
CA LEU F 148 1.05 27.64 -44.18
C LEU F 148 1.09 28.61 -45.35
N GLN F 149 1.80 29.73 -45.13
CA GLN F 149 1.95 30.78 -46.14
C GLN F 149 3.30 30.63 -46.81
N GLU F 150 3.44 31.20 -48.00
CA GLU F 150 4.69 31.13 -48.74
C GLU F 150 5.94 31.48 -47.89
N PRO F 151 5.84 32.50 -47.01
CA PRO F 151 6.98 32.90 -46.16
C PRO F 151 7.32 31.87 -45.08
N GLU F 152 6.28 31.18 -44.62
CA GLU F 152 6.44 30.16 -43.59
C GLU F 152 6.99 28.86 -44.16
N TYR F 153 6.63 28.57 -45.41
CA TYR F 153 7.13 27.38 -46.09
C TYR F 153 8.63 27.51 -46.28
N VAL F 154 9.08 28.61 -46.90
CA VAL F 154 10.52 28.80 -47.13
C VAL F 154 11.25 28.99 -45.81
N LEU F 155 10.53 29.52 -44.82
CA LEU F 155 11.15 29.72 -43.52
C LEU F 155 11.40 28.39 -42.87
N MET F 156 10.46 27.47 -43.06
CA MET F 156 10.57 26.12 -42.51
C MET F 156 11.69 25.35 -43.21
N ALA F 157 11.83 25.60 -44.50
CA ALA F 157 12.85 24.96 -45.30
C ALA F 157 14.23 25.34 -44.81
N ALA F 158 14.43 26.64 -44.66
CA ALA F 158 15.72 27.15 -44.22
C ALA F 158 16.10 26.70 -42.81
N THR F 159 15.08 26.46 -41.97
CA THR F 159 15.35 26.00 -40.61
C THR F 159 15.90 24.58 -40.67
N ALA F 160 15.50 23.84 -41.70
CA ALA F 160 15.95 22.47 -41.88
C ALA F 160 17.33 22.48 -42.51
N LEU F 161 17.54 23.39 -43.45
CA LEU F 161 18.81 23.51 -44.15
C LEU F 161 19.94 23.73 -43.15
N PHE F 162 19.81 24.75 -42.32
CA PHE F 162 20.84 25.06 -41.34
C PHE F 162 20.71 24.29 -40.03
N SER F 163 21.00 23.00 -40.04
CA SER F 163 20.91 22.21 -38.82
C SER F 163 22.27 21.68 -38.44
N PRO F 164 22.68 21.93 -37.20
CA PRO F 164 23.98 21.51 -36.65
C PRO F 164 24.14 20.00 -36.48
N ASP F 165 23.10 19.34 -35.99
CA ASP F 165 23.21 17.91 -35.77
C ASP F 165 23.46 17.12 -37.04
N ARG F 166 23.31 17.78 -38.19
CA ARG F 166 23.55 17.14 -39.48
C ARG F 166 24.96 16.57 -39.42
N PRO F 167 25.10 15.26 -39.69
CA PRO F 167 26.44 14.66 -39.64
C PRO F 167 27.35 15.27 -40.69
N GLY F 168 28.66 15.23 -40.43
CA GLY F 168 29.63 15.78 -41.37
C GLY F 168 30.03 17.23 -41.20
N VAL F 169 29.22 18.02 -40.50
CA VAL F 169 29.55 19.44 -40.33
C VAL F 169 30.73 19.65 -39.37
N THR F 170 31.23 20.88 -39.33
CA THR F 170 32.34 21.22 -38.44
C THR F 170 32.04 22.54 -37.74
N GLN F 171 31.78 23.59 -38.50
CA GLN F 171 31.46 24.88 -37.90
C GLN F 171 30.08 24.79 -37.25
N ARG F 172 29.92 23.87 -36.30
CA ARG F 172 28.63 23.71 -35.66
C ARG F 172 28.15 24.98 -34.98
N GLU F 173 29.00 25.56 -34.15
CA GLU F 173 28.64 26.80 -33.48
C GLU F 173 28.25 27.85 -34.53
N GLU F 174 29.03 27.89 -35.61
CA GLU F 174 28.79 28.85 -36.67
C GLU F 174 27.43 28.61 -37.32
N ILE F 175 27.12 27.37 -37.62
CA ILE F 175 25.86 27.02 -38.25
C ILE F 175 24.69 27.14 -37.28
N ASP F 176 24.88 26.62 -36.07
CA ASP F 176 23.84 26.67 -35.06
C ASP F 176 23.25 28.07 -34.97
N GLN F 177 24.11 29.08 -35.06
CA GLN F 177 23.67 30.48 -35.00
C GLN F 177 22.64 30.74 -36.08
N LEU F 178 22.93 30.30 -37.31
CA LEU F 178 22.02 30.47 -38.44
C LEU F 178 20.65 29.86 -38.18
N GLN F 179 20.65 28.68 -37.59
CA GLN F 179 19.38 28.00 -37.29
C GLN F 179 18.56 28.76 -36.27
N GLU F 180 19.15 29.00 -35.11
CA GLU F 180 18.47 29.71 -34.03
C GLU F 180 17.94 31.05 -34.56
N GLU F 181 18.70 31.66 -35.44
CA GLU F 181 18.31 32.94 -36.03
C GLU F 181 17.13 32.69 -36.96
N MET F 182 17.23 31.59 -37.70
CA MET F 182 16.21 31.17 -38.65
C MET F 182 14.90 30.83 -37.95
N ALA F 183 15.00 30.21 -36.78
CA ALA F 183 13.81 29.83 -36.01
C ALA F 183 13.11 31.09 -35.47
N LEU F 184 13.84 31.92 -34.73
CA LEU F 184 13.27 33.15 -34.19
C LEU F 184 12.41 33.84 -35.25
N ILE F 185 13.00 34.07 -36.43
CA ILE F 185 12.30 34.75 -37.51
C ILE F 185 11.03 34.01 -37.86
N LEU F 186 11.12 32.69 -37.94
CA LEU F 186 9.99 31.85 -38.30
C LEU F 186 8.86 32.02 -37.28
N ASN F 187 9.21 31.94 -36.01
CA ASN F 187 8.23 32.10 -34.93
C ASN F 187 7.66 33.52 -34.98
N ASN F 188 8.53 34.52 -35.01
CA ASN F 188 8.12 35.90 -35.08
C ASN F 188 7.09 36.12 -36.17
N HIS F 189 7.38 35.61 -37.37
CA HIS F 189 6.47 35.77 -38.49
C HIS F 189 5.12 35.16 -38.16
N ILE F 190 5.15 34.06 -37.42
CA ILE F 190 3.92 33.38 -37.05
C ILE F 190 3.14 34.24 -36.07
N MET F 191 3.73 34.48 -34.90
CA MET F 191 3.09 35.29 -33.87
C MET F 191 2.49 36.57 -34.42
N GLU F 192 3.28 37.34 -35.15
CA GLU F 192 2.81 38.59 -35.72
C GLU F 192 1.81 38.33 -36.84
N GLN F 193 0.99 37.29 -36.67
CA GLN F 193 -0.01 36.92 -37.66
C GLN F 193 -1.11 36.09 -37.00
N GLN F 194 -1.48 36.50 -35.78
CA GLN F 194 -2.47 35.87 -34.93
C GLN F 194 -3.75 35.22 -35.51
N SER F 195 -4.37 34.40 -34.65
CA SER F 195 -5.60 33.62 -34.88
C SER F 195 -6.39 33.71 -36.19
N ARG F 196 -7.29 32.73 -36.36
CA ARG F 196 -8.12 32.58 -37.55
C ARG F 196 -7.30 31.84 -38.61
N LEU F 197 -6.63 30.78 -38.15
CA LEU F 197 -5.76 29.88 -38.90
C LEU F 197 -4.94 29.30 -37.75
N GLN F 198 -4.79 30.16 -36.75
CA GLN F 198 -4.05 29.89 -35.53
C GLN F 198 -3.51 28.50 -35.28
N SER F 199 -4.34 27.62 -34.70
CA SER F 199 -3.92 26.29 -34.33
C SER F 199 -2.75 26.59 -33.37
N ARG F 200 -2.72 27.86 -32.97
CA ARG F 200 -1.74 28.46 -32.07
C ARG F 200 -0.35 27.85 -32.13
N PHE F 201 -0.23 26.66 -31.55
CA PHE F 201 1.05 25.97 -31.51
C PHE F 201 1.47 25.57 -32.90
N LEU F 202 1.37 26.52 -33.84
CA LEU F 202 1.75 26.28 -35.23
C LEU F 202 3.25 26.11 -35.32
N TYR F 203 3.97 26.84 -34.48
CA TYR F 203 5.42 26.71 -34.47
C TYR F 203 5.79 25.41 -33.78
N ALA F 204 4.98 25.01 -32.79
CA ALA F 204 5.24 23.77 -32.06
C ALA F 204 5.02 22.57 -32.97
N LYS F 205 4.07 22.73 -33.88
CA LYS F 205 3.76 21.68 -34.82
C LYS F 205 4.83 21.53 -35.91
N LEU F 206 5.30 22.63 -36.46
CA LEU F 206 6.30 22.57 -37.52
C LEU F 206 7.54 21.92 -36.94
N MET F 207 7.80 22.15 -35.67
CA MET F 207 8.98 21.54 -35.09
C MET F 207 8.73 20.04 -35.06
N GLY F 208 7.46 19.67 -34.92
CA GLY F 208 7.11 18.26 -34.91
C GLY F 208 7.46 17.76 -36.29
N LEU F 209 6.84 18.39 -37.29
CA LEU F 209 7.04 18.07 -38.69
C LEU F 209 8.51 18.04 -39.14
N LEU F 210 9.36 18.92 -38.63
CA LEU F 210 10.76 18.91 -39.02
C LEU F 210 11.38 17.64 -38.45
N ALA F 211 10.75 17.08 -37.42
CA ALA F 211 11.26 15.86 -36.79
C ALA F 211 10.82 14.66 -37.64
N ASP F 212 9.61 14.72 -38.16
CA ASP F 212 9.06 13.66 -38.99
C ASP F 212 9.82 13.60 -40.30
N LEU F 213 10.24 14.76 -40.81
CA LEU F 213 11.00 14.81 -42.04
C LEU F 213 12.26 14.00 -41.78
N ARG F 214 12.86 14.26 -40.64
CA ARG F 214 14.04 13.55 -40.21
C ARG F 214 13.87 12.06 -40.43
N SER F 215 12.81 11.48 -39.89
CA SER F 215 12.56 10.05 -40.05
C SER F 215 12.44 9.69 -41.51
N ILE F 216 11.60 10.44 -42.23
CA ILE F 216 11.39 10.22 -43.66
C ILE F 216 12.70 10.27 -44.44
N ASN F 217 13.56 11.22 -44.13
CA ASN F 217 14.81 11.29 -44.84
C ASN F 217 15.63 10.06 -44.51
N ASN F 218 15.66 9.72 -43.22
CA ASN F 218 16.41 8.55 -42.75
C ASN F 218 16.00 7.28 -43.50
N ALA F 219 14.82 7.30 -44.12
CA ALA F 219 14.32 6.15 -44.86
C ALA F 219 14.81 6.10 -46.30
N TYR F 220 15.00 7.26 -46.93
CA TYR F 220 15.48 7.29 -48.30
C TYR F 220 16.72 6.43 -48.47
N SER F 221 17.80 6.81 -47.78
CA SER F 221 19.04 6.06 -47.89
C SER F 221 18.79 4.57 -47.77
N TYR F 222 17.71 4.20 -47.10
CA TYR F 222 17.36 2.80 -46.94
C TYR F 222 16.67 2.24 -48.19
N GLU F 223 15.70 2.99 -48.72
CA GLU F 223 15.00 2.54 -49.90
C GLU F 223 15.93 2.40 -51.10
N LEU F 224 16.80 3.38 -51.32
CA LEU F 224 17.73 3.33 -52.44
C LEU F 224 18.43 1.96 -52.56
N GLN F 225 18.92 1.43 -51.44
CA GLN F 225 19.59 0.14 -51.44
C GLN F 225 18.65 -0.97 -51.88
N ARG F 226 17.55 -1.09 -51.16
CA ARG F 226 16.55 -2.11 -51.45
C ARG F 226 15.96 -2.03 -52.83
N LEU F 227 16.58 -1.30 -53.74
CA LEU F 227 15.98 -1.19 -55.05
C LEU F 227 16.96 -1.21 -56.21
N GLU F 228 18.20 -1.61 -55.95
CA GLU F 228 19.24 -1.69 -56.99
C GLU F 228 19.13 -0.62 -58.07
N GLU F 229 18.54 -0.99 -59.20
CA GLU F 229 18.34 -0.08 -60.33
C GLU F 229 18.46 1.41 -60.00
N LEU F 230 17.52 1.88 -59.19
CA LEU F 230 17.44 3.28 -58.74
C LEU F 230 18.80 3.94 -58.58
N SER F 231 19.57 3.46 -57.60
CA SER F 231 20.89 3.99 -57.33
C SER F 231 21.54 4.44 -58.64
N ALA F 232 21.80 3.49 -59.53
CA ALA F 232 22.43 3.74 -60.82
C ALA F 232 21.67 4.79 -61.61
N MET F 233 20.35 4.65 -61.66
CA MET F 233 19.51 5.59 -62.41
C MET F 233 19.73 7.03 -61.98
N THR F 234 19.86 7.26 -60.69
CA THR F 234 20.08 8.60 -60.16
C THR F 234 21.26 8.59 -59.21
N PRO F 235 22.44 9.00 -59.69
CA PRO F 235 23.65 9.02 -58.87
C PRO F 235 23.57 10.13 -57.84
N LEU F 236 23.06 11.28 -58.27
CA LEU F 236 22.95 12.43 -57.40
C LEU F 236 22.19 12.14 -56.12
N LEU F 237 21.02 11.53 -56.24
CA LEU F 237 20.26 11.25 -55.05
C LEU F 237 21.02 10.27 -54.20
N GLY F 238 21.78 9.41 -54.85
CA GLY F 238 22.56 8.43 -54.13
C GLY F 238 23.69 9.08 -53.38
N GLU F 239 24.20 10.18 -53.92
CA GLU F 239 25.29 10.89 -53.27
C GLU F 239 24.73 11.64 -52.07
N ILE F 240 23.66 12.40 -52.32
CA ILE F 240 23.00 13.21 -51.29
C ILE F 240 22.73 12.51 -49.96
N CYS F 241 22.19 11.31 -49.98
CA CYS F 241 21.88 10.61 -48.73
C CYS F 241 22.89 9.55 -48.33
N SER F 242 23.91 9.34 -49.16
CA SER F 242 24.93 8.35 -48.84
C SER F 242 26.05 9.09 -48.12
N ASN G 1 -41.11 -16.42 10.01
CA ASN G 1 -42.22 -17.05 9.23
C ASN G 1 -43.52 -16.26 9.34
N GLN G 2 -44.52 -16.85 10.00
CA GLN G 2 -45.81 -16.21 10.19
C GLN G 2 -46.02 -15.87 11.65
N GLN G 3 -45.81 -16.85 12.52
CA GLN G 3 -45.96 -16.67 13.94
C GLN G 3 -45.06 -15.54 14.41
N GLN G 4 -43.98 -15.32 13.68
CA GLN G 4 -43.04 -14.25 14.01
C GLN G 4 -43.69 -12.90 13.76
N LYS G 5 -44.13 -12.67 12.52
CA LYS G 5 -44.79 -11.41 12.16
C LYS G 5 -45.87 -11.10 13.20
N GLU G 6 -46.37 -12.14 13.85
CA GLU G 6 -47.38 -12.01 14.88
C GLU G 6 -46.76 -11.52 16.18
N LEU G 7 -45.63 -12.11 16.56
CA LEU G 7 -44.95 -11.72 17.78
C LEU G 7 -44.56 -10.26 17.67
N VAL G 8 -43.90 -9.91 16.57
CA VAL G 8 -43.47 -8.53 16.35
C VAL G 8 -44.68 -7.61 16.44
N GLN G 9 -45.79 -8.05 15.86
CA GLN G 9 -47.03 -7.31 15.90
C GLN G 9 -47.43 -7.10 17.38
N ILE G 10 -47.40 -8.18 18.14
CA ILE G 10 -47.73 -8.11 19.56
C ILE G 10 -46.86 -7.06 20.24
N LEU G 11 -45.54 -7.23 20.12
CA LEU G 11 -44.58 -6.31 20.71
C LEU G 11 -44.91 -4.89 20.27
N LEU G 12 -44.74 -4.60 18.98
CA LEU G 12 -45.02 -3.27 18.47
C LEU G 12 -46.23 -2.60 19.10
N GLY G 13 -47.29 -3.36 19.30
CA GLY G 13 -48.49 -2.79 19.90
C GLY G 13 -48.30 -2.45 21.36
N ALA G 14 -47.84 -3.42 22.13
CA ALA G 14 -47.59 -3.23 23.55
C ALA G 14 -46.74 -1.99 23.74
N HIS G 15 -45.73 -1.86 22.88
CA HIS G 15 -44.82 -0.73 22.92
C HIS G 15 -45.51 0.60 22.61
N THR G 16 -46.10 0.71 21.43
CA THR G 16 -46.77 1.95 21.03
C THR G 16 -47.86 2.38 22.02
N ARG G 17 -48.41 1.43 22.75
CA ARG G 17 -49.47 1.69 23.70
C ARG G 17 -48.99 2.14 25.07
N HIS G 18 -47.87 1.59 25.52
CA HIS G 18 -47.36 1.92 26.84
C HIS G 18 -46.12 2.77 26.97
N VAL G 19 -45.21 2.73 26.02
CA VAL G 19 -44.02 3.54 26.17
C VAL G 19 -43.90 4.61 25.08
N GLY G 20 -44.22 4.25 23.85
CA GLY G 20 -44.12 5.21 22.78
C GLY G 20 -44.49 6.61 23.21
N PRO G 21 -45.58 6.76 23.98
CA PRO G 21 -45.98 8.10 24.42
C PRO G 21 -45.58 8.51 25.84
N LEU G 22 -44.66 7.77 26.47
CA LEU G 22 -44.28 8.14 27.83
C LEU G 22 -43.52 9.48 27.85
N PHE G 23 -42.85 9.81 26.76
CA PHE G 23 -42.07 11.04 26.69
C PHE G 23 -42.89 12.32 26.70
N ASP G 24 -44.01 12.33 25.99
CA ASP G 24 -44.86 13.50 25.97
C ASP G 24 -45.37 13.85 27.36
N GLN G 25 -45.46 12.82 28.21
CA GLN G 25 -45.96 12.97 29.56
C GLN G 25 -44.97 13.46 30.60
N PHE G 26 -43.76 13.84 30.17
CA PHE G 26 -42.80 14.30 31.16
C PHE G 26 -43.19 15.59 31.87
N VAL G 27 -43.99 16.42 31.21
CA VAL G 27 -44.44 17.69 31.79
C VAL G 27 -45.29 17.48 33.04
N GLN G 28 -45.70 16.24 33.29
CA GLN G 28 -46.51 15.92 34.48
C GLN G 28 -45.65 15.90 35.72
N PHE G 29 -44.34 15.85 35.57
CA PHE G 29 -43.49 15.74 36.75
C PHE G 29 -42.62 16.92 37.19
N ARG G 30 -43.25 18.09 37.24
CA ARG G 30 -42.60 19.32 37.68
C ARG G 30 -41.27 19.59 37.04
N PRO G 31 -41.21 19.69 35.70
CA PRO G 31 -39.92 19.97 35.09
C PRO G 31 -39.56 21.43 35.33
N PRO G 32 -38.34 21.70 35.77
CA PRO G 32 -37.93 23.09 36.03
C PRO G 32 -38.12 23.91 34.75
N ALA G 33 -38.69 25.10 34.90
CA ALA G 33 -38.97 26.00 33.78
C ALA G 33 -37.94 26.03 32.64
N TYR G 34 -36.66 26.20 32.91
CA TYR G 34 -35.73 26.26 31.80
C TYR G 34 -35.92 25.17 30.78
N LEU G 35 -36.05 23.93 31.22
CA LEU G 35 -36.21 22.79 30.31
C LEU G 35 -37.16 23.01 29.13
N PHE G 36 -37.95 24.08 29.15
CA PHE G 36 -38.88 24.37 28.06
C PHE G 36 -38.20 25.18 26.96
N MET G 37 -37.04 25.73 27.27
CA MET G 37 -36.29 26.51 26.31
C MET G 37 -35.29 25.61 25.61
N HIS G 38 -34.66 26.16 24.57
CA HIS G 38 -33.65 25.41 23.83
C HIS G 38 -32.31 26.12 23.98
N HIS G 39 -32.34 27.28 24.64
CA HIS G 39 -31.17 28.11 24.92
C HIS G 39 -31.33 28.70 26.31
N ARG G 40 -30.35 28.48 27.19
CA ARG G 40 -30.43 28.98 28.56
C ARG G 40 -30.00 30.46 28.72
N PRO G 41 -29.10 30.82 29.65
CA PRO G 41 -28.27 30.23 30.72
C PRO G 41 -29.00 29.94 32.03
N PHE G 42 -28.34 29.25 32.95
CA PHE G 42 -28.94 28.91 34.24
C PHE G 42 -28.19 29.51 35.42
N GLN G 43 -28.85 29.50 36.57
CA GLN G 43 -28.30 30.02 37.83
C GLN G 43 -27.28 29.06 38.44
N PRO G 44 -26.03 29.53 38.65
CA PRO G 44 -24.95 28.74 39.24
C PRO G 44 -25.25 28.27 40.67
N ARG G 45 -26.21 28.93 41.31
CA ARG G 45 -26.62 28.58 42.66
C ARG G 45 -28.05 28.05 42.65
N GLY G 46 -28.71 28.18 41.50
CA GLY G 46 -30.07 27.70 41.34
C GLY G 46 -30.27 26.32 41.94
N PRO G 47 -31.22 26.18 42.89
CA PRO G 47 -31.48 24.89 43.53
C PRO G 47 -31.45 23.73 42.55
N VAL G 48 -30.58 22.76 42.82
CA VAL G 48 -30.45 21.59 41.97
C VAL G 48 -31.51 20.57 42.37
N LEU G 49 -31.89 20.58 43.64
CA LEU G 49 -32.87 19.66 44.16
C LEU G 49 -34.08 19.44 43.26
N PRO G 50 -34.65 20.53 42.70
CA PRO G 50 -35.82 20.37 41.83
C PRO G 50 -35.52 19.54 40.60
N LEU G 51 -34.40 19.83 39.95
CA LEU G 51 -33.98 19.13 38.73
C LEU G 51 -33.72 17.65 38.98
N LEU G 52 -32.96 17.36 40.03
CA LEU G 52 -32.63 15.98 40.41
C LEU G 52 -33.98 15.25 40.61
N THR G 53 -34.85 15.86 41.42
CA THR G 53 -36.17 15.34 41.72
C THR G 53 -36.91 15.02 40.44
N HIS G 54 -36.80 15.90 39.45
CA HIS G 54 -37.46 15.67 38.17
C HIS G 54 -36.87 14.42 37.52
N PHE G 55 -35.55 14.33 37.48
CA PHE G 55 -34.91 13.19 36.87
C PHE G 55 -35.36 11.89 37.53
N ALA G 56 -35.50 11.90 38.85
CA ALA G 56 -35.98 10.71 39.53
C ALA G 56 -37.44 10.45 39.16
N ASP G 57 -38.25 11.50 39.10
CA ASP G 57 -39.67 11.30 38.78
C ASP G 57 -39.93 10.75 37.39
N ILE G 58 -39.22 11.27 36.38
CA ILE G 58 -39.45 10.77 35.02
C ILE G 58 -38.95 9.34 34.86
N ASN G 59 -37.94 8.94 35.63
CA ASN G 59 -37.45 7.56 35.54
C ASN G 59 -38.39 6.58 36.18
N THR G 60 -38.93 6.91 37.34
CA THR G 60 -39.89 6.04 38.00
C THR G 60 -41.01 5.84 37.00
N PHE G 61 -41.51 6.96 36.50
CA PHE G 61 -42.59 6.97 35.54
C PHE G 61 -42.26 6.09 34.35
N MET G 62 -41.04 6.20 33.84
CA MET G 62 -40.61 5.41 32.69
C MET G 62 -40.49 3.92 33.02
N VAL G 63 -40.03 3.59 34.23
CA VAL G 63 -39.93 2.19 34.60
C VAL G 63 -41.33 1.58 34.76
N GLN G 64 -42.24 2.29 35.41
CA GLN G 64 -43.58 1.70 35.56
C GLN G 64 -44.28 1.60 34.21
N GLN G 65 -43.92 2.46 33.27
CA GLN G 65 -44.52 2.40 31.93
C GLN G 65 -43.92 1.21 31.20
N ILE G 66 -42.65 0.95 31.48
CA ILE G 66 -41.95 -0.17 30.86
C ILE G 66 -42.48 -1.49 31.38
N ILE G 67 -42.96 -1.48 32.63
CA ILE G 67 -43.53 -2.70 33.21
C ILE G 67 -44.85 -2.99 32.50
N LYS G 68 -45.78 -2.04 32.59
CA LYS G 68 -47.08 -2.18 31.94
C LYS G 68 -46.78 -2.70 30.55
N PHE G 69 -45.65 -2.30 29.99
CA PHE G 69 -45.24 -2.73 28.67
C PHE G 69 -45.03 -4.25 28.64
N THR G 70 -44.20 -4.75 29.54
CA THR G 70 -43.92 -6.19 29.59
C THR G 70 -45.17 -7.03 29.89
N LYS G 71 -46.13 -6.46 30.62
CA LYS G 71 -47.37 -7.17 30.97
C LYS G 71 -48.22 -7.51 29.74
N ASP G 72 -48.03 -6.74 28.68
CA ASP G 72 -48.77 -6.94 27.46
C ASP G 72 -48.06 -7.96 26.58
N LEU G 73 -47.10 -8.67 27.15
CA LEU G 73 -46.35 -9.67 26.41
C LEU G 73 -46.62 -11.03 27.02
N PRO G 74 -47.53 -11.80 26.44
CA PRO G 74 -47.90 -13.14 26.91
C PRO G 74 -46.66 -13.95 27.22
N LEU G 75 -45.72 -13.96 26.28
CA LEU G 75 -44.47 -14.68 26.43
C LEU G 75 -43.77 -14.32 27.74
N PHE G 76 -43.89 -13.05 28.12
CA PHE G 76 -43.26 -12.58 29.33
C PHE G 76 -44.04 -12.99 30.58
N ARG G 77 -45.25 -12.45 30.73
CA ARG G 77 -46.07 -12.77 31.91
C ARG G 77 -46.32 -14.25 32.08
N SER G 78 -45.85 -15.02 31.11
CA SER G 78 -46.01 -16.47 31.15
C SER G 78 -44.85 -17.13 31.88
N LEU G 79 -44.02 -16.31 32.53
CA LEU G 79 -42.87 -16.81 33.27
C LEU G 79 -43.11 -16.75 34.78
N THR G 80 -42.23 -17.43 35.52
CA THR G 80 -42.29 -17.46 36.96
C THR G 80 -42.35 -16.02 37.41
N MET G 81 -43.09 -15.74 38.47
CA MET G 81 -43.18 -14.38 38.97
C MET G 81 -41.79 -13.88 39.30
N GLU G 82 -41.02 -14.68 40.03
CA GLU G 82 -39.66 -14.30 40.41
C GLU G 82 -38.77 -14.22 39.18
N ASP G 83 -39.17 -14.89 38.10
CA ASP G 83 -38.38 -14.82 36.86
C ASP G 83 -38.62 -13.45 36.23
N GLN G 84 -39.87 -13.00 36.20
CA GLN G 84 -40.22 -11.70 35.65
C GLN G 84 -39.48 -10.57 36.39
N ILE G 85 -39.24 -10.77 37.68
CA ILE G 85 -38.55 -9.78 38.47
C ILE G 85 -37.10 -9.68 37.98
N SER G 86 -36.43 -10.81 37.91
CA SER G 86 -35.04 -10.86 37.48
C SER G 86 -34.80 -10.30 36.07
N LEU G 87 -35.79 -10.41 35.19
CA LEU G 87 -35.65 -9.90 33.83
C LEU G 87 -35.89 -8.39 33.82
N LEU G 88 -36.82 -7.95 34.65
CA LEU G 88 -37.14 -6.53 34.76
C LEU G 88 -35.95 -5.83 35.40
N LYS G 89 -35.55 -6.31 36.56
CA LYS G 89 -34.41 -5.74 37.27
C LYS G 89 -33.20 -5.73 36.35
N GLY G 90 -33.14 -6.70 35.44
CA GLY G 90 -31.99 -6.78 34.56
C GLY G 90 -32.02 -5.94 33.32
N ALA G 91 -33.22 -5.65 32.80
CA ALA G 91 -33.31 -4.89 31.58
C ALA G 91 -34.24 -3.67 31.56
N ALA G 92 -34.85 -3.33 32.69
CA ALA G 92 -35.74 -2.16 32.70
C ALA G 92 -35.01 -0.92 32.16
N VAL G 93 -33.89 -0.60 32.79
CA VAL G 93 -33.08 0.55 32.40
C VAL G 93 -32.62 0.43 30.94
N GLU G 94 -32.18 -0.77 30.55
CA GLU G 94 -31.71 -1.01 29.19
C GLU G 94 -32.80 -0.73 28.18
N ILE G 95 -34.02 -1.16 28.48
CA ILE G 95 -35.14 -0.96 27.58
C ILE G 95 -35.43 0.52 27.52
N LEU G 96 -35.25 1.17 28.66
CA LEU G 96 -35.51 2.61 28.78
C LEU G 96 -34.72 3.41 27.76
N HIS G 97 -33.41 3.19 27.72
CA HIS G 97 -32.58 3.91 26.77
C HIS G 97 -32.88 3.58 25.33
N ILE G 98 -33.16 2.31 25.04
CA ILE G 98 -33.46 1.93 23.67
C ILE G 98 -34.69 2.69 23.23
N SER G 99 -35.60 2.91 24.16
CA SER G 99 -36.83 3.63 23.84
C SER G 99 -36.62 5.12 23.90
N LEU G 100 -35.85 5.58 24.87
CA LEU G 100 -35.59 7.03 25.02
C LEU G 100 -34.88 7.61 23.79
N ASN G 101 -34.09 6.76 23.15
CA ASN G 101 -33.31 7.10 21.97
C ASN G 101 -34.11 7.72 20.83
N THR G 102 -35.39 7.45 20.77
CA THR G 102 -36.21 8.00 19.70
C THR G 102 -36.38 9.51 19.83
N THR G 103 -36.05 10.06 20.99
CA THR G 103 -36.19 11.49 21.23
C THR G 103 -34.86 12.19 21.08
N PHE G 104 -33.79 11.40 20.99
CA PHE G 104 -32.45 11.96 20.85
C PHE G 104 -32.22 12.53 19.46
N CYS G 105 -31.64 13.71 19.41
CA CYS G 105 -31.38 14.39 18.15
C CYS G 105 -29.88 14.57 17.94
N LEU G 106 -29.37 14.06 16.82
CA LEU G 106 -27.95 14.12 16.49
C LEU G 106 -27.39 15.51 16.24
N GLN G 107 -28.11 16.33 15.46
CA GLN G 107 -27.60 17.65 15.17
C GLN G 107 -27.32 18.44 16.45
N THR G 108 -28.07 18.16 17.52
CA THR G 108 -27.89 18.90 18.78
C THR G 108 -27.51 18.06 19.98
N GLU G 109 -27.60 16.75 19.83
CA GLU G 109 -27.25 15.83 20.91
C GLU G 109 -28.16 16.04 22.11
N ASN G 110 -29.35 16.58 21.85
CA ASN G 110 -30.32 16.85 22.90
C ASN G 110 -31.44 15.85 22.88
N PHE G 111 -32.11 15.69 24.02
CA PHE G 111 -33.25 14.79 24.09
C PHE G 111 -34.51 15.61 24.01
N PHE G 112 -35.37 15.31 23.05
CA PHE G 112 -36.59 16.07 22.90
C PHE G 112 -37.82 15.26 23.25
N CYS G 113 -38.35 15.54 24.43
CA CYS G 113 -39.52 14.86 24.95
C CYS G 113 -40.60 15.89 25.11
N GLY G 114 -41.52 15.94 24.15
CA GLY G 114 -42.59 16.92 24.19
C GLY G 114 -42.07 18.34 24.17
N PRO G 115 -42.66 19.22 24.97
CA PRO G 115 -42.26 20.62 25.07
C PRO G 115 -40.88 20.78 25.67
N LEU G 116 -40.33 19.68 26.18
CA LEU G 116 -39.03 19.72 26.83
C LEU G 116 -37.81 19.37 25.99
N CYS G 117 -36.67 19.88 26.43
CA CYS G 117 -35.40 19.64 25.78
C CYS G 117 -34.35 19.36 26.84
N TYR G 118 -33.98 18.10 26.97
CA TYR G 118 -32.97 17.72 27.94
C TYR G 118 -31.59 17.72 27.31
N LYS G 119 -30.72 18.56 27.87
CA LYS G 119 -29.35 18.70 27.43
C LYS G 119 -28.45 17.93 28.39
N MET G 120 -27.20 17.69 27.99
CA MET G 120 -26.28 16.97 28.83
C MET G 120 -25.96 17.77 30.09
N GLU G 121 -25.84 19.09 29.96
CA GLU G 121 -25.55 19.96 31.11
C GLU G 121 -26.45 19.62 32.27
N ASP G 122 -27.75 19.67 32.00
CA ASP G 122 -28.77 19.38 32.98
C ASP G 122 -28.41 18.19 33.86
N ALA G 123 -27.99 17.10 33.24
CA ALA G 123 -27.61 15.92 34.01
C ALA G 123 -26.42 16.20 34.92
N VAL G 124 -25.38 16.85 34.39
CA VAL G 124 -24.19 17.13 35.21
C VAL G 124 -24.58 18.04 36.34
N HIS G 125 -25.35 19.08 36.01
CA HIS G 125 -25.82 20.07 36.97
C HIS G 125 -26.67 19.36 38.01
N ALA G 126 -27.38 18.33 37.59
CA ALA G 126 -28.23 17.56 38.48
C ALA G 126 -27.37 16.76 39.47
N GLY G 127 -26.13 16.51 39.11
CA GLY G 127 -25.25 15.77 40.01
C GLY G 127 -24.62 14.51 39.46
N PHE G 128 -25.12 13.97 38.36
CA PHE G 128 -24.53 12.75 37.83
C PHE G 128 -23.11 12.93 37.30
N GLN G 129 -22.34 11.85 37.28
CA GLN G 129 -20.95 11.87 36.80
C GLN G 129 -20.83 12.22 35.33
N TYR G 130 -19.84 13.03 34.99
CA TYR G 130 -19.62 13.39 33.59
C TYR G 130 -19.27 12.15 32.78
N GLU G 131 -18.34 11.36 33.31
CA GLU G 131 -17.89 10.15 32.63
C GLU G 131 -19.08 9.24 32.24
N PHE G 132 -19.95 9.03 33.22
CA PHE G 132 -21.15 8.21 33.08
C PHE G 132 -22.07 8.79 32.02
N LEU G 133 -22.36 10.08 32.11
CA LEU G 133 -23.24 10.74 31.16
C LEU G 133 -22.64 10.65 29.77
N GLU G 134 -21.32 10.80 29.69
CA GLU G 134 -20.64 10.75 28.41
C GLU G 134 -20.80 9.39 27.76
N SER G 135 -20.80 8.34 28.57
CA SER G 135 -20.98 6.98 28.06
C SER G 135 -22.41 6.81 27.56
N ILE G 136 -23.33 7.59 28.15
CA ILE G 136 -24.72 7.55 27.74
C ILE G 136 -24.93 8.31 26.42
N LEU G 137 -24.34 9.49 26.30
CA LEU G 137 -24.49 10.26 25.06
C LEU G 137 -23.86 9.45 23.93
N HIS G 138 -22.88 8.62 24.27
CA HIS G 138 -22.24 7.78 23.28
C HIS G 138 -23.21 6.74 22.76
N PHE G 139 -23.82 6.00 23.67
CA PHE G 139 -24.78 4.99 23.27
C PHE G 139 -25.82 5.58 22.35
N HIS G 140 -26.40 6.70 22.74
CA HIS G 140 -27.44 7.33 21.93
C HIS G 140 -26.97 7.83 20.58
N LYS G 141 -25.78 8.42 20.51
CA LYS G 141 -25.28 8.88 19.22
C LYS G 141 -25.09 7.69 18.28
N ASN G 142 -24.57 6.58 18.83
CA ASN G 142 -24.36 5.37 18.05
C ASN G 142 -25.70 4.82 17.54
N LEU G 143 -26.54 4.38 18.47
CA LEU G 143 -27.82 3.83 18.13
C LEU G 143 -28.61 4.69 17.15
N LYS G 144 -28.51 6.01 17.30
CA LYS G 144 -29.24 6.91 16.42
C LYS G 144 -28.59 6.94 15.05
N GLY G 145 -27.31 6.63 14.99
CA GLY G 145 -26.63 6.62 13.72
C GLY G 145 -27.09 5.48 12.84
N LEU G 146 -27.47 4.38 13.46
CA LEU G 146 -27.92 3.21 12.72
C LEU G 146 -29.26 3.40 12.04
N HIS G 147 -29.93 4.52 12.29
CA HIS G 147 -31.23 4.79 11.68
C HIS G 147 -32.19 3.59 11.73
N LEU G 148 -32.44 3.05 12.92
CA LEU G 148 -33.32 1.91 13.07
C LEU G 148 -34.80 2.24 12.83
N GLN G 149 -35.58 1.20 12.56
CA GLN G 149 -37.01 1.33 12.32
C GLN G 149 -37.76 0.92 13.58
N GLU G 150 -39.01 1.35 13.70
CA GLU G 150 -39.82 1.02 14.85
C GLU G 150 -39.80 -0.49 15.23
N PRO G 151 -39.84 -1.39 14.22
CA PRO G 151 -39.82 -2.84 14.48
C PRO G 151 -38.49 -3.33 15.03
N GLU G 152 -37.42 -2.66 14.61
CA GLU G 152 -36.09 -3.03 15.02
C GLU G 152 -35.77 -2.51 16.42
N TYR G 153 -36.37 -1.37 16.76
CA TYR G 153 -36.19 -0.79 18.09
C TYR G 153 -36.82 -1.72 19.11
N VAL G 154 -38.11 -2.03 18.94
CA VAL G 154 -38.80 -2.92 19.87
C VAL G 154 -38.20 -4.31 19.84
N LEU G 155 -37.69 -4.71 18.68
CA LEU G 155 -37.07 -6.02 18.56
C LEU G 155 -35.80 -6.06 19.37
N MET G 156 -35.08 -4.95 19.37
CA MET G 156 -33.83 -4.86 20.13
C MET G 156 -34.12 -4.84 21.63
N ALA G 157 -35.24 -4.23 21.99
CA ALA G 157 -35.62 -4.12 23.38
C ALA G 157 -35.92 -5.49 23.94
N ALA G 158 -36.73 -6.25 23.22
CA ALA G 158 -37.12 -7.58 23.66
C ALA G 158 -35.94 -8.54 23.71
N THR G 159 -34.91 -8.29 22.91
CA THR G 159 -33.75 -9.17 22.92
C THR G 159 -32.99 -8.92 24.24
N ALA G 160 -33.13 -7.72 24.77
CA ALA G 160 -32.48 -7.36 26.01
C ALA G 160 -33.31 -7.87 27.17
N LEU G 161 -34.63 -7.77 27.04
CA LEU G 161 -35.56 -8.21 28.08
C LEU G 161 -35.33 -9.69 28.41
N PHE G 162 -35.38 -10.54 27.38
CA PHE G 162 -35.17 -11.95 27.58
C PHE G 162 -33.71 -12.38 27.55
N SER G 163 -32.95 -12.07 28.60
CA SER G 163 -31.56 -12.47 28.64
C SER G 163 -31.33 -13.43 29.80
N PRO G 164 -30.75 -14.58 29.51
CA PRO G 164 -30.44 -15.62 30.51
C PRO G 164 -29.38 -15.24 31.53
N ASP G 165 -28.29 -14.63 31.08
CA ASP G 165 -27.22 -14.27 32.00
C ASP G 165 -27.66 -13.31 33.10
N ARG G 166 -28.85 -12.74 32.93
CA ARG G 166 -29.40 -11.82 33.92
C ARG G 166 -29.38 -12.55 35.27
N PRO G 167 -28.71 -11.97 36.28
CA PRO G 167 -28.67 -12.64 37.58
C PRO G 167 -30.07 -12.82 38.17
N GLY G 168 -30.24 -13.83 39.02
CA GLY G 168 -31.51 -14.08 39.66
C GLY G 168 -32.49 -15.02 38.95
N VAL G 169 -32.28 -15.27 37.66
CA VAL G 169 -33.19 -16.15 36.94
C VAL G 169 -32.98 -17.61 37.31
N THR G 170 -33.91 -18.46 36.87
CA THR G 170 -33.83 -19.90 37.13
C THR G 170 -34.13 -20.67 35.84
N GLN G 171 -35.29 -20.42 35.23
CA GLN G 171 -35.63 -21.10 33.99
C GLN G 171 -34.72 -20.56 32.87
N ARG G 172 -33.42 -20.71 33.03
CA ARG G 172 -32.49 -20.20 32.04
C ARG G 172 -32.74 -20.81 30.67
N GLU G 173 -32.77 -22.14 30.61
CA GLU G 173 -33.02 -22.82 29.36
C GLU G 173 -34.32 -22.30 28.76
N GLU G 174 -35.32 -22.16 29.62
CA GLU G 174 -36.64 -21.69 29.19
C GLU G 174 -36.56 -20.29 28.60
N ILE G 175 -35.86 -19.39 29.29
CA ILE G 175 -35.71 -18.02 28.83
C ILE G 175 -34.78 -17.93 27.63
N ASP G 176 -33.65 -18.62 27.70
CA ASP G 176 -32.69 -18.59 26.62
C ASP G 176 -33.37 -18.82 25.28
N GLN G 177 -34.36 -19.72 25.27
CA GLN G 177 -35.11 -20.02 24.06
C GLN G 177 -35.76 -18.74 23.50
N LEU G 178 -36.39 -17.97 24.39
CA LEU G 178 -37.05 -16.71 24.03
C LEU G 178 -36.08 -15.74 23.37
N GLN G 179 -34.88 -15.64 23.93
CA GLN G 179 -33.88 -14.74 23.39
C GLN G 179 -33.44 -15.15 21.99
N GLU G 180 -32.94 -16.39 21.87
CA GLU G 180 -32.48 -16.90 20.59
C GLU G 180 -33.57 -16.75 19.54
N GLU G 181 -34.81 -16.93 19.97
CA GLU G 181 -35.95 -16.79 19.06
C GLU G 181 -36.09 -15.32 18.70
N MET G 182 -35.94 -14.49 19.73
CA MET G 182 -36.03 -13.04 19.59
C MET G 182 -34.95 -12.49 18.67
N ALA G 183 -33.75 -13.04 18.76
CA ALA G 183 -32.63 -12.61 17.91
C ALA G 183 -32.89 -13.00 16.45
N LEU G 184 -33.14 -14.28 16.18
CA LEU G 184 -33.41 -14.72 14.82
C LEU G 184 -34.37 -13.76 14.12
N ILE G 185 -35.50 -13.49 14.75
CA ILE G 185 -36.51 -12.61 14.19
C ILE G 185 -35.91 -11.23 13.88
N LEU G 186 -35.13 -10.72 14.83
CA LEU G 186 -34.49 -9.41 14.70
C LEU G 186 -33.59 -9.40 13.46
N ASN G 187 -32.74 -10.41 13.36
CA ASN G 187 -31.82 -10.51 12.22
C ASN G 187 -32.63 -10.65 10.92
N ASN G 188 -33.55 -11.61 10.91
CA ASN G 188 -34.40 -11.85 9.76
C ASN G 188 -35.02 -10.55 9.25
N HIS G 189 -35.61 -9.79 10.16
CA HIS G 189 -36.25 -8.53 9.79
C HIS G 189 -35.22 -7.61 9.13
N ILE G 190 -33.99 -7.65 9.63
CA ILE G 190 -32.93 -6.82 9.09
C ILE G 190 -32.60 -7.27 7.67
N MET G 191 -32.11 -8.50 7.54
CA MET G 191 -31.75 -9.05 6.25
C MET G 191 -32.81 -8.81 5.20
N GLU G 192 -34.05 -9.17 5.51
CA GLU G 192 -35.13 -8.99 4.56
C GLU G 192 -35.47 -7.51 4.38
N GLN G 193 -34.44 -6.67 4.42
CA GLN G 193 -34.61 -5.23 4.25
C GLN G 193 -33.28 -4.59 3.82
N GLN G 194 -32.61 -5.29 2.91
CA GLN G 194 -31.30 -4.93 2.36
C GLN G 194 -30.93 -3.46 2.06
N SER G 195 -29.61 -3.27 1.88
CA SER G 195 -28.91 -2.00 1.60
C SER G 195 -29.67 -0.69 1.43
N ARG G 196 -28.90 0.39 1.49
CA ARG G 196 -29.40 1.76 1.38
C ARG G 196 -29.89 2.20 2.77
N LEU G 197 -29.05 1.87 3.74
CA LEU G 197 -29.22 2.14 5.18
C LEU G 197 -28.27 1.09 5.74
N GLN G 198 -28.18 0.02 4.98
CA GLN G 198 -27.34 -1.13 5.26
C GLN G 198 -26.39 -1.10 6.45
N SER G 199 -25.20 -0.58 6.23
CA SER G 199 -24.17 -0.57 7.28
C SER G 199 -24.03 -2.07 7.59
N ARG G 200 -24.60 -2.85 6.66
CA ARG G 200 -24.65 -4.31 6.67
C ARG G 200 -24.67 -4.94 8.05
N PHE G 201 -23.51 -4.94 8.70
CA PHE G 201 -23.39 -5.53 10.02
C PHE G 201 -24.22 -4.76 11.01
N LEU G 202 -25.46 -4.48 10.65
CA LEU G 202 -26.37 -3.73 11.51
C LEU G 202 -26.72 -4.60 12.70
N TYR G 203 -26.83 -5.90 12.47
CA TYR G 203 -27.15 -6.82 13.54
C TYR G 203 -25.91 -6.99 14.42
N ALA G 204 -24.74 -6.93 13.79
CA ALA G 204 -23.47 -7.06 14.52
C ALA G 204 -23.26 -5.86 15.43
N LYS G 205 -23.77 -4.73 14.98
CA LYS G 205 -23.63 -3.50 15.74
C LYS G 205 -24.58 -3.44 16.92
N LEU G 206 -25.84 -3.84 16.72
CA LEU G 206 -26.79 -3.81 17.81
C LEU G 206 -26.32 -4.74 18.90
N MET G 207 -25.65 -5.82 18.52
CA MET G 207 -25.17 -6.73 19.55
C MET G 207 -24.11 -6.00 20.33
N GLY G 208 -23.41 -5.10 19.64
CA GLY G 208 -22.37 -4.32 20.29
C GLY G 208 -23.09 -3.47 21.30
N LEU G 209 -24.06 -2.70 20.79
CA LEU G 209 -24.85 -1.78 21.59
C LEU G 209 -25.55 -2.43 22.78
N LEU G 210 -26.01 -3.68 22.63
CA LEU G 210 -26.67 -4.37 23.76
C LEU G 210 -25.62 -4.64 24.82
N ALA G 211 -24.35 -4.66 24.40
CA ALA G 211 -23.25 -4.88 25.32
C ALA G 211 -22.93 -3.59 26.06
N ASP G 212 -23.02 -2.49 25.34
CA ASP G 212 -22.74 -1.17 25.89
C ASP G 212 -23.82 -0.80 26.90
N LEU G 213 -25.06 -1.21 26.62
CA LEU G 213 -26.17 -0.95 27.52
C LEU G 213 -25.81 -1.63 28.82
N ARG G 214 -25.32 -2.85 28.70
CA ARG G 214 -24.89 -3.63 29.83
C ARG G 214 -24.03 -2.79 30.76
N SER G 215 -22.95 -2.22 30.22
CA SER G 215 -22.05 -1.40 31.02
C SER G 215 -22.82 -0.23 31.62
N ILE G 216 -23.58 0.49 30.79
CA ILE G 216 -24.37 1.62 31.24
C ILE G 216 -25.29 1.24 32.38
N ASN G 217 -25.97 0.12 32.26
CA ASN G 217 -26.85 -0.30 33.33
C ASN G 217 -26.03 -0.56 34.57
N ASN G 218 -24.91 -1.25 34.39
CA ASN G 218 -24.04 -1.59 35.51
C ASN G 218 -23.60 -0.35 36.29
N ALA G 219 -23.74 0.81 35.66
CA ALA G 219 -23.34 2.07 36.29
C ALA G 219 -24.46 2.68 37.12
N TYR G 220 -25.70 2.49 36.72
CA TYR G 220 -26.82 3.05 37.48
C TYR G 220 -26.71 2.68 38.94
N SER G 221 -26.79 1.39 39.23
CA SER G 221 -26.71 0.93 40.61
C SER G 221 -25.57 1.59 41.36
N TYR G 222 -24.56 2.04 40.63
CA TYR G 222 -23.42 2.72 41.23
C TYR G 222 -23.73 4.19 41.50
N GLU G 223 -24.34 4.86 40.53
CA GLU G 223 -24.67 6.27 40.70
C GLU G 223 -25.67 6.46 41.83
N LEU G 224 -26.72 5.65 41.87
CA LEU G 224 -27.71 5.77 42.92
C LEU G 224 -27.11 5.92 44.32
N GLN G 225 -26.12 5.10 44.65
CA GLN G 225 -25.47 5.15 45.94
C GLN G 225 -24.80 6.49 46.17
N ARG G 226 -23.92 6.78 45.25
CA ARG G 226 -23.15 7.99 45.21
C ARG G 226 -23.96 9.29 45.21
N LEU G 227 -25.26 9.20 45.49
CA LEU G 227 -26.08 10.39 45.43
C LEU G 227 -27.16 10.49 46.50
N GLU G 228 -27.05 9.66 47.54
CA GLU G 228 -28.01 9.66 48.65
C GLU G 228 -29.42 10.00 48.24
N GLU G 229 -29.82 11.26 48.44
CA GLU G 229 -31.16 11.75 48.09
C GLU G 229 -31.94 10.88 47.10
N LEU G 230 -31.41 10.77 45.90
CA LEU G 230 -32.00 9.99 44.81
C LEU G 230 -32.70 8.75 45.27
N SER G 231 -31.93 7.81 45.80
CA SER G 231 -32.46 6.54 46.30
C SER G 231 -33.85 6.77 46.88
N ALA G 232 -33.92 7.53 47.97
CA ALA G 232 -35.16 7.85 48.66
C ALA G 232 -36.20 8.43 47.72
N MET G 233 -35.77 9.40 46.91
CA MET G 233 -36.67 10.07 45.96
C MET G 233 -37.40 9.08 45.06
N THR G 234 -36.68 8.09 44.56
CA THR G 234 -37.25 7.07 43.68
C THR G 234 -36.90 5.68 44.22
N PRO G 235 -37.84 5.04 44.93
CA PRO G 235 -37.63 3.72 45.50
C PRO G 235 -37.60 2.69 44.40
N LEU G 236 -38.53 2.83 43.45
CA LEU G 236 -38.65 1.90 42.36
C LEU G 236 -37.36 1.68 41.60
N LEU G 237 -36.70 2.76 41.22
CA LEU G 237 -35.46 2.62 40.47
C LEU G 237 -34.44 1.97 41.35
N GLY G 238 -34.53 2.22 42.64
CA GLY G 238 -33.60 1.63 43.58
C GLY G 238 -33.83 0.14 43.70
N GLU G 239 -35.07 -0.27 43.53
CA GLU G 239 -35.41 -1.68 43.63
C GLU G 239 -34.91 -2.36 42.36
N ILE G 240 -35.29 -1.82 41.22
CA ILE G 240 -34.91 -2.36 39.90
C ILE G 240 -33.43 -2.75 39.72
N CYS G 241 -32.51 -1.89 40.14
CA CYS G 241 -31.10 -2.21 39.95
C CYS G 241 -30.40 -2.71 41.20
N SER G 242 -31.13 -2.76 42.31
CA SER G 242 -30.55 -3.26 43.55
C SER G 242 -30.84 -4.76 43.62
N ASN H 1 10.30 -53.59 16.17
CA ASN H 1 9.84 -54.47 17.28
C ASN H 1 10.74 -55.70 17.43
N GLN H 2 10.19 -56.87 17.13
CA GLN H 2 10.93 -58.13 17.24
C GLN H 2 11.16 -58.72 15.85
N GLN H 3 10.09 -58.82 15.07
CA GLN H 3 10.15 -59.35 13.72
C GLN H 3 11.13 -58.52 12.90
N GLN H 4 11.33 -57.27 13.30
CA GLN H 4 12.26 -56.39 12.62
C GLN H 4 13.70 -56.85 12.88
N LYS H 5 14.06 -56.92 14.15
CA LYS H 5 15.41 -57.36 14.51
C LYS H 5 15.72 -58.64 13.76
N GLU H 6 14.68 -59.38 13.41
CA GLU H 6 14.83 -60.64 12.66
C GLU H 6 15.12 -60.36 11.20
N LEU H 7 14.38 -59.43 10.61
CA LEU H 7 14.60 -59.07 9.22
C LEU H 7 16.02 -58.56 9.06
N VAL H 8 16.40 -57.60 9.90
CA VAL H 8 17.74 -57.04 9.84
C VAL H 8 18.76 -58.15 9.96
N GLN H 9 18.49 -59.09 10.85
CA GLN H 9 19.35 -60.25 11.07
C GLN H 9 19.46 -61.01 9.74
N ILE H 10 18.31 -61.27 9.12
CA ILE H 10 18.28 -61.98 7.84
C ILE H 10 19.17 -61.25 6.81
N LEU H 11 18.90 -59.96 6.61
CA LEU H 11 19.67 -59.13 5.67
C LEU H 11 21.15 -59.24 6.01
N LEU H 12 21.52 -58.69 7.17
CA LEU H 12 22.91 -58.72 7.60
C LEU H 12 23.65 -60.02 7.24
N GLY H 13 22.98 -61.16 7.40
CA GLY H 13 23.62 -62.42 7.09
C GLY H 13 23.81 -62.63 5.61
N ALA H 14 22.71 -62.45 4.86
CA ALA H 14 22.75 -62.60 3.42
C ALA H 14 23.88 -61.74 2.88
N HIS H 15 23.97 -60.54 3.42
CA HIS H 15 25.00 -59.60 3.01
C HIS H 15 26.42 -60.10 3.32
N THR H 16 26.70 -60.32 4.60
CA THR H 16 28.03 -60.76 5.01
C THR H 16 28.49 -62.04 4.33
N ARG H 17 27.53 -62.83 3.88
CA ARG H 17 27.81 -64.10 3.23
C ARG H 17 28.08 -63.98 1.74
N HIS H 18 27.39 -63.08 1.05
CA HIS H 18 27.54 -62.92 -0.39
C HIS H 18 28.24 -61.72 -0.95
N VAL H 19 28.24 -60.59 -0.25
CA VAL H 19 28.89 -59.41 -0.82
C VAL H 19 30.03 -58.93 0.05
N GLY H 20 29.81 -58.93 1.37
CA GLY H 20 30.85 -58.47 2.27
C GLY H 20 32.24 -58.85 1.80
N PRO H 21 32.43 -60.09 1.34
CA PRO H 21 33.76 -60.50 0.88
C PRO H 21 34.00 -60.46 -0.65
N LEU H 22 33.10 -59.83 -1.41
CA LEU H 22 33.31 -59.78 -2.85
C LEU H 22 34.56 -58.96 -3.24
N PHE H 23 34.92 -58.01 -2.40
CA PHE H 23 36.07 -57.15 -2.69
C PHE H 23 37.41 -57.86 -2.63
N ASP H 24 37.59 -58.74 -1.65
CA ASP H 24 38.85 -59.46 -1.54
C ASP H 24 39.14 -60.29 -2.78
N GLN H 25 38.06 -60.71 -3.44
CA GLN H 25 38.12 -61.56 -4.62
C GLN H 25 38.41 -60.85 -5.93
N PHE H 26 38.71 -59.56 -5.87
CA PHE H 26 38.95 -58.87 -7.14
C PHE H 26 40.22 -59.35 -7.84
N VAL H 27 41.17 -59.90 -7.09
CA VAL H 27 42.41 -60.39 -7.68
C VAL H 27 42.17 -61.56 -8.64
N GLN H 28 40.97 -62.11 -8.62
CA GLN H 28 40.64 -63.21 -9.51
C GLN H 28 40.42 -62.73 -10.93
N PHE H 29 40.27 -61.43 -11.11
CA PHE H 29 39.97 -60.94 -12.44
C PHE H 29 41.00 -60.15 -13.24
N ARG H 30 42.22 -60.68 -13.26
CA ARG H 30 43.32 -60.11 -14.02
C ARG H 30 43.52 -58.64 -13.78
N PRO H 31 43.74 -58.23 -12.54
CA PRO H 31 43.94 -56.79 -12.31
C PRO H 31 45.33 -56.41 -12.81
N PRO H 32 45.43 -55.32 -13.58
CA PRO H 32 46.75 -54.90 -14.07
C PRO H 32 47.69 -54.67 -12.90
N ALA H 33 48.91 -55.16 -13.04
CA ALA H 33 49.91 -55.06 -11.98
C ALA H 33 49.96 -53.76 -11.15
N TYR H 34 49.99 -52.61 -11.79
CA TYR H 34 50.07 -51.41 -10.98
C TYR H 34 49.08 -51.36 -9.82
N LEU H 35 47.83 -51.76 -10.08
CA LEU H 35 46.80 -51.73 -9.04
C LEU H 35 47.22 -52.29 -7.69
N PHE H 36 48.36 -52.96 -7.62
CA PHE H 36 48.83 -53.53 -6.35
C PHE H 36 49.65 -52.53 -5.58
N MET H 37 50.03 -51.45 -6.25
CA MET H 37 50.83 -50.40 -5.63
C MET H 37 49.91 -49.31 -5.13
N HIS H 38 50.47 -48.40 -4.36
CA HIS H 38 49.71 -47.28 -3.83
C HIS H 38 50.27 -45.99 -4.42
N HIS H 39 51.36 -46.13 -5.17
CA HIS H 39 52.04 -45.01 -5.83
C HIS H 39 52.54 -45.49 -7.19
N ARG H 40 52.13 -44.82 -8.27
CA ARG H 40 52.51 -45.23 -9.61
C ARG H 40 53.94 -44.78 -10.05
N PRO H 41 54.12 -44.14 -11.24
CA PRO H 41 53.36 -43.69 -12.41
C PRO H 41 53.03 -44.77 -13.44
N PHE H 42 52.18 -44.43 -14.42
CA PHE H 42 51.79 -45.39 -15.44
C PHE H 42 52.20 -44.96 -16.83
N GLN H 43 52.13 -45.91 -17.77
CA GLN H 43 52.50 -45.69 -19.17
C GLN H 43 51.40 -44.95 -19.93
N PRO H 44 51.73 -43.77 -20.52
CA PRO H 44 50.77 -42.95 -21.28
C PRO H 44 50.20 -43.66 -22.52
N ARG H 45 50.89 -44.72 -22.93
CA ARG H 45 50.47 -45.51 -24.09
C ARG H 45 50.08 -46.91 -23.64
N GLY H 46 50.39 -47.23 -22.39
CA GLY H 46 50.07 -48.53 -21.84
C GLY H 46 48.66 -48.98 -22.20
N PRO H 47 48.51 -50.15 -22.84
CA PRO H 47 47.20 -50.67 -23.23
C PRO H 47 46.14 -50.45 -22.16
N VAL H 48 45.08 -49.76 -22.55
CA VAL H 48 44.00 -49.49 -21.61
C VAL H 48 43.05 -50.68 -21.57
N LEU H 49 42.99 -51.40 -22.69
CA LEU H 49 42.10 -52.55 -22.82
C LEU H 49 42.08 -53.47 -21.60
N PRO H 50 43.26 -53.81 -21.06
CA PRO H 50 43.31 -54.69 -19.89
C PRO H 50 42.57 -54.12 -18.71
N LEU H 51 42.84 -52.85 -18.41
CA LEU H 51 42.20 -52.16 -17.28
C LEU H 51 40.69 -52.08 -17.44
N LEU H 52 40.23 -51.69 -18.64
CA LEU H 52 38.80 -51.57 -18.92
C LEU H 52 38.18 -52.94 -18.67
N THR H 53 38.81 -53.94 -19.27
CA THR H 53 38.39 -55.33 -19.15
C THR H 53 38.24 -55.73 -17.67
N HIS H 54 39.19 -55.29 -16.85
CA HIS H 54 39.14 -55.57 -15.44
C HIS H 54 37.91 -54.91 -14.81
N PHE H 55 37.69 -53.65 -15.15
CA PHE H 55 36.55 -52.94 -14.59
C PHE H 55 35.26 -53.65 -14.93
N ALA H 56 35.17 -54.15 -16.15
CA ALA H 56 33.96 -54.85 -16.55
C ALA H 56 33.87 -56.18 -15.79
N ASP H 57 34.99 -56.85 -15.62
CA ASP H 57 35.00 -58.13 -14.92
C ASP H 57 34.61 -58.04 -13.46
N ILE H 58 35.14 -57.06 -12.74
CA ILE H 58 34.79 -56.95 -11.33
C ILE H 58 33.33 -56.58 -11.17
N ASN H 59 32.78 -55.82 -12.12
CA ASN H 59 31.38 -55.42 -12.02
C ASN H 59 30.41 -56.56 -12.25
N THR H 60 30.70 -57.39 -13.25
CA THR H 60 29.86 -58.55 -13.52
C THR H 60 29.87 -59.35 -12.23
N PHE H 61 31.08 -59.63 -11.76
CA PHE H 61 31.28 -60.37 -10.54
C PHE H 61 30.47 -59.77 -9.41
N MET H 62 30.54 -58.45 -9.25
CA MET H 62 29.79 -57.80 -8.19
C MET H 62 28.28 -57.88 -8.37
N VAL H 63 27.82 -57.85 -9.62
CA VAL H 63 26.39 -57.92 -9.84
C VAL H 63 25.89 -59.33 -9.56
N GLN H 64 26.63 -60.34 -9.98
CA GLN H 64 26.17 -61.69 -9.70
C GLN H 64 26.25 -62.02 -8.22
N GLN H 65 27.17 -61.37 -7.50
CA GLN H 65 27.27 -61.57 -6.06
C GLN H 65 26.10 -60.88 -5.38
N ILE H 66 25.69 -59.75 -5.94
CA ILE H 66 24.57 -58.98 -5.41
C ILE H 66 23.27 -59.73 -5.63
N ILE H 67 23.19 -60.53 -6.70
CA ILE H 67 21.98 -61.31 -6.97
C ILE H 67 21.89 -62.41 -5.92
N LYS H 68 22.94 -63.23 -5.85
CA LYS H 68 22.99 -64.30 -4.87
C LYS H 68 22.57 -63.69 -3.53
N PHE H 69 22.90 -62.42 -3.35
CA PHE H 69 22.54 -61.70 -2.15
C PHE H 69 21.03 -61.60 -2.03
N THR H 70 20.38 -61.09 -3.06
CA THR H 70 18.92 -60.95 -3.02
C THR H 70 18.16 -62.28 -2.87
N LYS H 71 18.76 -63.37 -3.36
CA LYS H 71 18.15 -64.71 -3.30
C LYS H 71 18.02 -65.20 -1.85
N ASP H 72 18.88 -64.69 -0.98
CA ASP H 72 18.83 -65.06 0.43
C ASP H 72 17.84 -64.21 1.20
N LEU H 73 16.97 -63.50 0.48
CA LEU H 73 15.98 -62.64 1.09
C LEU H 73 14.59 -63.14 0.72
N PRO H 74 13.99 -63.92 1.63
CA PRO H 74 12.66 -64.50 1.43
C PRO H 74 11.69 -63.46 0.90
N LEU H 75 11.72 -62.29 1.53
CA LEU H 75 10.85 -61.19 1.14
C LEU H 75 11.02 -60.86 -0.33
N PHE H 76 12.25 -61.01 -0.81
CA PHE H 76 12.54 -60.70 -2.19
C PHE H 76 12.09 -61.80 -3.14
N ARG H 77 12.72 -62.98 -3.02
CA ARG H 77 12.41 -64.13 -3.88
C ARG H 77 10.94 -64.50 -3.82
N SER H 78 10.21 -63.83 -2.92
CA SER H 78 8.80 -64.08 -2.74
C SER H 78 7.95 -63.21 -3.68
N LEU H 79 8.61 -62.56 -4.62
CA LEU H 79 7.91 -61.69 -5.58
C LEU H 79 7.84 -62.31 -6.96
N THR H 80 7.01 -61.72 -7.81
CA THR H 80 6.87 -62.20 -9.18
C THR H 80 8.29 -62.28 -9.75
N MET H 81 8.54 -63.25 -10.61
CA MET H 81 9.87 -63.38 -11.21
C MET H 81 10.18 -62.10 -11.98
N GLU H 82 9.23 -61.61 -12.78
CA GLU H 82 9.45 -60.39 -13.54
C GLU H 82 9.56 -59.18 -12.61
N ASP H 83 9.03 -59.30 -11.40
CA ASP H 83 9.14 -58.21 -10.45
C ASP H 83 10.57 -58.17 -9.93
N GLN H 84 11.14 -59.33 -9.65
CA GLN H 84 12.51 -59.42 -9.15
C GLN H 84 13.48 -58.83 -10.17
N ILE H 85 13.13 -58.98 -11.45
CA ILE H 85 13.98 -58.47 -12.51
C ILE H 85 14.00 -56.94 -12.42
N SER H 86 12.81 -56.34 -12.41
CA SER H 86 12.66 -54.89 -12.35
C SER H 86 13.33 -54.25 -11.13
N LEU H 87 13.39 -54.97 -10.01
CA LEU H 87 14.01 -54.41 -8.82
C LEU H 87 15.53 -54.56 -8.93
N LEU H 88 15.97 -55.64 -9.54
CA LEU H 88 17.39 -55.88 -9.69
C LEU H 88 17.94 -54.88 -10.70
N LYS H 89 17.30 -54.82 -11.87
CA LYS H 89 17.70 -53.91 -12.92
C LYS H 89 17.68 -52.50 -12.38
N GLY H 90 16.78 -52.24 -11.44
CA GLY H 90 16.69 -50.92 -10.87
C GLY H 90 17.65 -50.58 -9.75
N ALA H 91 18.11 -51.56 -8.99
CA ALA H 91 18.98 -51.25 -7.87
C ALA H 91 20.27 -52.02 -7.74
N ALA H 92 20.57 -52.90 -8.68
CA ALA H 92 21.81 -53.66 -8.60
C ALA H 92 23.02 -52.73 -8.42
N VAL H 93 23.18 -51.80 -9.36
CA VAL H 93 24.27 -50.84 -9.33
C VAL H 93 24.23 -50.01 -8.04
N GLU H 94 23.03 -49.56 -7.65
CA GLU H 94 22.87 -48.76 -6.45
C GLU H 94 23.36 -49.52 -5.22
N ILE H 95 23.00 -50.79 -5.14
CA ILE H 95 23.41 -51.62 -4.00
C ILE H 95 24.91 -51.78 -4.05
N LEU H 96 25.44 -51.85 -5.26
CA LEU H 96 26.87 -52.04 -5.46
C LEU H 96 27.70 -50.96 -4.80
N HIS H 97 27.33 -49.70 -5.03
CA HIS H 97 28.05 -48.59 -4.45
C HIS H 97 27.89 -48.50 -2.95
N ILE H 98 26.68 -48.76 -2.46
CA ILE H 98 26.46 -48.72 -1.03
C ILE H 98 27.37 -49.74 -0.35
N SER H 99 27.58 -50.86 -1.02
CA SER H 99 28.44 -51.89 -0.47
C SER H 99 29.90 -51.60 -0.75
N LEU H 100 30.20 -51.09 -1.95
CA LEU H 100 31.59 -50.79 -2.33
C LEU H 100 32.20 -49.74 -1.42
N ASN H 101 31.34 -48.85 -0.94
CA ASN H 101 31.73 -47.76 -0.06
C ASN H 101 32.54 -48.16 1.15
N THR H 102 32.39 -49.41 1.62
CA THR H 102 33.12 -49.85 2.80
C THR H 102 34.62 -49.94 2.55
N THR H 103 35.02 -49.91 1.28
CA THR H 103 36.44 -50.00 0.93
C THR H 103 37.02 -48.64 0.65
N PHE H 104 36.14 -47.64 0.52
CA PHE H 104 36.56 -46.27 0.23
C PHE H 104 37.21 -45.62 1.45
N CYS H 105 38.35 -44.99 1.23
CA CYS H 105 39.09 -44.33 2.29
C CYS H 105 39.15 -42.81 2.08
N LEU H 106 38.68 -42.06 3.07
CA LEU H 106 38.65 -40.60 3.00
C LEU H 106 40.01 -39.89 2.95
N GLN H 107 40.96 -40.30 3.78
CA GLN H 107 42.25 -39.64 3.75
C GLN H 107 42.87 -39.67 2.36
N THR H 108 42.56 -40.70 1.57
CA THR H 108 43.16 -40.81 0.23
C THR H 108 42.17 -40.83 -0.91
N GLU H 109 40.90 -40.97 -0.59
CA GLU H 109 39.85 -41.02 -1.60
C GLU H 109 40.04 -42.21 -2.54
N ASN H 110 40.74 -43.23 -2.06
CA ASN H 110 41.01 -44.43 -2.83
C ASN H 110 40.12 -45.58 -2.39
N PHE H 111 39.93 -46.56 -3.28
CA PHE H 111 39.13 -47.72 -2.95
C PHE H 111 40.10 -48.85 -2.66
N PHE H 112 39.96 -49.44 -1.47
CA PHE H 112 40.85 -50.52 -1.07
C PHE H 112 40.14 -51.84 -0.98
N CYS H 113 40.34 -52.65 -2.01
CA CYS H 113 39.74 -53.98 -2.10
C CYS H 113 40.89 -54.97 -2.11
N GLY H 114 41.10 -55.60 -0.95
CA GLY H 114 42.16 -56.57 -0.82
C GLY H 114 43.52 -55.95 -1.10
N PRO H 115 44.37 -56.68 -1.82
CA PRO H 115 45.72 -56.23 -2.17
C PRO H 115 45.69 -55.03 -3.12
N LEU H 116 44.49 -54.74 -3.64
CA LEU H 116 44.33 -53.68 -4.61
C LEU H 116 43.95 -52.30 -4.08
N CYS H 117 44.32 -51.29 -4.87
CA CYS H 117 44.03 -49.90 -4.56
C CYS H 117 43.54 -49.20 -5.81
N TYR H 118 42.24 -48.96 -5.87
CA TYR H 118 41.64 -48.29 -7.02
C TYR H 118 41.58 -46.78 -6.81
N LYS H 119 42.29 -46.06 -7.66
CA LYS H 119 42.34 -44.62 -7.63
C LYS H 119 41.40 -44.07 -8.71
N MET H 120 41.07 -42.78 -8.63
CA MET H 120 40.18 -42.19 -9.60
C MET H 120 40.84 -42.16 -10.99
N GLU H 121 42.14 -41.93 -11.04
CA GLU H 121 42.88 -41.90 -12.31
C GLU H 121 42.52 -43.11 -13.16
N ASP H 122 42.71 -44.28 -12.55
CA ASP H 122 42.44 -45.53 -13.18
C ASP H 122 41.14 -45.52 -13.99
N ALA H 123 40.07 -45.01 -13.39
CA ALA H 123 38.81 -44.96 -14.09
C ALA H 123 38.87 -44.05 -15.32
N VAL H 124 39.49 -42.88 -15.17
CA VAL H 124 39.57 -41.93 -16.29
C VAL H 124 40.41 -42.58 -17.37
N HIS H 125 41.54 -43.11 -16.97
CA HIS H 125 42.46 -43.77 -17.88
C HIS H 125 41.73 -44.91 -18.58
N ALA H 126 40.82 -45.55 -17.86
CA ALA H 126 40.07 -46.67 -18.42
C ALA H 126 39.12 -46.15 -19.48
N GLY H 127 38.83 -44.86 -19.43
CA GLY H 127 37.93 -44.28 -20.42
C GLY H 127 36.64 -43.65 -19.93
N PHE H 128 36.26 -43.87 -18.69
CA PHE H 128 35.02 -43.28 -18.21
C PHE H 128 35.10 -41.75 -18.12
N GLN H 129 33.95 -41.08 -18.17
CA GLN H 129 33.88 -39.63 -18.08
C GLN H 129 34.32 -39.08 -16.72
N TYR H 130 35.07 -37.99 -16.73
CA TYR H 130 35.54 -37.37 -15.49
C TYR H 130 34.35 -36.88 -14.70
N GLU H 131 33.41 -36.24 -15.38
CA GLU H 131 32.25 -35.68 -14.71
C GLU H 131 31.53 -36.77 -13.92
N PHE H 132 31.31 -37.88 -14.60
CA PHE H 132 30.64 -39.06 -14.04
C PHE H 132 31.39 -39.61 -12.82
N LEU H 133 32.67 -39.87 -13.01
CA LEU H 133 33.50 -40.38 -11.93
C LEU H 133 33.47 -39.43 -10.75
N GLU H 134 33.49 -38.12 -11.04
CA GLU H 134 33.50 -37.11 -10.00
C GLU H 134 32.23 -37.17 -9.19
N SER H 135 31.12 -37.47 -9.84
CA SER H 135 29.85 -37.59 -9.13
C SER H 135 29.87 -38.86 -8.26
N ILE H 136 30.68 -39.83 -8.66
CA ILE H 136 30.80 -41.06 -7.90
C ILE H 136 31.69 -40.84 -6.67
N LEU H 137 32.83 -40.18 -6.85
CA LEU H 137 33.71 -39.92 -5.71
C LEU H 137 32.96 -39.08 -4.69
N HIS H 138 32.01 -38.29 -5.18
CA HIS H 138 31.21 -37.44 -4.29
C HIS H 138 30.32 -38.31 -3.42
N PHE H 139 29.58 -39.20 -4.05
CA PHE H 139 28.69 -40.08 -3.31
C PHE H 139 29.46 -40.78 -2.20
N HIS H 140 30.59 -41.38 -2.55
CA HIS H 140 31.37 -42.09 -1.57
C HIS H 140 31.92 -41.21 -0.45
N LYS H 141 32.41 -40.02 -0.77
CA LYS H 141 32.94 -39.15 0.28
C LYS H 141 31.82 -38.81 1.24
N ASN H 142 30.63 -38.57 0.69
CA ASN H 142 29.49 -38.22 1.52
C ASN H 142 29.13 -39.38 2.42
N LEU H 143 28.70 -40.47 1.82
CA LEU H 143 28.31 -41.66 2.55
C LEU H 143 29.33 -42.07 3.60
N LYS H 144 30.60 -41.92 3.28
CA LYS H 144 31.64 -42.33 4.20
C LYS H 144 31.74 -41.34 5.36
N GLY H 145 31.28 -40.11 5.11
CA GLY H 145 31.35 -39.10 6.15
C GLY H 145 30.34 -39.36 7.25
N LEU H 146 29.22 -39.97 6.88
CA LEU H 146 28.17 -40.29 7.83
C LEU H 146 28.55 -41.37 8.83
N HIS H 147 29.70 -42.02 8.62
CA HIS H 147 30.17 -43.09 9.51
C HIS H 147 29.08 -44.10 9.86
N LEU H 148 28.47 -44.72 8.84
CA LEU H 148 27.39 -45.69 9.07
C LEU H 148 27.89 -47.01 9.64
N GLN H 149 26.95 -47.75 10.23
CA GLN H 149 27.24 -49.04 10.83
C GLN H 149 26.79 -50.14 9.87
N GLU H 150 27.34 -51.33 10.04
CA GLU H 150 26.98 -52.47 9.19
C GLU H 150 25.45 -52.65 9.01
N PRO H 151 24.66 -52.47 10.08
CA PRO H 151 23.21 -52.62 9.99
C PRO H 151 22.54 -51.54 9.17
N GLU H 152 23.13 -50.35 9.22
CA GLU H 152 22.59 -49.21 8.50
C GLU H 152 22.98 -49.27 7.02
N TYR H 153 24.13 -49.86 6.73
CA TYR H 153 24.56 -50.00 5.35
C TYR H 153 23.60 -50.96 4.63
N VAL H 154 23.43 -52.17 5.15
CA VAL H 154 22.53 -53.15 4.54
C VAL H 154 21.08 -52.65 4.58
N LEU H 155 20.75 -51.86 5.61
CA LEU H 155 19.40 -51.34 5.72
C LEU H 155 19.16 -50.34 4.60
N MET H 156 20.20 -49.55 4.29
CA MET H 156 20.11 -48.56 3.23
C MET H 156 20.03 -49.25 1.87
N ALA H 157 20.70 -50.38 1.75
CA ALA H 157 20.72 -51.15 0.50
C ALA H 157 19.34 -51.68 0.20
N ALA H 158 18.72 -52.30 1.21
CA ALA H 158 17.39 -52.87 1.06
C ALA H 158 16.32 -51.83 0.79
N THR H 159 16.54 -50.61 1.25
CA THR H 159 15.56 -49.56 1.03
C THR H 159 15.58 -49.18 -0.46
N ALA H 160 16.75 -49.35 -1.07
CA ALA H 160 16.93 -49.05 -2.48
C ALA H 160 16.41 -50.21 -3.31
N LEU H 161 16.65 -51.42 -2.84
CA LEU H 161 16.21 -52.64 -3.53
C LEU H 161 14.71 -52.60 -3.75
N PHE H 162 13.95 -52.43 -2.65
CA PHE H 162 12.50 -52.41 -2.74
C PHE H 162 11.91 -51.03 -3.05
N SER H 163 12.07 -50.58 -4.28
CA SER H 163 11.55 -49.28 -4.66
C SER H 163 10.48 -49.42 -5.73
N PRO H 164 9.29 -48.87 -5.45
CA PRO H 164 8.15 -48.92 -6.36
C PRO H 164 8.34 -48.15 -7.67
N ASP H 165 8.86 -46.93 -7.60
CA ASP H 165 9.03 -46.14 -8.81
C ASP H 165 9.93 -46.81 -9.86
N ARG H 166 10.64 -47.86 -9.46
CA ARG H 166 11.52 -48.60 -10.37
C ARG H 166 10.67 -48.99 -11.58
N PRO H 167 11.08 -48.61 -12.79
CA PRO H 167 10.28 -48.97 -13.96
C PRO H 167 10.17 -50.47 -14.13
N GLY H 168 9.11 -50.92 -14.78
CA GLY H 168 8.92 -52.34 -15.02
C GLY H 168 8.15 -53.13 -13.97
N VAL H 169 8.03 -52.62 -12.76
CA VAL H 169 7.31 -53.36 -11.72
C VAL H 169 5.81 -53.36 -11.97
N THR H 170 5.10 -54.19 -11.21
CA THR H 170 3.64 -54.28 -11.31
C THR H 170 3.02 -54.27 -9.92
N GLN H 171 3.42 -55.19 -9.06
CA GLN H 171 2.88 -55.23 -7.70
C GLN H 171 3.43 -54.02 -6.95
N ARG H 172 3.14 -52.81 -7.42
CA ARG H 172 3.66 -51.62 -6.77
C ARG H 172 3.21 -51.52 -5.32
N GLU H 173 1.91 -51.64 -5.11
CA GLU H 173 1.38 -51.58 -3.75
C GLU H 173 2.06 -52.63 -2.89
N GLU H 174 2.23 -53.83 -3.46
CA GLU H 174 2.85 -54.94 -2.76
C GLU H 174 4.29 -54.61 -2.38
N ILE H 175 5.04 -54.05 -3.32
CA ILE H 175 6.44 -53.70 -3.08
C ILE H 175 6.56 -52.47 -2.20
N ASP H 176 5.73 -51.45 -2.47
CA ASP H 176 5.77 -50.21 -1.70
C ASP H 176 5.74 -50.52 -0.21
N GLN H 177 4.94 -51.51 0.17
CA GLN H 177 4.84 -51.94 1.57
C GLN H 177 6.23 -52.31 2.10
N LEU H 178 6.95 -53.13 1.34
CA LEU H 178 8.30 -53.56 1.73
C LEU H 178 9.22 -52.39 1.98
N GLN H 179 9.15 -51.38 1.12
CA GLN H 179 9.99 -50.21 1.26
C GLN H 179 9.66 -49.44 2.52
N GLU H 180 8.40 -49.01 2.64
CA GLU H 180 7.97 -48.25 3.81
C GLU H 180 8.33 -48.98 5.09
N GLU H 181 8.23 -50.31 5.05
CA GLU H 181 8.57 -51.15 6.19
C GLU H 181 10.08 -51.07 6.39
N MET H 182 10.79 -51.15 5.27
CA MET H 182 12.25 -51.11 5.27
C MET H 182 12.78 -49.79 5.80
N ALA H 183 12.09 -48.69 5.46
CA ALA H 183 12.48 -47.36 5.92
C ALA H 183 12.27 -47.24 7.42
N LEU H 184 11.04 -47.50 7.88
CA LEU H 184 10.75 -47.42 9.31
C LEU H 184 11.86 -48.08 10.14
N ILE H 185 12.19 -49.31 9.78
CA ILE H 185 13.23 -50.06 10.50
C ILE H 185 14.55 -49.31 10.47
N LEU H 186 14.90 -48.79 9.30
CA LEU H 186 16.15 -48.05 9.12
C LEU H 186 16.20 -46.84 10.07
N ASN H 187 15.12 -46.05 10.06
CA ASN H 187 15.03 -44.88 10.91
C ASN H 187 15.08 -45.31 12.36
N ASN H 188 14.22 -46.26 12.73
CA ASN H 188 14.18 -46.77 14.09
C ASN H 188 15.56 -47.13 14.59
N HIS H 189 16.31 -47.88 13.79
CA HIS H 189 17.64 -48.30 14.18
C HIS H 189 18.50 -47.09 14.44
N ILE H 190 18.31 -46.05 13.64
CA ILE H 190 19.07 -44.82 13.78
C ILE H 190 18.72 -44.14 15.11
N MET H 191 17.46 -43.73 15.24
CA MET H 191 16.99 -43.05 16.44
C MET H 191 17.43 -43.77 17.71
N GLU H 192 17.17 -45.07 17.78
CA GLU H 192 17.55 -45.83 18.96
C GLU H 192 19.06 -46.00 19.04
N GLN H 193 19.78 -44.96 18.63
CA GLN H 193 21.24 -44.97 18.67
C GLN H 193 21.77 -43.55 18.64
N GLN H 194 21.11 -42.69 19.44
CA GLN H 194 21.39 -41.26 19.58
C GLN H 194 22.83 -40.71 19.60
N SER H 195 22.91 -39.39 19.41
CA SER H 195 24.13 -38.56 19.34
C SER H 195 25.52 -39.14 19.56
N ARG H 196 26.52 -38.35 19.16
CA ARG H 196 27.93 -38.71 19.24
C ARG H 196 28.29 -39.53 18.00
N LEU H 197 27.78 -39.02 16.87
CA LEU H 197 27.94 -39.56 15.51
C LEU H 197 26.75 -38.87 14.84
N GLN H 198 25.74 -38.65 15.68
CA GLN H 198 24.50 -38.01 15.31
C GLN H 198 24.34 -37.43 13.92
N SER H 199 24.75 -36.16 13.75
CA SER H 199 24.56 -35.47 12.49
C SER H 199 23.03 -35.52 12.32
N ARG H 200 22.40 -35.86 13.45
CA ARG H 200 20.96 -36.02 13.62
C ARG H 200 20.21 -36.46 12.37
N PHE H 201 20.06 -35.54 11.43
CA PHE H 201 19.34 -35.82 10.21
C PHE H 201 20.10 -36.85 9.38
N LEU H 202 20.54 -37.91 10.03
CA LEU H 202 21.28 -38.97 9.36
C LEU H 202 20.33 -39.70 8.42
N TYR H 203 19.08 -39.84 8.82
CA TYR H 203 18.11 -40.51 7.97
C TYR H 203 17.75 -39.56 6.84
N ALA H 204 17.74 -38.25 7.13
CA ALA H 204 17.40 -37.27 6.10
C ALA H 204 18.49 -37.21 5.04
N LYS H 205 19.72 -37.51 5.46
CA LYS H 205 20.84 -37.49 4.55
C LYS H 205 20.91 -38.72 3.66
N LEU H 206 20.65 -39.89 4.24
CA LEU H 206 20.68 -41.12 3.45
C LEU H 206 19.60 -41.01 2.38
N MET H 207 18.48 -40.38 2.69
CA MET H 207 17.45 -40.25 1.69
C MET H 207 18.01 -39.37 0.58
N GLY H 208 18.92 -38.48 0.97
CA GLY H 208 19.51 -37.60 -0.02
C GLY H 208 20.36 -38.50 -0.88
N LEU H 209 21.25 -39.22 -0.21
CA LEU H 209 22.13 -40.12 -0.89
C LEU H 209 21.43 -41.15 -1.79
N LEU H 210 20.26 -41.63 -1.38
CA LEU H 210 19.53 -42.61 -2.19
C LEU H 210 19.08 -41.93 -3.45
N ALA H 211 19.00 -40.61 -3.39
CA ALA H 211 18.56 -39.85 -4.54
C ALA H 211 19.75 -39.64 -5.46
N ASP H 212 20.92 -39.47 -4.86
CA ASP H 212 22.14 -39.26 -5.63
C ASP H 212 22.53 -40.56 -6.36
N LEU H 213 22.24 -41.68 -5.73
CA LEU H 213 22.52 -42.98 -6.33
C LEU H 213 21.69 -43.04 -7.62
N ARG H 214 20.44 -42.64 -7.50
CA ARG H 214 19.52 -42.59 -8.60
C ARG H 214 20.21 -41.95 -9.81
N SER H 215 20.72 -40.74 -9.62
CA SER H 215 21.40 -40.04 -10.71
C SER H 215 22.57 -40.86 -11.21
N ILE H 216 23.41 -41.31 -10.28
CA ILE H 216 24.57 -42.10 -10.65
C ILE H 216 24.18 -43.33 -11.46
N ASN H 217 23.14 -44.01 -11.04
CA ASN H 217 22.73 -45.19 -11.78
C ASN H 217 22.27 -44.76 -13.17
N ASN H 218 21.48 -43.70 -13.23
CA ASN H 218 20.95 -43.18 -14.48
C ASN H 218 22.07 -42.90 -15.46
N ALA H 219 23.30 -42.77 -14.96
CA ALA H 219 24.44 -42.47 -15.82
C ALA H 219 25.10 -43.72 -16.39
N TYR H 220 25.05 -44.83 -15.65
CA TYR H 220 25.65 -46.07 -16.14
C TYR H 220 25.15 -46.41 -17.54
N SER H 221 23.85 -46.61 -17.65
CA SER H 221 23.25 -46.97 -18.93
C SER H 221 23.75 -46.05 -20.03
N TYR H 222 24.14 -44.83 -19.64
CA TYR H 222 24.66 -43.86 -20.59
C TYR H 222 26.11 -44.13 -20.94
N GLU H 223 26.93 -44.40 -19.93
CA GLU H 223 28.34 -44.67 -20.17
C GLU H 223 28.53 -45.92 -21.00
N LEU H 224 27.81 -47.00 -20.67
CA LEU H 224 27.94 -48.24 -21.43
C LEU H 224 27.92 -48.01 -22.94
N GLN H 225 26.96 -47.21 -23.41
CA GLN H 225 26.85 -46.91 -24.84
C GLN H 225 28.10 -46.22 -25.38
N ARG H 226 28.41 -45.08 -24.77
CA ARG H 226 29.56 -44.30 -25.18
C ARG H 226 30.88 -45.02 -25.07
N LEU H 227 30.85 -46.33 -24.95
CA LEU H 227 32.12 -47.02 -24.80
C LEU H 227 32.23 -48.34 -25.56
N GLU H 228 31.30 -48.58 -26.49
CA GLU H 228 31.30 -49.80 -27.28
C GLU H 228 31.82 -51.03 -26.54
N GLU H 229 33.08 -51.37 -26.77
CA GLU H 229 33.74 -52.52 -26.14
C GLU H 229 33.05 -53.07 -24.88
N LEU H 230 33.01 -52.23 -23.87
CA LEU H 230 32.40 -52.56 -22.58
C LEU H 230 31.18 -53.44 -22.70
N SER H 231 30.13 -52.90 -23.32
CA SER H 231 28.89 -53.64 -23.51
C SER H 231 29.19 -55.13 -23.73
N ALA H 232 29.87 -55.42 -24.84
CA ALA H 232 30.24 -56.77 -25.20
C ALA H 232 31.00 -57.47 -24.09
N MET H 233 31.98 -56.79 -23.51
CA MET H 233 32.80 -57.35 -22.45
C MET H 233 32.00 -57.84 -21.27
N THR H 234 30.96 -57.10 -20.91
CA THR H 234 30.11 -57.48 -19.79
C THR H 234 28.64 -57.39 -20.23
N PRO H 235 28.05 -58.53 -20.61
CA PRO H 235 26.65 -58.57 -21.04
C PRO H 235 25.72 -58.33 -19.86
N LEU H 236 26.03 -58.96 -18.75
CA LEU H 236 25.23 -58.84 -17.53
C LEU H 236 24.99 -57.39 -17.15
N LEU H 237 26.05 -56.59 -17.06
CA LEU H 237 25.84 -55.21 -16.67
C LEU H 237 24.98 -54.52 -17.71
N GLY H 238 25.15 -54.92 -18.96
CA GLY H 238 24.38 -54.34 -20.02
C GLY H 238 22.91 -54.71 -19.91
N GLU H 239 22.63 -55.88 -19.37
CA GLU H 239 21.25 -56.32 -19.20
C GLU H 239 20.63 -55.56 -18.04
N ILE H 240 21.33 -55.55 -16.90
CA ILE H 240 20.87 -54.87 -15.69
C ILE H 240 20.35 -53.45 -15.87
N CYS H 241 21.07 -52.63 -16.61
CA CYS H 241 20.64 -51.23 -16.79
C CYS H 241 19.95 -50.92 -18.11
N SER H 242 19.87 -51.92 -18.97
CA SER H 242 19.21 -51.74 -20.25
C SER H 242 17.74 -52.14 -20.06
N ALA I 1 -34.83 20.79 13.94
CA ALA I 1 -34.67 22.26 13.72
C ALA I 1 -35.60 22.76 12.61
N LYS I 2 -36.52 23.64 12.98
CA LYS I 2 -37.47 24.22 12.02
C LYS I 2 -36.97 25.58 11.54
N GLU I 3 -35.68 25.82 11.74
CA GLU I 3 -35.03 27.06 11.33
C GLU I 3 -33.72 26.67 10.64
N ASN I 4 -33.18 27.60 9.85
CA ASN I 4 -31.94 27.34 9.12
C ASN I 4 -32.25 26.33 8.02
N ALA I 5 -33.24 26.66 7.18
CA ALA I 5 -33.66 25.78 6.11
C ALA I 5 -33.32 26.27 4.70
N LEU I 6 -33.36 27.58 4.45
CA LEU I 6 -33.03 28.07 3.11
C LEU I 6 -31.67 27.53 2.71
N LEU I 7 -30.78 27.39 3.69
CA LEU I 7 -29.47 26.84 3.44
C LEU I 7 -29.72 25.42 2.95
N ARG I 8 -30.35 24.62 3.81
CA ARG I 8 -30.67 23.23 3.47
C ARG I 8 -31.32 23.14 2.07
N TYR I 9 -32.36 23.96 1.87
CA TYR I 9 -33.08 24.01 0.60
C TYR I 9 -32.14 24.18 -0.57
N LEU I 10 -31.21 25.13 -0.48
CA LEU I 10 -30.27 25.37 -1.56
C LEU I 10 -29.27 24.24 -1.72
N LEU I 11 -29.14 23.43 -0.68
CA LEU I 11 -28.21 22.30 -0.72
C LEU I 11 -28.89 21.05 -1.30
N ASP I 12 -30.09 21.22 -1.84
CA ASP I 12 -30.84 20.11 -2.42
C ASP I 12 -31.30 20.30 -3.86
N LYS I 13 -30.46 20.84 -4.74
CA LYS I 13 -30.86 21.05 -6.14
C LYS I 13 -29.90 21.83 -7.02
N ASP I 14 -28.62 21.88 -6.67
CA ASP I 14 -27.65 22.63 -7.47
C ASP I 14 -27.41 21.96 -8.82
N ASP I 15 -28.19 20.92 -9.11
CA ASP I 15 -28.08 20.21 -10.36
C ASP I 15 -28.73 21.06 -11.44
N THR I 16 -30.06 21.03 -11.48
CA THR I 16 -30.84 21.81 -12.46
C THR I 16 -30.23 21.80 -13.86
N ALA J 1 -0.83 -9.78 -30.19
CA ALA J 1 0.65 -9.78 -29.98
C ALA J 1 1.04 -10.56 -28.71
N LYS J 2 1.79 -11.65 -28.90
CA LYS J 2 2.23 -12.48 -27.78
C LYS J 2 3.66 -12.11 -27.38
N GLU J 3 4.07 -10.92 -27.80
CA GLU J 3 5.40 -10.39 -27.50
C GLU J 3 5.20 -8.94 -27.05
N ASN J 4 6.20 -8.39 -26.36
CA ASN J 4 6.12 -7.03 -25.87
C ASN J 4 5.09 -7.00 -24.75
N ALA J 5 5.30 -7.86 -23.75
CA ALA J 5 4.38 -7.97 -22.62
C ALA J 5 4.92 -7.44 -21.28
N LEU J 6 6.21 -7.64 -21.00
CA LEU J 6 6.76 -7.15 -19.74
C LEU J 6 6.40 -5.68 -19.59
N LEU J 7 6.37 -4.98 -20.71
CA LEU J 7 6.02 -3.58 -20.70
C LEU J 7 4.59 -3.55 -20.18
N ARG J 8 3.70 -4.20 -20.93
CA ARG J 8 2.30 -4.27 -20.57
C ARG J 8 2.15 -4.64 -19.09
N TYR J 9 2.82 -5.71 -18.70
CA TYR J 9 2.78 -6.21 -17.33
C TYR J 9 3.07 -5.09 -16.33
N LEU J 10 4.16 -4.34 -16.57
CA LEU J 10 4.53 -3.26 -15.66
C LEU J 10 3.55 -2.09 -15.69
N LEU J 11 2.71 -2.05 -16.73
CA LEU J 11 1.73 -0.98 -16.85
C LEU J 11 0.42 -1.37 -16.17
N ASP J 12 0.44 -2.48 -15.44
CA ASP J 12 -0.77 -2.97 -14.77
C ASP J 12 -0.62 -3.19 -13.26
N LYS J 13 0.05 -2.30 -12.55
CA LYS J 13 0.21 -2.48 -11.11
C LYS J 13 1.14 -1.49 -10.39
N ASP J 14 1.35 -0.33 -10.97
CA ASP J 14 2.23 0.66 -10.33
C ASP J 14 1.61 1.22 -9.05
N ASP J 15 0.48 0.65 -8.64
CA ASP J 15 -0.20 1.08 -7.43
C ASP J 15 0.57 0.52 -6.24
N THR J 16 0.37 -0.77 -5.97
CA THR J 16 1.04 -1.46 -4.87
C THR J 16 1.13 -0.63 -3.60
N ALA K 1 1.99 8.76 30.90
CA ALA K 1 1.70 7.66 31.87
C ALA K 1 2.97 6.90 32.24
N LYS K 2 3.35 6.96 33.52
CA LYS K 2 4.55 6.27 34.01
C LYS K 2 4.16 4.93 34.65
N GLU K 3 2.96 4.47 34.32
CA GLU K 3 2.44 3.20 34.82
C GLU K 3 1.84 2.47 33.62
N ASN K 4 1.68 1.16 33.74
CA ASN K 4 1.13 0.35 32.66
C ASN K 4 2.18 0.28 31.56
N ALA K 5 3.38 -0.16 31.94
CA ALA K 5 4.49 -0.26 31.00
C ALA K 5 4.91 -1.69 30.62
N LEU K 6 4.87 -2.63 31.57
CA LEU K 6 5.26 -4.00 31.24
C LEU K 6 4.49 -4.45 30.01
N LEU K 7 3.25 -3.97 29.91
CA LEU K 7 2.43 -4.31 28.77
C LEU K 7 3.18 -3.72 27.57
N ARG K 8 3.36 -2.40 27.60
CA ARG K 8 4.05 -1.71 26.53
C ARG K 8 5.37 -2.42 26.20
N TYR K 9 6.15 -2.68 27.24
CA TYR K 9 7.45 -3.35 27.09
C TYR K 9 7.32 -4.64 26.26
N LEU K 10 6.36 -5.49 26.62
CA LEU K 10 6.15 -6.74 25.90
C LEU K 10 5.63 -6.54 24.48
N LEU K 11 5.11 -5.35 24.20
CA LEU K 11 4.59 -5.06 22.87
C LEU K 11 5.68 -4.47 21.98
N ASP K 12 6.93 -4.52 22.46
CA ASP K 12 8.06 -3.98 21.71
C ASP K 12 9.21 -4.96 21.47
N LYS K 13 8.91 -6.22 21.16
CA LYS K 13 9.98 -7.20 20.92
C LYS K 13 9.56 -8.66 20.71
N ASP K 14 8.32 -8.89 20.30
CA ASP K 14 7.85 -10.26 20.10
C ASP K 14 8.54 -10.91 18.89
N ASP K 15 9.52 -10.21 18.33
CA ASP K 15 10.27 -10.72 17.19
C ASP K 15 11.25 -11.77 17.71
N THR K 16 12.34 -11.30 18.30
CA THR K 16 13.37 -12.19 18.86
C THR K 16 13.67 -13.39 17.98
N ALA L 1 30.41 -16.76 -18.06
CA ALA L 1 29.24 -17.31 -18.80
C ALA L 1 28.38 -16.20 -19.40
N LYS L 2 28.30 -16.17 -20.73
CA LYS L 2 27.51 -15.16 -21.44
C LYS L 2 26.14 -15.73 -21.80
N GLU L 3 25.78 -16.82 -21.12
CA GLU L 3 24.49 -17.49 -21.32
C GLU L 3 23.91 -17.77 -19.93
N ASN L 4 22.60 -17.99 -19.88
CA ASN L 4 21.93 -18.26 -18.61
C ASN L 4 21.90 -16.95 -17.81
N ALA L 5 21.38 -15.90 -18.45
CA ALA L 5 21.31 -14.59 -17.82
C ALA L 5 19.92 -14.11 -17.42
N LEU L 6 18.88 -14.45 -18.20
CA LEU L 6 17.53 -14.02 -17.84
C LEU L 6 17.24 -14.46 -16.43
N LEU L 7 17.79 -15.59 -16.04
CA LEU L 7 17.63 -16.10 -14.70
C LEU L 7 18.29 -15.06 -13.80
N ARG L 8 19.59 -14.86 -13.99
CA ARG L 8 20.35 -13.86 -13.23
C ARG L 8 19.61 -12.51 -13.18
N TYR L 9 19.20 -12.03 -14.35
CA TYR L 9 18.48 -10.78 -14.46
C TYR L 9 17.28 -10.73 -13.52
N LEU L 10 16.47 -11.77 -13.52
CA LEU L 10 15.30 -11.81 -12.65
C LEU L 10 15.67 -11.92 -11.19
N LEU L 11 16.91 -12.33 -10.92
CA LEU L 11 17.37 -12.46 -9.56
C LEU L 11 17.98 -11.16 -9.04
N ASP L 12 17.80 -10.09 -9.80
CA ASP L 12 18.34 -8.78 -9.43
C ASP L 12 17.32 -7.64 -9.39
N LYS L 13 16.12 -7.87 -8.85
CA LYS L 13 15.13 -6.80 -8.81
C LYS L 13 13.73 -7.19 -8.35
N ASP L 14 13.61 -8.28 -7.60
CA ASP L 14 12.28 -8.71 -7.14
C ASP L 14 11.72 -7.75 -6.10
N ASP L 15 12.41 -6.64 -5.89
CA ASP L 15 11.98 -5.64 -4.93
C ASP L 15 10.84 -4.85 -5.57
N THR L 16 11.19 -3.94 -6.47
CA THR L 16 10.19 -3.12 -7.18
C THR L 16 9.05 -2.62 -6.28
N ALA M 1 -3.27 52.73 24.94
CA ALA M 1 -4.62 52.26 25.39
C ALA M 1 -4.97 52.82 26.77
N LYS M 2 -4.09 53.66 27.30
CA LYS M 2 -4.27 54.30 28.61
C LYS M 2 -4.41 53.33 29.79
N GLU M 3 -5.36 52.40 29.68
CA GLU M 3 -5.60 51.40 30.71
C GLU M 3 -4.34 50.53 30.91
N ASN M 4 -4.53 49.33 31.47
CA ASN M 4 -3.42 48.40 31.68
C ASN M 4 -2.32 49.00 32.53
N ALA M 5 -2.45 48.84 33.83
CA ALA M 5 -1.47 49.37 34.77
C ALA M 5 -0.94 48.24 35.61
N LEU M 6 -1.81 47.26 35.90
CA LEU M 6 -1.40 46.12 36.70
C LEU M 6 -0.34 45.42 35.89
N LEU M 7 -0.57 45.36 34.59
CA LEU M 7 0.37 44.72 33.68
C LEU M 7 1.73 45.39 33.72
N ARG M 8 1.72 46.69 33.52
CA ARG M 8 2.95 47.48 33.52
C ARG M 8 3.70 47.30 34.84
N TYR M 9 2.95 47.32 35.95
CA TYR M 9 3.50 47.12 37.27
C TYR M 9 4.27 45.83 37.26
N LEU M 10 3.61 44.82 36.72
CA LEU M 10 4.13 43.48 36.64
C LEU M 10 5.32 43.25 35.74
N LEU M 11 5.33 43.89 34.59
CA LEU M 11 6.45 43.70 33.67
C LEU M 11 7.73 44.19 34.28
N ASP M 12 7.74 45.41 34.79
CA ASP M 12 8.98 45.78 35.35
C ASP M 12 9.39 45.32 36.63
N LYS M 13 8.61 45.67 37.62
CA LYS M 13 8.97 45.26 38.95
C LYS M 13 9.91 44.06 38.86
N ASP M 14 11.05 44.15 39.54
CA ASP M 14 12.06 43.10 39.57
C ASP M 14 11.50 41.93 40.36
N ASP M 15 11.61 40.73 39.79
CA ASP M 15 11.08 39.54 40.44
C ASP M 15 11.90 38.90 41.55
N THR M 16 11.17 38.61 42.61
CA THR M 16 11.61 38.02 43.87
C THR M 16 10.50 38.60 44.73
N LYS M 17 9.59 39.27 44.02
CA LYS M 17 8.41 39.94 44.55
C LYS M 17 8.77 41.12 45.45
N ASP M 18 9.51 40.84 46.53
CA ASP M 18 9.93 41.90 47.44
C ASP M 18 11.32 42.41 47.02
N ALA N 1 35.07 14.14 -45.72
CA ALA N 1 34.38 12.84 -45.98
C ALA N 1 34.88 12.20 -47.28
N LYS N 2 35.87 12.83 -47.90
CA LYS N 2 36.48 12.35 -49.15
C LYS N 2 35.51 12.18 -50.32
N GLU N 3 34.43 11.43 -50.11
CA GLU N 3 33.42 11.19 -51.14
C GLU N 3 32.77 12.52 -51.55
N ASN N 4 31.57 12.44 -52.12
CA ASN N 4 30.82 13.62 -52.53
C ASN N 4 31.60 14.48 -53.51
N ALA N 5 31.43 14.18 -54.79
CA ALA N 5 32.11 14.89 -55.85
C ALA N 5 31.10 15.47 -56.82
N LEU N 6 30.01 14.75 -57.01
CA LEU N 6 28.96 15.22 -57.91
C LEU N 6 28.41 16.49 -57.29
N LEU N 7 28.29 16.48 -55.96
CA LEU N 7 27.80 17.63 -55.22
C LEU N 7 28.72 18.82 -55.42
N ARG N 8 30.01 18.62 -55.20
CA ARG N 8 30.99 19.68 -55.35
C ARG N 8 30.93 20.28 -56.76
N TYR N 9 30.84 19.38 -57.73
CA TYR N 9 30.75 19.76 -59.12
C TYR N 9 29.59 20.73 -59.28
N LEU N 10 28.49 20.31 -58.70
CA LEU N 10 27.26 21.05 -58.74
C LEU N 10 27.22 22.40 -58.03
N LEU N 11 27.85 22.50 -56.87
CA LEU N 11 27.83 23.74 -56.13
C LEU N 11 28.52 24.79 -56.91
N ASP N 12 29.73 24.49 -57.30
CA ASP N 12 30.30 25.55 -58.04
C ASP N 12 29.97 25.85 -59.40
N LYS N 13 30.20 24.92 -60.28
CA LYS N 13 29.87 25.14 -61.65
C LYS N 13 28.81 26.27 -61.74
N ASP N 14 29.10 27.24 -62.58
CA ASP N 14 28.21 28.39 -62.79
C ASP N 14 26.96 27.93 -63.53
N ASP N 15 25.79 28.32 -63.02
CA ASP N 15 24.54 27.90 -63.64
C ASP N 15 24.04 28.63 -64.88
N THR N 16 23.65 27.80 -65.84
CA THR N 16 23.17 28.12 -67.17
C THR N 16 23.58 26.80 -67.84
N LYS N 17 24.06 25.90 -66.97
CA LYS N 17 24.55 24.57 -67.30
C LYS N 17 25.77 24.60 -68.20
N ASP N 18 25.64 25.20 -69.38
CA ASP N 18 26.76 25.31 -70.32
C ASP N 18 27.49 26.64 -70.10
N ALA O 1 -35.00 -14.24 45.91
CA ALA O 1 -34.14 -13.10 46.34
C ALA O 1 -34.76 -12.36 47.53
N LYS O 2 -35.89 -12.86 48.02
CA LYS O 2 -36.61 -12.28 49.16
C LYS O 2 -37.05 -10.82 48.97
N GLU O 3 -36.11 -9.95 48.63
CA GLU O 3 -36.38 -8.53 48.41
C GLU O 3 -37.35 -8.36 47.24
N ASN O 4 -37.37 -7.19 46.63
CA ASN O 4 -38.23 -6.89 45.49
C ASN O 4 -39.70 -7.11 45.81
N ALA O 5 -40.34 -6.07 46.31
CA ALA O 5 -41.74 -6.12 46.68
C ALA O 5 -42.51 -5.07 45.90
N LEU O 6 -41.86 -3.94 45.66
CA LEU O 6 -42.50 -2.87 44.92
C LEU O 6 -42.76 -3.40 43.52
N LEU O 7 -41.80 -4.16 43.01
CA LEU O 7 -41.90 -4.76 41.70
C LEU O 7 -43.09 -5.70 41.63
N ARG O 8 -43.16 -6.63 42.57
CA ARG O 8 -44.24 -7.61 42.62
C ARG O 8 -45.59 -6.90 42.68
N TYR O 9 -45.66 -5.85 43.50
CA TYR O 9 -46.85 -5.07 43.66
C TYR O 9 -47.27 -4.58 42.29
N LEU O 10 -46.28 -4.08 41.58
CA LEU O 10 -46.46 -3.52 40.27
C LEU O 10 -46.84 -4.46 39.16
N LEU O 11 -46.26 -5.67 39.14
CA LEU O 11 -46.55 -6.62 38.10
C LEU O 11 -47.97 -6.99 38.18
N ASP O 12 -48.37 -7.42 39.38
CA ASP O 12 -49.73 -7.74 39.35
C ASP O 12 -50.82 -6.80 39.36
N LYS O 13 -50.88 -5.99 40.37
CA LYS O 13 -51.92 -5.00 40.44
C LYS O 13 -52.44 -4.69 39.01
N ASP O 14 -53.75 -4.74 38.85
CA ASP O 14 -54.40 -4.47 37.57
C ASP O 14 -54.26 -2.98 37.23
N ASP O 15 -53.84 -2.67 36.01
CA ASP O 15 -53.64 -1.29 35.61
C ASP O 15 -54.84 -0.46 35.19
N THR O 16 -54.86 0.73 35.78
CA THR O 16 -55.86 1.77 35.65
C THR O 16 -55.58 2.44 37.00
N LYS O 17 -54.52 1.93 37.62
CA LYS O 17 -54.01 2.34 38.91
C LYS O 17 -55.00 2.10 40.05
N ASP O 18 -56.19 2.72 39.94
CA ASP O 18 -57.22 2.51 40.97
C ASP O 18 -58.15 1.38 40.56
N ALA P 1 8.57 -57.44 -20.07
CA ALA P 1 9.56 -56.66 -20.85
C ALA P 1 10.24 -57.51 -21.90
N LYS P 2 9.82 -58.77 -22.00
CA LYS P 2 10.36 -59.73 -22.96
C LYS P 2 11.86 -60.01 -22.83
N GLU P 3 12.67 -58.94 -22.86
CA GLU P 3 14.12 -59.05 -22.74
C GLU P 3 14.48 -59.64 -21.37
N ASN P 4 15.71 -59.42 -20.92
CA ASN P 4 16.18 -59.91 -19.63
C ASN P 4 16.06 -61.42 -19.51
N ALA P 5 17.12 -62.10 -19.93
CA ALA P 5 17.16 -63.54 -19.88
C ALA P 5 18.35 -63.98 -19.07
N LEU P 6 19.44 -63.22 -19.16
CA LEU P 6 20.64 -63.54 -18.41
C LEU P 6 20.26 -63.45 -16.96
N LEU P 7 19.43 -62.46 -16.66
CA LEU P 7 18.98 -62.24 -15.30
C LEU P 7 18.18 -63.42 -14.79
N ARG P 8 17.17 -63.80 -15.55
CA ARG P 8 16.32 -64.94 -15.20
C ARG P 8 17.19 -66.20 -14.99
N TYR P 9 18.12 -66.42 -15.90
CA TYR P 9 19.01 -67.55 -15.82
C TYR P 9 19.65 -67.53 -14.44
N LEU P 10 20.13 -66.36 -14.09
CA LEU P 10 20.84 -66.12 -12.85
C LEU P 10 20.03 -66.25 -11.57
N LEU P 11 18.79 -65.79 -11.59
CA LEU P 11 17.97 -65.85 -10.39
C LEU P 11 17.72 -67.27 -10.01
N ASP P 12 17.26 -68.08 -10.94
CA ASP P 12 17.07 -69.41 -10.51
C ASP P 12 18.15 -70.31 -10.35
N LYS P 13 18.82 -70.57 -11.46
CA LYS P 13 19.92 -71.48 -11.37
C LYS P 13 20.40 -71.58 -9.91
N ASP P 14 20.51 -72.81 -9.41
CA ASP P 14 20.95 -73.07 -8.04
C ASP P 14 22.43 -72.74 -7.93
N ASP P 15 22.79 -71.97 -6.92
CA ASP P 15 24.18 -71.57 -6.75
C ASP P 15 25.15 -72.56 -6.13
N THR P 16 26.28 -72.64 -6.81
CA THR P 16 27.42 -73.49 -6.53
C THR P 16 27.95 -73.54 -7.97
N LYS P 17 27.26 -72.74 -8.79
CA LYS P 17 27.51 -72.57 -10.22
C LYS P 17 27.26 -73.85 -11.01
N ASP P 18 28.00 -74.92 -10.68
CA ASP P 18 27.81 -76.19 -11.35
C ASP P 18 26.80 -77.05 -10.56
C1 9CR Q . -18.61 44.03 8.78
C2 9CR Q . -18.01 45.53 8.68
C3 9CR Q . -16.65 45.76 7.86
C4 9CR Q . -15.81 44.64 7.89
C5 9CR Q . -16.30 43.35 7.61
C6 9CR Q . -17.67 42.89 8.00
C7 9CR Q . -18.23 41.60 7.74
C8 9CR Q . -18.46 40.84 6.61
C9 9CR Q . -18.92 39.53 6.43
C10 9CR Q . -19.04 38.99 5.15
C11 9CR Q . -18.71 39.72 4.01
C12 9CR Q . -18.82 39.20 2.75
C13 9CR Q . -18.47 39.89 1.52
C14 9CR Q . -18.34 39.02 0.43
C15 9CR Q . -18.00 39.31 -1.05
C16 9CR Q . -19.95 44.17 7.94
C17 9CR Q . -19.09 43.71 10.24
C18 9CR Q . -15.22 42.53 6.89
C19 9CR Q . -19.32 38.54 7.60
C20 9CR Q . -18.26 41.43 1.41
O1 9CR Q . -17.33 38.53 -1.70
O2 9CR Q . -18.43 40.41 -1.54
C1 9CR R . 24.45 3.81 -27.67
C2 9CR R . 26.02 4.19 -27.66
C3 9CR R . 26.44 5.63 -27.08
C4 9CR R . 25.44 6.60 -27.26
C5 9CR R . 24.09 6.35 -26.91
C6 9CR R . 23.45 5.00 -27.07
C7 9CR R . 22.10 4.67 -26.73
C8 9CR R . 21.33 4.75 -25.59
C9 9CR R . 19.98 4.51 -25.35
C10 9CR R . 19.44 4.69 -24.07
C11 9CR R . 20.22 5.10 -22.99
C12 9CR R . 19.70 5.28 -21.74
C13 9CR R . 20.46 5.73 -20.57
C14 9CR R . 19.62 6.15 -19.52
C15 9CR R . 19.95 6.71 -18.13
C16 9CR R . 24.41 2.61 -26.63
C17 9CR R . 24.05 3.14 -29.04
C18 9CR R . 23.45 7.63 -26.38
C19 9CR R . 18.93 4.06 -26.45
C20 9CR R . 22.01 5.77 -20.48
O1 9CR R . 19.26 7.54 -17.61
O2 9CR R . 21.01 6.25 -17.55
C1 9CR S . -12.57 -14.66 39.28
C2 9CR S . -13.27 -15.85 40.14
C3 9CR S . -13.95 -17.06 39.35
C4 9CR S . -14.43 -16.68 38.07
C5 9CR S . -13.64 -15.94 37.17
C6 9CR S . -12.65 -14.88 37.62
C7 9CR S . -11.82 -14.10 36.77
C8 9CR S . -10.86 -14.36 35.82
C9 9CR S . -10.16 -13.55 34.94
C10 9CR S . -9.23 -14.10 34.04
C11 9CR S . -8.99 -15.47 33.97
C12 9CR S . -8.09 -16.02 33.09
C13 9CR S . -7.81 -17.44 32.96
C14 9CR S . -7.12 -17.75 31.77
C15 9CR S . -6.63 -19.08 31.21
C16 9CR S . -11.04 -14.86 39.68
C17 9CR S . -12.95 -13.25 39.85
C18 9CR S . -13.94 -16.38 35.73
C19 9CR S . -10.30 -11.97 34.85
C20 9CR S . -8.21 -18.53 33.99
O1 9CR S . -6.65 -19.31 30.03
O2 9CR S . -6.18 -19.94 32.05
C1 9CR T . 7.06 -33.58 -19.76
C2 9CR T . 5.84 -34.50 -20.27
C3 9CR T . 4.75 -34.96 -19.19
C4 9CR T . 5.27 -35.09 -17.91
C5 9CR T . 6.06 -34.08 -17.33
C6 9CR T . 7.01 -33.22 -18.13
C7 9CR T . 7.84 -32.18 -17.62
C8 9CR T . 7.62 -31.00 -16.91
C9 9CR T . 8.49 -30.06 -16.33
C10 9CR T . 7.97 -28.96 -15.65
C11 9CR T . 6.61 -28.75 -15.51
C12 9CR T . 6.10 -27.67 -14.83
C13 9CR T . 4.68 -27.41 -14.63
C14 9CR T . 4.45 -26.44 -13.65
C15 9CR T . 3.13 -25.87 -13.09
C16 9CR T . 6.76 -32.21 -20.54
C17 9CR T . 8.43 -34.06 -20.36
C18 9CR T . 5.80 -33.99 -15.82
C19 9CR T . 10.07 -30.15 -16.37
C20 9CR T . 3.53 -28.11 -15.42
O1 9CR T . 3.01 -25.58 -11.93
O2 9CR T . 2.18 -25.71 -13.94
C1 TCD U . -11.95 28.60 32.44
O21 TCD U . -12.30 29.86 32.01
C2 TCD U . -12.60 27.95 33.50
C3 TCD U . -12.17 26.71 33.91
C4 TCD U . -11.15 26.02 33.22
O31 TCD U . -10.85 24.81 33.70
C5 TCD U . -10.49 26.66 32.14
C6 TCD U . -10.93 27.92 31.75
C22 TCD U . -11.99 30.87 32.90
N23 TCD U . -11.16 30.50 33.95
C24 TCD U . -10.77 31.37 34.89
C25 TCD U . -11.13 32.70 34.93
CL25 TCD U . -10.57 33.76 36.20
C26 TCD U . -11.96 33.16 33.91
C27 TCD U . -12.45 32.23 32.80
CL27 TCD U . -13.49 32.83 31.51
C32 TCD U . -9.63 24.46 34.29
N33 TCD U . -8.74 25.42 34.64
C34 TCD U . -7.56 25.08 35.21
C35 TCD U . -7.19 23.75 35.47
CL35 TCD U . -5.66 23.33 36.25
C36 TCD U . -8.13 22.76 35.11
C37 TCD U . -9.34 23.09 34.52
CL37 TCD U . -10.47 21.81 34.05
C1 TCD V . 9.95 8.42 -52.69
O21 TCD V . 11.13 7.92 -52.17
C2 TCD V . 9.23 7.75 -53.70
C3 TCD V . 8.05 8.26 -54.18
C4 TCD V . 7.51 9.44 -53.66
O31 TCD V . 6.32 9.87 -54.20
C5 TCD V . 8.23 10.13 -52.65
C6 TCD V . 9.42 9.62 -52.17
C22 TCD V . 12.18 7.92 -53.07
N23 TCD V . 11.95 8.59 -54.23
C24 TCD V . 12.87 8.70 -55.20
C25 TCD V . 14.15 8.14 -55.12
CL25 TCD V . 15.33 8.32 -56.41
C26 TCD V . 14.44 7.42 -53.96
C27 TCD V . 13.42 7.29 -52.85
CL27 TCD V . 13.81 6.40 -51.38
C32 TCD V . 6.23 11.03 -54.99
N33 TCD V . 7.33 11.68 -55.45
C34 TCD V . 7.21 12.78 -56.20
C35 TCD V . 5.93 13.34 -56.58
CL35 TCD V . 5.81 14.79 -57.57
C36 TCD V . 4.78 12.64 -56.08
C37 TCD V . 4.94 11.49 -55.29
CL37 TCD V . 3.51 10.64 -54.68
C1 TCD W . -29.06 9.06 34.33
O21 TCD W . -28.71 8.17 35.32
C2 TCD W . -29.09 10.46 34.58
C3 TCD W . -29.44 11.34 33.57
C4 TCD W . -29.77 10.86 32.27
O31 TCD W . -30.09 11.80 31.35
C5 TCD W . -29.74 9.47 32.02
C6 TCD W . -29.38 8.60 33.04
C22 TCD W . -29.61 8.04 36.34
N23 TCD W . -30.82 8.66 36.10
C24 TCD W . -31.84 8.61 37.00
C25 TCD W . -31.77 7.96 38.22
CL25 TCD W . -33.13 7.95 39.33
C26 TCD W . -30.56 7.32 38.52
C27 TCD W . -29.37 7.34 37.54
CL27 TCD W . -27.87 6.51 37.92
C32 TCD W . -31.36 11.94 30.80
N33 TCD W . -32.42 11.23 31.30
C34 TCD W . -33.65 11.37 30.76
C35 TCD W . -33.92 12.23 29.66
CL35 TCD W . -35.53 12.39 28.96
C36 TCD W . -32.81 12.95 29.15
C37 TCD W . -31.53 12.83 29.69
CL37 TCD W . -30.20 13.77 29.01
C1 TCD X . 32.13 -46.93 -13.21
O21 TCD X . 31.10 -46.92 -14.14
C2 TCD X . 33.50 -46.95 -13.60
C3 TCD X . 34.49 -46.95 -12.65
C4 TCD X . 34.20 -46.89 -11.29
O31 TCD X . 35.26 -46.88 -10.43
C5 TCD X . 32.84 -46.89 -10.88
C6 TCD X . 31.82 -46.89 -11.83
C22 TCD X . 30.98 -48.10 -14.86
N23 TCD X . 31.74 -49.14 -14.40
C24 TCD X . 31.73 -50.35 -14.97
C25 TCD X . 30.95 -50.66 -16.08
CL25 TCD X . 30.97 -52.27 -16.79
C26 TCD X . 30.15 -49.64 -16.60
C27 TCD X . 30.14 -48.26 -15.98
CL27 TCD X . 29.14 -46.99 -16.63
C32 TCD X . 35.54 -47.97 -9.57
N33 TCD X . 34.92 -49.17 -9.67
C34 TCD X . 35.20 -50.19 -8.84
C35 TCD X . 36.20 -50.07 -7.82
CL35 TCD X . 36.58 -51.42 -6.74
C36 TCD X . 36.85 -48.80 -7.73
C37 TCD X . 36.52 -47.77 -8.60
CL37 TCD X . 37.33 -46.21 -8.49
#